data_1MZO
#
_entry.id   1MZO
#
_cell.length_a   158.355
_cell.length_b   158.355
_cell.length_c   159.300
_cell.angle_alpha   90.00
_cell.angle_beta   90.00
_cell.angle_gamma   90.00
#
_symmetry.space_group_name_H-M   'P 43 21 2'
#
loop_
_entity.id
_entity.type
_entity.pdbx_description
1 polymer 'Pyruvate formate-lyase'
2 non-polymer 'TRIETHYLENE GLYCOL'
3 non-polymer 'PYRUVIC ACID'
4 water water
#
_entity_poly.entity_id   1
_entity_poly.type   'polypeptide(L)'
_entity_poly.pdbx_seq_one_letter_code
;SELNEKLATAWEGFTKGDWQNEVNVRDFIQKNYTPYEGDESFLAGATEATTTLWDKVMEGVKLENRTHAPVDFDTAVAST
ITSHDAGYINKQLEKIVGLQTEAPLKRALIPFGGIKMIEGSCKAYNRELDPMIKKIFTEYRKTHNQGVFDVYTPDILRCR
KSGVLTGLPDAYGRGRIIGDYRRVALYGIDYLMKDKLAQFTSLQADLENGVNLEQTIRLREEIAEQHRALGQMKEMAAKY
GYDISGPATNAQEAIQWTYFGYLAAVKSQNGAAMSFGRTSTFLDVYIERDLKAGKITEQEAQEMVDHLVMKLRMVRFLRT
PEYDELFSGDPIWATESIGGMGLDGRTLVTKNSFRFLNTLYTMGPSPEPNMTILWSEKLPLNFKKFAAKVSIDTSSLQYE
NDDLMRPDFNNDDYAIACCVSPMIVGKQMQFFGARANLAKTMLYAINGGVDEKLKMQVGPKSEPIKGDVLNYDEVMERMD
HFMDWLAKQYITALNIIHYMHDKYSYEASLMALHDRDVIRTMACGIAGLSVAADSLSAIKYAKVKPIRDEDGLAIDFEIE
GEYPQFGNNDPRVDDLAVDLVERFMKKIQKLHTYRDAIPTQSVLTITSNVVYGKKTGNTPDGRRAGAPFGPGANPMHGRD
QKGAVASLTSVAKLPFAYAKDGISYTFSIVPNALGKDDEVRKTNLAGLMDGYFHHEASIEGGQHLNVNVMNREMLLDAME
NPEKYPQLTIRVSGYAVRFNSLTKEQQQDVITRTFTQSM
;
_entity_poly.pdbx_strand_id   A,B
#
loop_
_chem_comp.id
_chem_comp.type
_chem_comp.name
_chem_comp.formula
PGE non-polymer 'TRIETHYLENE GLYCOL' 'C6 H14 O4'
PYR non-polymer 'PYRUVIC ACID' 'C3 H4 O3'
#
# COMPACT_ATOMS: atom_id res chain seq x y z
N ASN A 4 12.40 -28.90 23.36
CA ASN A 4 11.76 -29.88 22.42
C ASN A 4 12.74 -31.01 22.13
N GLU A 5 12.22 -32.15 21.69
CA GLU A 5 13.04 -33.32 21.39
C GLU A 5 13.53 -33.38 19.94
N LYS A 6 12.81 -32.68 19.06
CA LYS A 6 13.18 -32.61 17.63
C LYS A 6 14.49 -31.83 17.55
N LEU A 7 14.49 -30.68 18.24
CA LEU A 7 15.64 -29.79 18.28
C LEU A 7 16.82 -30.49 18.96
N ALA A 8 16.51 -31.34 19.93
CA ALA A 8 17.53 -32.07 20.68
C ALA A 8 18.27 -33.09 19.80
N THR A 9 17.51 -33.79 18.98
CA THR A 9 18.07 -34.79 18.08
C THR A 9 18.97 -34.13 17.05
N ALA A 10 18.45 -33.07 16.43
CA ALA A 10 19.19 -32.35 15.42
C ALA A 10 20.43 -31.67 15.99
N TRP A 11 20.28 -31.02 17.14
CA TRP A 11 21.41 -30.33 17.75
C TRP A 11 22.30 -31.17 18.65
N GLU A 12 22.12 -32.48 18.59
CA GLU A 12 22.91 -33.37 19.42
C GLU A 12 24.39 -33.18 19.17
N GLY A 13 25.13 -32.85 20.22
CA GLY A 13 26.55 -32.65 20.08
C GLY A 13 26.96 -31.19 20.14
N PHE A 14 26.03 -30.30 19.80
CA PHE A 14 26.33 -28.87 19.81
C PHE A 14 26.42 -28.32 21.23
N THR A 15 27.32 -27.36 21.41
CA THR A 15 27.50 -26.73 22.70
C THR A 15 26.31 -25.83 22.97
N LYS A 16 25.86 -25.77 24.22
CA LYS A 16 24.69 -24.97 24.56
C LYS A 16 24.97 -23.48 24.77
N GLY A 17 23.94 -22.67 24.58
CA GLY A 17 24.04 -21.24 24.74
C GLY A 17 22.69 -20.59 24.50
N ASP A 18 22.64 -19.26 24.55
CA ASP A 18 21.38 -18.57 24.34
C ASP A 18 20.69 -18.95 23.04
N TRP A 19 21.50 -19.21 22.01
CA TRP A 19 20.97 -19.57 20.71
C TRP A 19 19.94 -20.69 20.75
N GLN A 20 19.87 -21.43 21.84
CA GLN A 20 18.92 -22.52 21.93
C GLN A 20 17.59 -22.08 22.52
N ASN A 21 17.51 -20.82 22.94
CA ASN A 21 16.27 -20.32 23.54
C ASN A 21 15.66 -19.20 22.71
N GLU A 22 16.51 -18.52 21.97
CA GLU A 22 16.07 -17.42 21.14
C GLU A 22 16.74 -17.59 19.79
N VAL A 23 16.33 -16.79 18.81
CA VAL A 23 16.95 -16.86 17.50
C VAL A 23 18.23 -16.03 17.65
N ASN A 24 19.38 -16.71 17.62
CA ASN A 24 20.66 -16.04 17.78
C ASN A 24 21.67 -16.89 17.01
N VAL A 25 21.76 -16.67 15.70
CA VAL A 25 22.68 -17.43 14.87
C VAL A 25 24.12 -17.11 15.24
N ARG A 26 24.38 -15.84 15.53
CA ARG A 26 25.72 -15.40 15.90
C ARG A 26 26.25 -16.21 17.11
N ASP A 27 25.42 -16.36 18.15
CA ASP A 27 25.79 -17.10 19.34
C ASP A 27 26.11 -18.57 18.99
N PHE A 28 25.22 -19.21 18.25
CA PHE A 28 25.41 -20.61 17.83
C PHE A 28 26.79 -20.78 17.23
N ILE A 29 27.09 -19.96 16.23
CA ILE A 29 28.39 -20.01 15.57
C ILE A 29 29.48 -19.83 16.62
N GLN A 30 29.32 -18.82 17.47
CA GLN A 30 30.31 -18.53 18.49
C GLN A 30 30.73 -19.69 19.38
N LYS A 31 29.80 -20.48 19.87
CA LYS A 31 30.19 -21.59 20.71
C LYS A 31 30.04 -22.96 20.04
N ASN A 32 30.45 -23.07 18.79
CA ASN A 32 30.34 -24.33 18.08
C ASN A 32 31.30 -24.43 16.90
N TYR A 33 31.64 -23.29 16.32
CA TYR A 33 32.54 -23.31 15.17
C TYR A 33 33.95 -23.69 15.58
N THR A 34 34.65 -24.33 14.64
CA THR A 34 36.02 -24.77 14.87
C THR A 34 37.00 -23.92 14.06
N PRO A 35 37.76 -23.04 14.74
CA PRO A 35 38.71 -22.20 14.00
C PRO A 35 39.72 -23.09 13.27
N TYR A 36 40.21 -22.65 12.11
CA TYR A 36 41.19 -23.42 11.35
C TYR A 36 42.38 -22.55 10.97
N GLU A 37 43.58 -23.01 11.33
CA GLU A 37 44.78 -22.25 11.01
C GLU A 37 45.71 -23.04 10.09
N GLY A 38 45.26 -24.24 9.71
CA GLY A 38 46.04 -25.09 8.83
C GLY A 38 46.09 -24.52 7.42
N ASP A 39 46.43 -25.35 6.44
CA ASP A 39 46.52 -24.88 5.08
C ASP A 39 45.54 -25.58 4.14
N GLU A 40 45.83 -25.56 2.85
CA GLU A 40 44.97 -26.13 1.84
C GLU A 40 45.22 -27.59 1.48
N SER A 41 46.22 -28.19 2.10
CA SER A 41 46.59 -29.57 1.79
C SER A 41 45.47 -30.59 1.95
N PHE A 42 44.45 -30.26 2.75
CA PHE A 42 43.35 -31.19 2.99
C PHE A 42 42.25 -31.17 1.94
N LEU A 43 42.21 -30.12 1.13
CA LEU A 43 41.19 -29.97 0.10
C LEU A 43 41.06 -31.13 -0.87
N ALA A 44 39.82 -31.49 -1.18
CA ALA A 44 39.52 -32.57 -2.11
C ALA A 44 39.23 -31.99 -3.49
N GLY A 45 39.12 -32.85 -4.49
CA GLY A 45 38.84 -32.41 -5.84
C GLY A 45 37.40 -32.69 -6.21
N ALA A 46 36.98 -32.13 -7.35
CA ALA A 46 35.62 -32.31 -7.85
C ALA A 46 35.27 -33.76 -8.04
N THR A 47 34.03 -34.13 -7.73
CA THR A 47 33.60 -35.50 -7.94
C THR A 47 33.19 -35.59 -9.39
N GLU A 48 32.90 -36.78 -9.88
CA GLU A 48 32.51 -36.94 -11.26
C GLU A 48 31.16 -36.27 -11.52
N ALA A 49 30.22 -36.46 -10.60
CA ALA A 49 28.90 -35.86 -10.73
C ALA A 49 29.04 -34.33 -10.79
N THR A 50 29.88 -33.78 -9.94
CA THR A 50 30.10 -32.33 -9.92
C THR A 50 30.50 -31.83 -11.29
N THR A 51 31.50 -32.48 -11.87
CA THR A 51 31.98 -32.10 -13.18
C THR A 51 30.92 -32.34 -14.24
N THR A 52 30.27 -33.49 -14.17
CA THR A 52 29.24 -33.80 -15.14
C THR A 52 28.19 -32.69 -15.13
N LEU A 53 27.70 -32.36 -13.93
CA LEU A 53 26.69 -31.32 -13.75
C LEU A 53 27.17 -29.96 -14.24
N TRP A 54 28.31 -29.52 -13.72
CA TRP A 54 28.84 -28.23 -14.11
C TRP A 54 29.05 -28.07 -15.59
N ASP A 55 29.59 -29.09 -16.24
CA ASP A 55 29.82 -29.01 -17.67
C ASP A 55 28.51 -28.77 -18.41
N LYS A 56 27.48 -29.50 -18.01
CA LYS A 56 26.17 -29.37 -18.63
C LYS A 56 25.71 -27.93 -18.51
N VAL A 57 25.85 -27.37 -17.32
CA VAL A 57 25.46 -25.99 -17.04
C VAL A 57 26.27 -25.03 -17.89
N MET A 58 27.56 -25.27 -17.99
CA MET A 58 28.43 -24.40 -18.78
C MET A 58 27.95 -24.29 -20.21
N GLU A 59 27.25 -25.30 -20.70
CA GLU A 59 26.75 -25.26 -22.06
C GLU A 59 25.76 -24.11 -22.19
N GLY A 60 24.93 -23.93 -21.17
CA GLY A 60 23.97 -22.85 -21.17
C GLY A 60 24.66 -21.50 -20.99
N VAL A 61 25.72 -21.46 -20.17
CA VAL A 61 26.45 -20.23 -19.93
C VAL A 61 27.11 -19.75 -21.21
N LYS A 62 27.59 -20.69 -22.01
CA LYS A 62 28.22 -20.34 -23.28
C LYS A 62 27.16 -19.68 -24.14
N LEU A 63 26.00 -20.33 -24.24
CA LEU A 63 24.90 -19.83 -25.03
C LEU A 63 24.54 -18.39 -24.62
N GLU A 64 24.57 -18.13 -23.31
CA GLU A 64 24.25 -16.81 -22.77
C GLU A 64 25.26 -15.80 -23.23
N ASN A 65 26.53 -16.04 -22.94
CA ASN A 65 27.58 -15.11 -23.32
C ASN A 65 27.55 -14.87 -24.83
N ARG A 66 27.41 -15.96 -25.57
CA ARG A 66 27.36 -15.92 -27.04
C ARG A 66 26.25 -15.00 -27.54
N THR A 67 25.02 -15.25 -27.10
CA THR A 67 23.89 -14.44 -27.54
C THR A 67 23.68 -13.17 -26.72
N HIS A 68 24.40 -13.04 -25.61
CA HIS A 68 24.25 -11.90 -24.70
C HIS A 68 22.77 -11.71 -24.43
N ALA A 69 22.08 -12.83 -24.21
CA ALA A 69 20.66 -12.83 -23.92
C ALA A 69 20.37 -14.06 -23.09
N PRO A 70 19.24 -14.07 -22.37
CA PRO A 70 18.91 -15.23 -21.55
C PRO A 70 18.74 -16.50 -22.37
N VAL A 71 18.97 -17.63 -21.73
CA VAL A 71 18.84 -18.93 -22.38
C VAL A 71 17.38 -19.15 -22.70
N ASP A 72 16.53 -18.65 -21.81
CA ASP A 72 15.09 -18.79 -21.93
C ASP A 72 14.49 -18.13 -20.68
N PHE A 73 13.21 -17.76 -20.77
CA PHE A 73 12.55 -17.15 -19.63
C PHE A 73 11.03 -17.35 -19.70
N ASP A 74 10.36 -17.16 -18.56
CA ASP A 74 8.91 -17.31 -18.51
C ASP A 74 8.27 -16.21 -19.31
N THR A 75 7.07 -16.49 -19.81
CA THR A 75 6.39 -15.53 -20.63
C THR A 75 4.93 -15.40 -20.20
N ALA A 76 4.47 -16.38 -19.43
CA ALA A 76 3.10 -16.40 -18.98
C ALA A 76 2.91 -16.84 -17.52
N VAL A 77 3.98 -16.80 -16.73
CA VAL A 77 3.87 -17.20 -15.33
C VAL A 77 4.44 -16.15 -14.40
N ALA A 78 3.64 -15.75 -13.41
CA ALA A 78 4.10 -14.77 -12.43
C ALA A 78 4.80 -15.56 -11.33
N SER A 79 6.09 -15.30 -11.15
CA SER A 79 6.87 -16.02 -10.17
C SER A 79 6.61 -15.67 -8.73
N THR A 80 6.52 -16.70 -7.89
CA THR A 80 6.32 -16.56 -6.46
C THR A 80 7.16 -17.65 -5.82
N ILE A 81 7.14 -17.72 -4.49
CA ILE A 81 7.91 -18.75 -3.82
C ILE A 81 7.47 -20.15 -4.23
N THR A 82 6.18 -20.32 -4.45
CA THR A 82 5.64 -21.61 -4.79
C THR A 82 5.11 -21.78 -6.20
N SER A 83 5.34 -20.81 -7.07
CA SER A 83 4.83 -20.90 -8.43
C SER A 83 5.41 -22.01 -9.31
N HIS A 84 6.72 -22.24 -9.24
CA HIS A 84 7.29 -23.28 -10.10
C HIS A 84 7.44 -24.65 -9.48
N ASP A 85 7.47 -25.66 -10.34
CA ASP A 85 7.65 -27.03 -9.87
C ASP A 85 9.15 -27.23 -9.72
N ALA A 86 9.54 -28.32 -9.09
CA ALA A 86 10.95 -28.58 -8.90
C ALA A 86 11.66 -28.63 -10.26
N GLY A 87 12.88 -28.14 -10.30
CA GLY A 87 13.65 -28.13 -11.53
C GLY A 87 15.02 -28.69 -11.22
N TYR A 88 15.58 -29.48 -12.14
CA TYR A 88 16.89 -30.05 -11.92
C TYR A 88 17.78 -29.98 -13.14
N ILE A 89 19.07 -30.23 -12.90
CA ILE A 89 20.08 -30.27 -13.96
C ILE A 89 20.11 -31.76 -14.30
N ASN A 90 20.01 -32.56 -13.24
CA ASN A 90 20.04 -34.01 -13.29
C ASN A 90 19.75 -34.47 -11.87
N LYS A 91 18.49 -34.70 -11.53
CA LYS A 91 18.19 -35.09 -10.15
C LYS A 91 18.97 -36.26 -9.59
N GLN A 92 19.46 -37.16 -10.45
CA GLN A 92 20.23 -38.30 -9.97
C GLN A 92 21.61 -37.89 -9.43
N LEU A 93 22.15 -36.80 -9.95
CA LEU A 93 23.48 -36.35 -9.54
C LEU A 93 23.56 -35.29 -8.46
N GLU A 94 22.59 -34.37 -8.46
CA GLU A 94 22.57 -33.27 -7.51
C GLU A 94 22.47 -33.63 -6.03
N LYS A 95 23.41 -33.11 -5.24
CA LYS A 95 23.43 -33.34 -3.81
C LYS A 95 22.69 -32.24 -3.06
N ILE A 96 22.56 -31.09 -3.72
CA ILE A 96 21.84 -29.92 -3.19
C ILE A 96 20.95 -29.49 -4.36
N VAL A 97 19.64 -29.48 -4.15
CA VAL A 97 18.71 -29.14 -5.20
C VAL A 97 18.02 -27.79 -5.06
N GLY A 98 17.40 -27.35 -6.15
CA GLY A 98 16.68 -26.08 -6.16
C GLY A 98 17.06 -25.09 -7.26
N LEU A 99 16.08 -24.77 -8.10
CA LEU A 99 16.28 -23.82 -9.19
C LEU A 99 15.14 -22.80 -9.13
N GLN A 100 15.40 -21.61 -9.64
CA GLN A 100 14.38 -20.56 -9.63
C GLN A 100 13.13 -20.98 -10.40
N THR A 101 13.32 -21.55 -11.58
CA THR A 101 12.18 -22.02 -12.36
C THR A 101 12.28 -23.52 -12.50
N GLU A 102 11.56 -24.08 -13.45
CA GLU A 102 11.58 -25.53 -13.63
C GLU A 102 12.78 -26.01 -14.43
N ALA A 103 13.56 -25.08 -14.97
CA ALA A 103 14.73 -25.44 -15.77
C ALA A 103 15.95 -24.61 -15.44
N PRO A 104 17.14 -25.14 -15.76
CA PRO A 104 18.41 -24.46 -15.51
C PRO A 104 18.58 -23.19 -16.31
N LEU A 105 18.83 -22.09 -15.60
CA LEU A 105 19.05 -20.79 -16.20
C LEU A 105 17.83 -20.14 -16.87
N LYS A 106 16.67 -20.78 -16.77
CA LYS A 106 15.48 -20.20 -17.37
C LYS A 106 15.04 -19.10 -16.41
N ARG A 107 15.01 -17.87 -16.88
CA ARG A 107 14.65 -16.75 -16.02
C ARG A 107 13.14 -16.60 -15.83
N ALA A 108 12.76 -16.11 -14.65
CA ALA A 108 11.35 -15.94 -14.31
C ALA A 108 10.84 -14.51 -14.54
N LEU A 109 9.55 -14.32 -14.29
CA LEU A 109 8.93 -13.02 -14.37
C LEU A 109 8.59 -12.59 -12.95
N ILE A 110 9.17 -11.48 -12.52
CA ILE A 110 8.92 -10.93 -11.19
C ILE A 110 8.19 -9.61 -11.49
N PRO A 111 6.88 -9.69 -11.82
CA PRO A 111 6.04 -8.54 -12.15
C PRO A 111 5.75 -7.46 -11.09
N PHE A 112 5.77 -7.81 -9.81
CA PHE A 112 5.49 -6.82 -8.78
C PHE A 112 6.39 -5.59 -8.87
N GLY A 113 7.52 -5.71 -9.55
CA GLY A 113 8.43 -4.59 -9.67
C GLY A 113 7.99 -3.61 -10.75
N GLY A 114 7.26 -4.15 -11.72
CA GLY A 114 6.77 -3.35 -12.82
C GLY A 114 6.63 -4.22 -14.06
N ILE A 115 5.57 -4.00 -14.81
CA ILE A 115 5.31 -4.77 -16.02
C ILE A 115 6.04 -4.20 -17.27
N LYS A 116 6.41 -2.93 -17.23
CA LYS A 116 7.11 -2.34 -18.38
C LYS A 116 8.47 -2.98 -18.63
N MET A 117 9.26 -3.14 -17.57
CA MET A 117 10.58 -3.75 -17.72
C MET A 117 10.43 -5.12 -18.35
N ILE A 118 9.39 -5.84 -17.98
CA ILE A 118 9.17 -7.16 -18.53
C ILE A 118 8.85 -7.10 -20.03
N GLU A 119 8.02 -6.14 -20.43
CA GLU A 119 7.70 -5.99 -21.85
C GLU A 119 8.97 -5.61 -22.59
N GLY A 120 9.74 -4.70 -22.01
CA GLY A 120 10.99 -4.31 -22.62
C GLY A 120 11.88 -5.51 -22.86
N SER A 121 12.00 -6.38 -21.85
CA SER A 121 12.83 -7.58 -21.96
C SER A 121 12.27 -8.49 -23.05
N CYS A 122 10.96 -8.64 -23.08
CA CYS A 122 10.34 -9.49 -24.10
C CYS A 122 10.66 -8.98 -25.49
N LYS A 123 10.42 -7.70 -25.73
CA LYS A 123 10.70 -7.12 -27.02
C LYS A 123 12.18 -7.32 -27.37
N ALA A 124 13.04 -7.07 -26.39
CA ALA A 124 14.48 -7.20 -26.60
C ALA A 124 14.92 -8.60 -27.05
N TYR A 125 14.34 -9.62 -26.43
CA TYR A 125 14.71 -10.98 -26.74
C TYR A 125 13.71 -11.69 -27.64
N ASN A 126 12.96 -10.89 -28.40
CA ASN A 126 11.98 -11.39 -29.33
C ASN A 126 11.06 -12.46 -28.73
N ARG A 127 10.28 -12.07 -27.73
CA ARG A 127 9.34 -12.98 -27.09
C ARG A 127 8.04 -12.25 -26.79
N GLU A 128 6.95 -13.00 -26.73
CA GLU A 128 5.64 -12.41 -26.49
C GLU A 128 5.11 -12.54 -25.08
N LEU A 129 5.01 -11.40 -24.39
CA LEU A 129 4.49 -11.38 -23.04
C LEU A 129 3.02 -11.80 -23.05
N ASP A 130 2.64 -12.73 -22.18
CA ASP A 130 1.26 -13.17 -22.12
C ASP A 130 0.36 -12.00 -21.78
N PRO A 131 -0.66 -11.75 -22.62
CA PRO A 131 -1.60 -10.66 -22.42
C PRO A 131 -2.25 -10.61 -21.04
N MET A 132 -2.55 -11.78 -20.48
CA MET A 132 -3.16 -11.82 -19.16
C MET A 132 -2.20 -11.25 -18.12
N ILE A 133 -0.96 -11.73 -18.14
CA ILE A 133 0.03 -11.25 -17.20
C ILE A 133 0.09 -9.73 -17.30
N LYS A 134 0.09 -9.21 -18.53
CA LYS A 134 0.17 -7.78 -18.74
C LYS A 134 -1.02 -7.00 -18.20
N LYS A 135 -2.22 -7.53 -18.41
CA LYS A 135 -3.43 -6.88 -17.94
C LYS A 135 -3.42 -6.83 -16.42
N ILE A 136 -3.11 -7.97 -15.81
CA ILE A 136 -3.06 -8.07 -14.36
C ILE A 136 -2.15 -7.04 -13.71
N PHE A 137 -0.96 -6.88 -14.27
CA PHE A 137 0.00 -5.97 -13.68
C PHE A 137 0.05 -4.55 -14.20
N THR A 138 -1.07 -4.09 -14.72
CA THR A 138 -1.19 -2.73 -15.18
C THR A 138 -2.53 -2.24 -14.62
N GLU A 139 -3.54 -3.12 -14.66
CA GLU A 139 -4.87 -2.78 -14.20
C GLU A 139 -5.25 -3.25 -12.79
N TYR A 140 -4.83 -4.47 -12.41
CA TYR A 140 -5.19 -4.99 -11.08
C TYR A 140 -4.16 -4.81 -9.98
N ARG A 141 -2.96 -5.35 -10.16
CA ARG A 141 -1.89 -5.23 -9.18
C ARG A 141 -0.97 -4.11 -9.63
N LYS A 142 -0.99 -3.00 -8.91
CA LYS A 142 -0.13 -1.88 -9.24
C LYS A 142 1.29 -2.28 -8.89
N THR A 143 2.23 -1.92 -9.72
CA THR A 143 3.61 -2.30 -9.48
C THR A 143 4.47 -1.21 -8.87
N HIS A 144 5.65 -1.59 -8.39
CA HIS A 144 6.59 -0.63 -7.80
C HIS A 144 6.85 0.48 -8.80
N ASN A 145 7.19 0.09 -10.03
CA ASN A 145 7.47 1.05 -11.11
C ASN A 145 6.37 2.09 -11.27
N GLN A 146 5.11 1.65 -11.34
CA GLN A 146 3.97 2.56 -11.51
C GLN A 146 3.87 3.53 -10.36
N GLY A 147 3.99 3.02 -9.14
CA GLY A 147 3.91 3.89 -7.97
C GLY A 147 4.99 4.95 -7.93
N VAL A 148 6.22 4.58 -8.30
CA VAL A 148 7.30 5.56 -8.26
C VAL A 148 7.05 6.67 -9.26
N PHE A 149 6.78 6.32 -10.51
CA PHE A 149 6.53 7.32 -11.54
C PHE A 149 5.23 8.12 -11.39
N ASP A 150 4.37 7.73 -10.45
CA ASP A 150 3.15 8.47 -10.23
C ASP A 150 3.45 9.61 -9.26
N VAL A 151 4.49 9.44 -8.44
CA VAL A 151 4.89 10.43 -7.45
C VAL A 151 6.11 11.28 -7.79
N TYR A 152 6.90 10.85 -8.78
CA TYR A 152 8.09 11.59 -9.20
C TYR A 152 7.79 13.06 -9.56
N THR A 153 8.83 13.89 -9.52
CA THR A 153 8.68 15.29 -9.88
C THR A 153 9.30 15.48 -11.25
N PRO A 154 8.90 16.52 -11.98
CA PRO A 154 9.48 16.72 -13.31
C PRO A 154 10.99 17.01 -13.23
N ASP A 155 11.40 17.55 -12.08
CA ASP A 155 12.81 17.84 -11.84
C ASP A 155 13.55 16.52 -11.85
N ILE A 156 13.08 15.60 -11.00
CA ILE A 156 13.69 14.30 -10.91
C ILE A 156 13.77 13.62 -12.28
N LEU A 157 12.73 13.78 -13.09
CA LEU A 157 12.72 13.17 -14.42
C LEU A 157 13.79 13.81 -15.28
N ARG A 158 13.93 15.13 -15.17
CA ARG A 158 14.93 15.86 -15.93
C ARG A 158 16.32 15.31 -15.61
N CYS A 159 16.58 15.09 -14.31
CA CYS A 159 17.85 14.56 -13.87
C CYS A 159 18.08 13.17 -14.43
N ARG A 160 17.04 12.35 -14.40
CA ARG A 160 17.11 11.00 -14.92
C ARG A 160 17.51 11.07 -16.39
N LYS A 161 16.87 11.98 -17.12
CA LYS A 161 17.14 12.13 -18.55
C LYS A 161 18.50 12.70 -18.92
N SER A 162 18.98 13.67 -18.14
CA SER A 162 20.25 14.33 -18.43
C SER A 162 21.48 13.55 -18.00
N GLY A 163 21.29 12.56 -17.13
CA GLY A 163 22.42 11.77 -16.70
C GLY A 163 23.09 12.33 -15.46
N VAL A 164 22.31 12.98 -14.59
CA VAL A 164 22.85 13.54 -13.36
C VAL A 164 22.38 12.64 -12.21
N LEU A 165 21.21 12.04 -12.39
CA LEU A 165 20.64 11.11 -11.42
C LEU A 165 19.92 10.07 -12.24
N THR A 166 20.65 9.04 -12.63
CA THR A 166 20.10 8.00 -13.47
C THR A 166 20.42 6.60 -13.00
N GLY A 167 19.53 5.67 -13.33
CA GLY A 167 19.74 4.28 -12.93
C GLY A 167 19.28 3.91 -11.53
N LEU A 168 18.57 4.81 -10.87
CA LEU A 168 18.09 4.51 -9.52
C LEU A 168 17.12 3.35 -9.58
N PRO A 169 16.96 2.64 -8.46
CA PRO A 169 16.06 1.48 -8.36
C PRO A 169 14.57 1.78 -8.51
N ASP A 170 14.18 2.32 -9.66
CA ASP A 170 12.77 2.61 -9.92
C ASP A 170 12.22 1.70 -11.02
N ALA A 171 13.09 0.82 -11.54
CA ALA A 171 12.71 -0.12 -12.60
C ALA A 171 13.34 -1.48 -12.39
N TYR A 172 13.53 -1.86 -11.13
CA TYR A 172 14.12 -3.16 -10.80
C TYR A 172 14.15 -3.31 -9.28
N GLY A 173 14.21 -4.54 -8.80
CA GLY A 173 14.25 -4.77 -7.36
C GLY A 173 15.39 -4.01 -6.69
N ARG A 174 15.10 -3.35 -5.59
CA ARG A 174 16.11 -2.57 -4.87
C ARG A 174 17.23 -3.41 -4.30
N GLY A 175 16.94 -4.66 -3.97
CA GLY A 175 17.95 -5.52 -3.43
C GLY A 175 18.52 -5.00 -2.13
N ARG A 176 19.83 -5.19 -1.94
CA ARG A 176 20.52 -4.75 -0.72
C ARG A 176 19.89 -5.31 0.56
N ILE A 177 19.35 -6.51 0.47
CA ILE A 177 18.76 -7.14 1.64
C ILE A 177 19.26 -8.57 1.74
N ILE A 178 19.77 -8.94 2.91
CA ILE A 178 20.24 -10.30 3.11
C ILE A 178 19.50 -10.96 4.27
N GLY A 179 18.60 -11.87 3.96
CA GLY A 179 17.90 -12.55 5.02
C GLY A 179 18.90 -13.54 5.60
N ASP A 180 18.77 -13.86 6.89
CA ASP A 180 19.69 -14.81 7.47
C ASP A 180 19.18 -16.19 7.07
N TYR A 181 19.65 -16.69 5.94
CA TYR A 181 19.21 -18.00 5.46
C TYR A 181 19.73 -19.11 6.37
N ARG A 182 20.73 -18.80 7.19
CA ARG A 182 21.29 -19.79 8.11
C ARG A 182 20.23 -20.15 9.16
N ARG A 183 19.34 -19.21 9.47
CA ARG A 183 18.29 -19.44 10.45
C ARG A 183 17.45 -20.67 10.13
N VAL A 184 17.26 -20.94 8.84
CA VAL A 184 16.46 -22.07 8.42
C VAL A 184 17.15 -23.37 8.82
N ALA A 185 18.42 -23.48 8.50
CA ALA A 185 19.18 -24.69 8.84
C ALA A 185 19.19 -24.88 10.35
N LEU A 186 19.46 -23.81 11.08
CA LEU A 186 19.53 -23.86 12.53
C LEU A 186 18.25 -24.20 13.25
N TYR A 187 17.17 -23.48 12.98
CA TYR A 187 15.92 -23.73 13.69
C TYR A 187 14.78 -24.44 12.97
N GLY A 188 14.78 -24.39 11.65
CA GLY A 188 13.69 -25.00 10.92
C GLY A 188 12.59 -23.96 10.78
N ILE A 189 11.77 -24.10 9.74
CA ILE A 189 10.70 -23.13 9.52
C ILE A 189 9.74 -22.93 10.70
N ASP A 190 9.18 -24.02 11.19
CA ASP A 190 8.22 -23.95 12.30
C ASP A 190 8.67 -23.07 13.45
N TYR A 191 9.87 -23.32 13.94
CA TYR A 191 10.38 -22.54 15.05
C TYR A 191 10.36 -21.06 14.72
N LEU A 192 10.78 -20.74 13.50
CA LEU A 192 10.84 -19.35 13.05
C LEU A 192 9.46 -18.73 12.91
N MET A 193 8.48 -19.54 12.53
CA MET A 193 7.12 -19.03 12.38
C MET A 193 6.55 -18.69 13.76
N LYS A 194 6.84 -19.53 14.73
CA LYS A 194 6.37 -19.33 16.10
C LYS A 194 7.01 -18.07 16.65
N ASP A 195 8.27 -17.83 16.27
CA ASP A 195 8.99 -16.65 16.71
C ASP A 195 8.34 -15.40 16.10
N LYS A 196 8.00 -15.50 14.82
CA LYS A 196 7.36 -14.39 14.12
C LYS A 196 5.99 -14.11 14.70
N LEU A 197 5.26 -15.17 15.03
CA LEU A 197 3.94 -14.99 15.61
C LEU A 197 4.04 -14.17 16.90
N ALA A 198 5.10 -14.42 17.65
CA ALA A 198 5.31 -13.70 18.88
C ALA A 198 5.60 -12.25 18.57
N GLN A 199 6.43 -12.02 17.55
CA GLN A 199 6.78 -10.67 17.16
C GLN A 199 5.52 -9.92 16.76
N PHE A 200 4.66 -10.63 16.05
CA PHE A 200 3.39 -10.07 15.59
C PHE A 200 2.58 -9.60 16.81
N THR A 201 2.44 -10.50 17.78
CA THR A 201 1.68 -10.22 18.99
C THR A 201 2.31 -9.13 19.87
N SER A 202 3.63 -9.00 19.81
CA SER A 202 4.29 -8.01 20.64
C SER A 202 3.88 -6.59 20.26
N LEU A 203 3.32 -6.45 19.07
CA LEU A 203 2.94 -5.12 18.60
C LEU A 203 1.51 -4.76 18.95
N GLN A 204 0.74 -5.72 19.43
CA GLN A 204 -0.65 -5.49 19.76
C GLN A 204 -0.89 -4.34 20.72
N ALA A 205 -0.15 -4.32 21.83
CA ALA A 205 -0.31 -3.26 22.82
C ALA A 205 -0.23 -1.88 22.15
N ASP A 206 0.91 -1.56 21.55
CA ASP A 206 1.10 -0.28 20.86
C ASP A 206 -0.05 0.06 19.94
N LEU A 207 -0.51 -0.95 19.21
CA LEU A 207 -1.61 -0.81 18.29
C LEU A 207 -2.85 -0.26 19.02
N GLU A 208 -3.35 -1.03 19.97
CA GLU A 208 -4.52 -0.65 20.75
C GLU A 208 -4.35 0.68 21.44
N ASN A 209 -3.11 1.02 21.80
CA ASN A 209 -2.86 2.27 22.51
C ASN A 209 -2.57 3.48 21.64
N GLY A 210 -2.68 3.31 20.32
CA GLY A 210 -2.43 4.43 19.42
C GLY A 210 -0.99 4.91 19.36
N VAL A 211 -0.06 4.05 19.78
CA VAL A 211 1.36 4.39 19.78
C VAL A 211 1.96 4.23 18.38
N ASN A 212 2.26 5.35 17.71
CA ASN A 212 2.80 5.30 16.35
C ASN A 212 1.86 4.49 15.48
N LEU A 213 0.56 4.69 15.71
CA LEU A 213 -0.47 3.98 14.99
C LEU A 213 -0.12 3.47 13.59
N GLU A 214 0.17 4.38 12.66
CA GLU A 214 0.48 3.96 11.29
C GLU A 214 1.76 3.15 11.11
N GLN A 215 2.80 3.44 11.88
CA GLN A 215 4.05 2.71 11.77
C GLN A 215 3.84 1.28 12.28
N THR A 216 3.12 1.14 13.39
CA THR A 216 2.90 -0.16 13.97
C THR A 216 1.91 -1.01 13.17
N ILE A 217 0.99 -0.38 12.46
CA ILE A 217 0.06 -1.15 11.65
C ILE A 217 0.86 -1.75 10.47
N ARG A 218 1.70 -0.90 9.87
CA ARG A 218 2.51 -1.34 8.76
C ARG A 218 3.36 -2.53 9.14
N LEU A 219 4.05 -2.42 10.27
CA LEU A 219 4.91 -3.48 10.72
C LEU A 219 4.14 -4.76 11.00
N ARG A 220 2.97 -4.64 11.62
CA ARG A 220 2.19 -5.84 11.89
C ARG A 220 1.88 -6.55 10.58
N GLU A 221 1.44 -5.79 9.57
CA GLU A 221 1.12 -6.42 8.29
C GLU A 221 2.36 -7.04 7.67
N GLU A 222 3.47 -6.32 7.72
CA GLU A 222 4.72 -6.84 7.17
C GLU A 222 5.04 -8.17 7.84
N ILE A 223 4.96 -8.20 9.16
CA ILE A 223 5.26 -9.42 9.89
C ILE A 223 4.30 -10.53 9.53
N ALA A 224 3.04 -10.20 9.27
CA ALA A 224 2.10 -11.24 8.88
C ALA A 224 2.55 -11.82 7.53
N GLU A 225 3.01 -10.94 6.63
CA GLU A 225 3.47 -11.35 5.31
C GLU A 225 4.70 -12.23 5.42
N GLN A 226 5.54 -11.95 6.41
CA GLN A 226 6.77 -12.71 6.63
C GLN A 226 6.39 -14.11 7.10
N HIS A 227 5.47 -14.16 8.05
CA HIS A 227 5.00 -15.42 8.59
C HIS A 227 4.44 -16.26 7.46
N ARG A 228 3.65 -15.62 6.60
CA ARG A 228 3.06 -16.33 5.46
C ARG A 228 4.13 -16.81 4.48
N ALA A 229 5.18 -16.02 4.31
CA ALA A 229 6.26 -16.41 3.38
C ALA A 229 6.96 -17.67 3.90
N LEU A 230 7.21 -17.71 5.21
CA LEU A 230 7.87 -18.86 5.84
C LEU A 230 7.13 -20.13 5.50
N GLY A 231 5.80 -20.11 5.62
CA GLY A 231 5.01 -21.28 5.31
C GLY A 231 5.14 -21.71 3.86
N GLN A 232 5.26 -20.74 2.96
CA GLN A 232 5.40 -21.04 1.54
C GLN A 232 6.77 -21.65 1.30
N MET A 233 7.74 -21.27 2.13
CA MET A 233 9.08 -21.84 2.00
C MET A 233 8.98 -23.35 2.14
N LYS A 234 8.24 -23.80 3.15
CA LYS A 234 8.05 -25.22 3.37
C LYS A 234 7.45 -25.84 2.13
N GLU A 235 6.36 -25.27 1.64
CA GLU A 235 5.70 -25.79 0.44
C GLU A 235 6.69 -25.85 -0.72
N MET A 236 7.54 -24.85 -0.84
CA MET A 236 8.53 -24.84 -1.90
C MET A 236 9.46 -26.05 -1.75
N ALA A 237 10.07 -26.18 -0.57
CA ALA A 237 10.97 -27.28 -0.29
C ALA A 237 10.26 -28.61 -0.57
N ALA A 238 9.02 -28.71 -0.12
CA ALA A 238 8.22 -29.92 -0.32
C ALA A 238 8.15 -30.37 -1.78
N LYS A 239 8.13 -29.42 -2.71
CA LYS A 239 8.08 -29.77 -4.13
C LYS A 239 9.33 -30.55 -4.50
N TYR A 240 10.38 -30.39 -3.70
CA TYR A 240 11.64 -31.08 -3.95
C TYR A 240 11.77 -32.32 -3.09
N GLY A 241 10.69 -32.67 -2.40
CA GLY A 241 10.69 -33.84 -1.55
C GLY A 241 11.29 -33.60 -0.18
N TYR A 242 11.35 -32.34 0.24
CA TYR A 242 11.93 -32.02 1.55
C TYR A 242 10.98 -31.40 2.56
N ASP A 243 11.17 -31.79 3.81
CA ASP A 243 10.38 -31.29 4.92
C ASP A 243 11.36 -30.44 5.73
N ILE A 244 11.21 -29.12 5.66
CA ILE A 244 12.11 -28.23 6.38
C ILE A 244 11.43 -27.54 7.58
N SER A 245 10.34 -28.13 8.05
CA SER A 245 9.63 -27.55 9.19
C SER A 245 10.50 -27.62 10.45
N GLY A 246 11.31 -28.68 10.54
CA GLY A 246 12.19 -28.85 11.67
C GLY A 246 13.60 -28.47 11.27
N PRO A 247 14.55 -28.34 12.22
CA PRO A 247 15.93 -27.96 11.89
C PRO A 247 16.74 -29.04 11.16
N ALA A 248 17.78 -28.60 10.45
CA ALA A 248 18.66 -29.51 9.70
C ALA A 248 19.35 -30.43 10.72
N THR A 249 19.35 -31.73 10.45
CA THR A 249 19.98 -32.68 11.37
C THR A 249 21.41 -33.05 11.01
N ASN A 250 21.85 -32.71 9.80
CA ASN A 250 23.22 -32.98 9.35
C ASN A 250 23.72 -31.90 8.37
N ALA A 251 24.94 -32.05 7.89
CA ALA A 251 25.57 -31.09 6.96
C ALA A 251 24.77 -30.90 5.68
N GLN A 252 24.49 -31.99 4.99
CA GLN A 252 23.75 -31.91 3.74
C GLN A 252 22.44 -31.13 3.89
N GLU A 253 21.82 -31.22 5.07
CA GLU A 253 20.58 -30.51 5.30
C GLU A 253 20.85 -29.08 5.67
N ALA A 254 21.85 -28.84 6.52
CA ALA A 254 22.17 -27.47 6.88
C ALA A 254 22.36 -26.68 5.59
N ILE A 255 23.16 -27.23 4.68
CA ILE A 255 23.41 -26.60 3.39
C ILE A 255 22.13 -26.45 2.60
N GLN A 256 21.41 -27.56 2.43
CA GLN A 256 20.15 -27.55 1.68
C GLN A 256 19.14 -26.59 2.31
N TRP A 257 19.02 -26.63 3.63
CA TRP A 257 18.09 -25.76 4.36
C TRP A 257 18.45 -24.29 4.14
N THR A 258 19.74 -23.98 4.22
CA THR A 258 20.18 -22.60 4.03
C THR A 258 19.90 -22.14 2.61
N TYR A 259 20.27 -22.97 1.64
CA TYR A 259 20.05 -22.63 0.25
C TYR A 259 18.56 -22.45 -0.02
N PHE A 260 17.75 -23.34 0.55
CA PHE A 260 16.31 -23.26 0.37
C PHE A 260 15.80 -21.88 0.82
N GLY A 261 16.36 -21.35 1.90
CA GLY A 261 15.94 -20.04 2.37
C GLY A 261 16.22 -18.99 1.31
N TYR A 262 17.43 -19.04 0.77
CA TYR A 262 17.86 -18.12 -0.26
C TYR A 262 17.05 -18.33 -1.53
N LEU A 263 16.77 -19.59 -1.86
CA LEU A 263 16.02 -19.90 -3.07
C LEU A 263 14.66 -19.22 -3.09
N ALA A 264 13.98 -19.22 -1.94
CA ALA A 264 12.67 -18.57 -1.86
C ALA A 264 12.82 -17.09 -2.20
N ALA A 265 13.90 -16.50 -1.71
CA ALA A 265 14.17 -15.10 -1.97
C ALA A 265 14.36 -14.83 -3.45
N VAL A 266 15.20 -15.61 -4.12
CA VAL A 266 15.45 -15.38 -5.55
C VAL A 266 14.36 -15.92 -6.47
N LYS A 267 13.27 -16.38 -5.88
CA LYS A 267 12.14 -16.88 -6.64
C LYS A 267 11.05 -15.81 -6.52
N SER A 268 11.18 -14.96 -5.49
CA SER A 268 10.17 -13.93 -5.23
C SER A 268 10.58 -12.47 -5.43
N GLN A 269 11.88 -12.20 -5.37
CA GLN A 269 12.38 -10.85 -5.53
C GLN A 269 13.50 -10.83 -6.55
N ASN A 270 13.55 -9.78 -7.36
CA ASN A 270 14.58 -9.68 -8.38
C ASN A 270 15.51 -8.50 -8.11
N GLY A 271 15.89 -8.34 -6.84
CA GLY A 271 16.78 -7.26 -6.47
C GLY A 271 18.06 -7.24 -7.28
N ALA A 272 18.64 -6.07 -7.48
CA ALA A 272 19.88 -5.96 -8.23
C ALA A 272 20.92 -6.88 -7.62
N ALA A 273 21.08 -6.78 -6.30
CA ALA A 273 22.02 -7.64 -5.59
C ALA A 273 21.22 -8.53 -4.63
N MET A 274 21.36 -9.84 -4.81
CA MET A 274 20.70 -10.80 -3.94
C MET A 274 21.83 -11.59 -3.27
N SER A 275 22.48 -10.95 -2.30
CA SER A 275 23.62 -11.56 -1.61
C SER A 275 23.28 -12.73 -0.69
N PHE A 276 24.22 -13.66 -0.57
CA PHE A 276 24.06 -14.87 0.26
C PHE A 276 24.28 -14.65 1.75
N GLY A 277 25.24 -13.80 2.11
CA GLY A 277 25.51 -13.53 3.51
C GLY A 277 26.87 -14.03 3.98
N ARG A 278 26.95 -14.37 5.26
CA ARG A 278 28.17 -14.89 5.88
C ARG A 278 27.81 -16.31 6.33
N THR A 279 27.94 -17.27 5.42
CA THR A 279 27.54 -18.64 5.72
C THR A 279 28.59 -19.75 5.75
N SER A 280 29.70 -19.58 5.03
CA SER A 280 30.73 -20.62 4.98
C SER A 280 31.13 -21.18 6.37
N THR A 281 31.49 -20.30 7.30
CA THR A 281 31.87 -20.75 8.64
C THR A 281 30.72 -21.41 9.40
N PHE A 282 29.53 -20.82 9.28
CA PHE A 282 28.34 -21.34 9.93
C PHE A 282 28.17 -22.80 9.50
N LEU A 283 28.09 -23.01 8.20
CA LEU A 283 27.92 -24.35 7.67
C LEU A 283 29.05 -25.31 8.07
N ASP A 284 30.24 -24.77 8.38
CA ASP A 284 31.36 -25.62 8.75
C ASP A 284 31.06 -26.39 10.03
N VAL A 285 30.25 -25.79 10.89
CA VAL A 285 29.89 -26.43 12.14
C VAL A 285 29.20 -27.76 11.86
N TYR A 286 28.33 -27.81 10.86
CA TYR A 286 27.62 -29.04 10.54
C TYR A 286 28.52 -30.02 9.79
N ILE A 287 29.44 -29.49 8.99
CA ILE A 287 30.34 -30.35 8.24
C ILE A 287 31.30 -31.02 9.21
N GLU A 288 31.90 -30.24 10.10
CA GLU A 288 32.83 -30.77 11.10
C GLU A 288 32.18 -31.94 11.84
N ARG A 289 30.99 -31.69 12.39
CA ARG A 289 30.27 -32.70 13.13
C ARG A 289 30.10 -33.99 12.34
N ASP A 290 29.71 -33.89 11.07
CA ASP A 290 29.53 -35.07 10.23
C ASP A 290 30.86 -35.77 9.90
N LEU A 291 31.93 -35.00 9.76
CA LEU A 291 33.24 -35.57 9.48
C LEU A 291 33.66 -36.38 10.69
N LYS A 292 33.76 -35.71 11.84
CA LYS A 292 34.15 -36.39 13.08
C LYS A 292 33.35 -37.64 13.39
N ALA A 293 32.08 -37.67 13.01
CA ALA A 293 31.29 -38.86 13.28
C ALA A 293 31.42 -39.86 12.12
N GLY A 294 32.26 -39.51 11.15
CA GLY A 294 32.47 -40.36 10.00
C GLY A 294 31.23 -40.61 9.17
N LYS A 295 30.35 -39.61 9.09
CA LYS A 295 29.12 -39.75 8.31
C LYS A 295 29.38 -39.32 6.87
N ILE A 296 30.33 -38.42 6.69
CA ILE A 296 30.70 -37.93 5.37
C ILE A 296 32.23 -37.85 5.26
N THR A 297 32.74 -38.05 4.05
CA THR A 297 34.17 -37.98 3.80
C THR A 297 34.47 -36.52 3.54
N GLU A 298 35.71 -36.20 3.22
CA GLU A 298 36.03 -34.81 2.95
C GLU A 298 35.63 -34.47 1.53
N GLN A 299 35.74 -35.45 0.64
CA GLN A 299 35.39 -35.22 -0.75
C GLN A 299 33.90 -34.99 -0.84
N GLU A 300 33.15 -35.69 0.01
CA GLU A 300 31.69 -35.56 0.05
C GLU A 300 31.32 -34.18 0.56
N ALA A 301 32.14 -33.66 1.46
CA ALA A 301 31.92 -32.32 2.03
C ALA A 301 32.11 -31.29 0.92
N GLN A 302 33.21 -31.42 0.18
CA GLN A 302 33.50 -30.52 -0.90
C GLN A 302 32.41 -30.60 -1.97
N GLU A 303 31.96 -31.83 -2.27
CA GLU A 303 30.91 -32.03 -3.27
C GLU A 303 29.63 -31.24 -2.94
N MET A 304 29.28 -31.22 -1.66
CA MET A 304 28.09 -30.51 -1.21
C MET A 304 28.28 -29.00 -1.38
N VAL A 305 29.47 -28.50 -1.05
CA VAL A 305 29.78 -27.09 -1.18
C VAL A 305 29.77 -26.74 -2.66
N ASP A 306 30.25 -27.68 -3.48
CA ASP A 306 30.30 -27.48 -4.91
C ASP A 306 28.90 -27.36 -5.48
N HIS A 307 28.03 -28.29 -5.11
CA HIS A 307 26.65 -28.25 -5.60
C HIS A 307 25.89 -27.01 -5.12
N LEU A 308 26.19 -26.55 -3.90
CA LEU A 308 25.57 -25.35 -3.38
C LEU A 308 26.10 -24.16 -4.18
N VAL A 309 27.42 -24.00 -4.19
CA VAL A 309 28.05 -22.90 -4.93
C VAL A 309 27.69 -22.97 -6.41
N MET A 310 27.45 -24.18 -6.91
CA MET A 310 27.07 -24.35 -8.30
C MET A 310 25.72 -23.68 -8.52
N LYS A 311 24.79 -23.88 -7.59
CA LYS A 311 23.47 -23.24 -7.69
C LYS A 311 23.59 -21.71 -7.64
N LEU A 312 24.53 -21.20 -6.86
CA LEU A 312 24.70 -19.76 -6.79
C LEU A 312 25.25 -19.25 -8.09
N ARG A 313 25.80 -20.16 -8.88
CA ARG A 313 26.34 -19.81 -10.18
C ARG A 313 25.22 -19.81 -11.21
N MET A 314 24.05 -20.28 -10.79
CA MET A 314 22.93 -20.41 -11.71
C MET A 314 21.78 -19.44 -11.46
N VAL A 315 21.96 -18.54 -10.51
CA VAL A 315 20.94 -17.56 -10.22
C VAL A 315 20.84 -16.63 -11.44
N ARG A 316 19.63 -16.40 -11.92
CA ARG A 316 19.42 -15.54 -13.07
C ARG A 316 18.20 -14.67 -12.90
N PHE A 317 18.22 -13.51 -13.53
CA PHE A 317 17.10 -12.58 -13.49
C PHE A 317 16.91 -11.92 -14.86
N LEU A 318 15.67 -11.82 -15.30
CA LEU A 318 15.35 -11.20 -16.57
C LEU A 318 15.55 -9.70 -16.44
N ARG A 319 16.41 -9.13 -17.28
CA ARG A 319 16.69 -7.70 -17.22
C ARG A 319 16.54 -7.04 -18.59
N THR A 320 16.41 -5.73 -18.58
CA THR A 320 16.26 -4.98 -19.81
C THR A 320 17.62 -4.50 -20.28
N PRO A 321 17.70 -4.06 -21.53
CA PRO A 321 18.98 -3.58 -22.07
C PRO A 321 19.50 -2.38 -21.26
N GLU A 322 18.58 -1.52 -20.82
CA GLU A 322 18.94 -0.34 -20.04
C GLU A 322 19.66 -0.81 -18.79
N TYR A 323 19.11 -1.85 -18.17
CA TYR A 323 19.68 -2.43 -16.97
C TYR A 323 21.06 -2.99 -17.27
N ASP A 324 21.18 -3.70 -18.39
CA ASP A 324 22.43 -4.32 -18.79
C ASP A 324 23.61 -3.35 -18.89
N GLU A 325 23.35 -2.08 -19.23
CA GLU A 325 24.47 -1.15 -19.33
C GLU A 325 24.75 -0.45 -18.01
N LEU A 326 23.80 -0.54 -17.09
CA LEU A 326 23.93 0.06 -15.77
C LEU A 326 24.62 -0.94 -14.85
N PHE A 327 24.39 -2.22 -15.13
CA PHE A 327 24.96 -3.32 -14.37
C PHE A 327 25.35 -4.39 -15.38
N SER A 328 26.51 -4.21 -15.98
CA SER A 328 27.03 -5.12 -17.00
C SER A 328 27.53 -6.46 -16.50
N GLY A 329 27.49 -7.44 -17.40
CA GLY A 329 27.99 -8.77 -17.10
C GLY A 329 27.02 -9.79 -16.53
N ASP A 330 25.73 -9.49 -16.56
CA ASP A 330 24.74 -10.42 -16.02
C ASP A 330 25.07 -10.70 -14.54
N PRO A 331 25.33 -9.65 -13.76
CA PRO A 331 25.67 -9.78 -12.34
C PRO A 331 24.51 -10.20 -11.42
N ILE A 332 24.84 -10.84 -10.31
CA ILE A 332 23.85 -11.29 -9.35
C ILE A 332 24.21 -10.85 -7.94
N TRP A 333 25.51 -10.80 -7.65
CA TRP A 333 26.01 -10.41 -6.34
C TRP A 333 25.56 -11.35 -5.25
N ALA A 334 25.70 -12.65 -5.52
CA ALA A 334 25.37 -13.67 -4.52
C ALA A 334 26.64 -13.64 -3.67
N THR A 335 26.79 -12.55 -2.92
CA THR A 335 27.96 -12.34 -2.10
C THR A 335 28.05 -13.20 -0.84
N GLU A 336 29.24 -13.77 -0.62
CA GLU A 336 29.52 -14.62 0.54
C GLU A 336 30.71 -14.04 1.29
N SER A 337 30.53 -13.76 2.57
CA SER A 337 31.60 -13.19 3.37
C SER A 337 32.34 -14.33 4.07
N ILE A 338 33.60 -14.50 3.68
CA ILE A 338 34.43 -15.57 4.19
C ILE A 338 35.55 -15.11 5.14
N GLY A 339 35.80 -15.91 6.16
CA GLY A 339 36.85 -15.58 7.10
C GLY A 339 36.52 -14.55 8.17
N GLY A 340 37.42 -13.58 8.32
CA GLY A 340 37.24 -12.55 9.32
C GLY A 340 37.69 -13.01 10.69
N MET A 341 37.75 -12.08 11.64
CA MET A 341 38.16 -12.41 12.99
C MET A 341 36.99 -12.16 13.94
N GLY A 342 36.86 -12.99 14.97
CA GLY A 342 35.79 -12.81 15.93
C GLY A 342 36.17 -11.67 16.86
N LEU A 343 35.21 -11.19 17.64
CA LEU A 343 35.50 -10.11 18.57
C LEU A 343 36.41 -10.62 19.68
N ASP A 344 36.37 -11.93 19.89
CA ASP A 344 37.16 -12.61 20.92
C ASP A 344 38.58 -12.97 20.46
N GLY A 345 39.06 -12.32 19.40
CA GLY A 345 40.40 -12.60 18.91
C GLY A 345 40.59 -13.82 18.01
N ARG A 346 39.77 -14.84 18.19
CA ARG A 346 39.89 -16.03 17.36
C ARG A 346 39.60 -15.72 15.90
N THR A 347 40.03 -16.59 14.99
CA THR A 347 39.74 -16.35 13.58
C THR A 347 38.45 -17.09 13.24
N LEU A 348 37.66 -16.48 12.36
CA LEU A 348 36.43 -17.14 11.97
C LEU A 348 36.73 -18.04 10.78
N VAL A 349 37.99 -18.11 10.39
CA VAL A 349 38.39 -18.96 9.26
C VAL A 349 38.13 -20.42 9.63
N THR A 350 37.66 -21.21 8.69
CA THR A 350 37.38 -22.61 8.97
C THR A 350 37.82 -23.42 7.77
N LYS A 351 37.68 -24.73 7.87
CA LYS A 351 38.05 -25.56 6.73
C LYS A 351 37.11 -25.19 5.60
N ASN A 352 35.89 -24.79 5.95
CA ASN A 352 34.90 -24.43 4.95
C ASN A 352 35.29 -23.14 4.23
N SER A 353 36.06 -22.27 4.88
CA SER A 353 36.53 -21.05 4.23
C SER A 353 37.31 -21.53 3.00
N PHE A 354 38.15 -22.54 3.22
CA PHE A 354 38.96 -23.10 2.14
C PHE A 354 38.10 -23.81 1.10
N ARG A 355 37.16 -24.63 1.55
CA ARG A 355 36.30 -25.36 0.62
C ARG A 355 35.61 -24.42 -0.37
N PHE A 356 35.17 -23.26 0.11
CA PHE A 356 34.51 -22.29 -0.76
C PHE A 356 35.45 -21.74 -1.82
N LEU A 357 36.61 -21.24 -1.41
CA LEU A 357 37.57 -20.73 -2.38
C LEU A 357 37.93 -21.83 -3.37
N ASN A 358 37.98 -23.07 -2.86
CA ASN A 358 38.31 -24.23 -3.66
C ASN A 358 37.30 -24.55 -4.77
N THR A 359 36.10 -23.96 -4.71
CA THR A 359 35.13 -24.23 -5.77
C THR A 359 35.67 -23.57 -7.04
N LEU A 360 36.55 -22.60 -6.85
CA LEU A 360 37.18 -21.88 -7.96
C LEU A 360 38.11 -22.82 -8.71
N TYR A 361 38.46 -23.93 -8.08
CA TYR A 361 39.33 -24.92 -8.69
C TYR A 361 38.51 -26.12 -9.15
N THR A 362 37.69 -26.66 -8.26
CA THR A 362 36.86 -27.80 -8.61
C THR A 362 35.97 -27.54 -9.82
N MET A 363 35.45 -26.31 -9.93
CA MET A 363 34.58 -25.95 -11.04
C MET A 363 35.12 -24.77 -11.84
N GLY A 364 36.39 -24.44 -11.63
CA GLY A 364 37.01 -23.35 -12.36
C GLY A 364 36.58 -21.99 -11.85
N PRO A 365 37.12 -20.92 -12.45
CA PRO A 365 36.75 -19.57 -12.00
C PRO A 365 35.33 -19.22 -12.40
N SER A 366 34.71 -18.39 -11.58
CA SER A 366 33.34 -17.95 -11.80
C SER A 366 33.13 -16.63 -11.08
N PRO A 367 32.38 -15.71 -11.69
CA PRO A 367 32.11 -14.39 -11.09
C PRO A 367 31.12 -14.49 -9.93
N GLU A 368 30.35 -15.56 -9.91
CA GLU A 368 29.36 -15.81 -8.86
C GLU A 368 29.64 -17.19 -8.26
N PRO A 369 29.50 -17.34 -6.94
CA PRO A 369 29.12 -16.27 -6.03
C PRO A 369 30.23 -15.26 -5.89
N ASN A 370 29.90 -14.06 -5.45
CA ASN A 370 30.88 -13.02 -5.28
C ASN A 370 31.52 -13.22 -3.92
N MET A 371 32.49 -14.13 -3.88
CA MET A 371 33.20 -14.45 -2.64
C MET A 371 34.11 -13.34 -2.16
N THR A 372 33.85 -12.93 -0.93
CA THR A 372 34.55 -11.84 -0.32
C THR A 372 35.30 -12.24 0.94
N ILE A 373 36.60 -11.93 0.95
CA ILE A 373 37.43 -12.26 2.09
C ILE A 373 37.41 -11.10 3.10
N LEU A 374 36.95 -11.39 4.32
CA LEU A 374 36.92 -10.39 5.36
C LEU A 374 38.34 -10.49 5.91
N TRP A 375 39.20 -9.62 5.38
CA TRP A 375 40.62 -9.58 5.72
C TRP A 375 41.00 -8.90 7.03
N SER A 376 41.99 -9.48 7.69
CA SER A 376 42.53 -8.95 8.96
C SER A 376 44.02 -9.29 9.04
N GLU A 377 44.80 -8.35 9.57
CA GLU A 377 46.23 -8.56 9.71
C GLU A 377 46.51 -9.71 10.66
N LYS A 378 45.47 -10.19 11.34
CA LYS A 378 45.61 -11.28 12.28
C LYS A 378 45.09 -12.61 11.76
N LEU A 379 44.84 -12.68 10.46
CA LEU A 379 44.35 -13.93 9.88
C LEU A 379 45.49 -14.93 9.82
N PRO A 380 45.18 -16.24 9.83
CA PRO A 380 46.25 -17.24 9.76
C PRO A 380 46.97 -17.05 8.43
N LEU A 381 48.29 -16.93 8.48
CA LEU A 381 49.09 -16.73 7.28
C LEU A 381 48.77 -17.78 6.22
N ASN A 382 48.45 -18.99 6.68
CA ASN A 382 48.12 -20.08 5.78
C ASN A 382 46.98 -19.70 4.86
N PHE A 383 46.01 -19.00 5.43
CA PHE A 383 44.84 -18.54 4.70
C PHE A 383 45.20 -17.35 3.82
N LYS A 384 45.91 -16.37 4.38
CA LYS A 384 46.31 -15.20 3.62
C LYS A 384 46.94 -15.59 2.29
N LYS A 385 47.92 -16.51 2.35
CA LYS A 385 48.61 -16.97 1.16
C LYS A 385 47.67 -17.64 0.17
N PHE A 386 46.86 -18.58 0.66
CA PHE A 386 45.93 -19.28 -0.21
C PHE A 386 44.95 -18.33 -0.91
N ALA A 387 44.42 -17.36 -0.18
CA ALA A 387 43.49 -16.40 -0.76
C ALA A 387 44.22 -15.71 -1.90
N ALA A 388 45.42 -15.21 -1.60
CA ALA A 388 46.22 -14.55 -2.60
C ALA A 388 46.50 -15.46 -3.81
N LYS A 389 46.84 -16.72 -3.55
CA LYS A 389 47.10 -17.63 -4.66
C LYS A 389 45.86 -17.72 -5.54
N VAL A 390 44.72 -17.93 -4.90
CA VAL A 390 43.45 -18.02 -5.62
C VAL A 390 43.20 -16.75 -6.43
N SER A 391 43.58 -15.59 -5.90
CA SER A 391 43.42 -14.34 -6.61
C SER A 391 44.32 -14.36 -7.83
N ILE A 392 45.59 -14.71 -7.59
CA ILE A 392 46.59 -14.78 -8.64
C ILE A 392 46.15 -15.80 -9.69
N ASP A 393 45.50 -16.86 -9.25
CA ASP A 393 45.04 -17.92 -10.13
C ASP A 393 43.77 -17.62 -10.91
N THR A 394 42.80 -16.95 -10.27
CA THR A 394 41.51 -16.70 -10.90
C THR A 394 40.98 -15.26 -10.97
N SER A 395 41.57 -14.35 -10.21
CA SER A 395 41.10 -12.97 -10.22
C SER A 395 39.61 -12.96 -9.87
N SER A 396 39.16 -13.95 -9.09
CA SER A 396 37.76 -14.03 -8.74
C SER A 396 37.39 -13.65 -7.31
N LEU A 397 38.33 -13.10 -6.56
CA LEU A 397 38.03 -12.75 -5.17
C LEU A 397 38.18 -11.27 -4.86
N GLN A 398 37.45 -10.81 -3.83
CA GLN A 398 37.58 -9.42 -3.40
C GLN A 398 37.86 -9.41 -1.90
N TYR A 399 38.43 -8.31 -1.43
CA TYR A 399 38.79 -8.21 -0.02
C TYR A 399 38.22 -6.98 0.66
N GLU A 400 37.73 -7.17 1.88
CA GLU A 400 37.16 -6.08 2.67
C GLU A 400 37.90 -6.04 4.01
N ASN A 401 38.16 -4.83 4.49
CA ASN A 401 38.87 -4.60 5.75
C ASN A 401 38.09 -5.00 7.00
N ASP A 402 38.28 -6.23 7.46
CA ASP A 402 37.60 -6.73 8.65
C ASP A 402 38.13 -6.07 9.93
N ASP A 403 39.34 -5.54 9.87
CA ASP A 403 39.92 -4.89 11.05
C ASP A 403 39.30 -3.50 11.22
N LEU A 404 38.57 -3.07 10.18
CA LEU A 404 37.91 -1.77 10.19
C LEU A 404 36.41 -1.89 10.50
N MET A 405 35.74 -2.83 9.85
CA MET A 405 34.31 -3.01 10.02
C MET A 405 33.88 -3.75 11.29
N ARG A 406 34.54 -4.87 11.59
CA ARG A 406 34.19 -5.64 12.78
C ARG A 406 34.14 -4.72 14.00
N PRO A 407 35.18 -3.88 14.19
CA PRO A 407 35.18 -2.98 15.34
C PRO A 407 34.21 -1.80 15.20
N ASP A 408 33.90 -1.42 13.97
CA ASP A 408 32.97 -0.32 13.75
C ASP A 408 31.58 -0.74 14.19
N PHE A 409 31.16 -1.92 13.77
CA PHE A 409 29.86 -2.46 14.17
C PHE A 409 30.01 -3.05 15.56
N ASN A 410 31.23 -3.37 15.93
CA ASN A 410 31.50 -4.02 17.20
C ASN A 410 30.64 -5.27 17.13
N ASN A 411 30.77 -5.98 16.02
CA ASN A 411 30.01 -7.20 15.76
C ASN A 411 30.82 -8.04 14.80
N ASP A 412 30.84 -9.35 15.03
CA ASP A 412 31.61 -10.22 14.15
C ASP A 412 30.73 -11.15 13.32
N ASP A 413 29.52 -10.69 13.03
CA ASP A 413 28.58 -11.47 12.24
C ASP A 413 27.85 -10.58 11.23
N TYR A 414 28.59 -9.64 10.66
CA TYR A 414 28.05 -8.73 9.66
C TYR A 414 28.47 -9.33 8.31
N ALA A 415 27.72 -9.06 7.25
CA ALA A 415 28.09 -9.59 5.94
C ALA A 415 28.11 -8.46 4.92
N ILE A 416 28.52 -8.77 3.70
CA ILE A 416 28.59 -7.76 2.65
C ILE A 416 27.49 -7.92 1.61
N ALA A 417 26.68 -6.89 1.47
CA ALA A 417 25.59 -6.92 0.50
C ALA A 417 26.14 -6.31 -0.79
N CYS A 418 25.95 -7.03 -1.88
CA CYS A 418 26.42 -6.61 -3.19
C CYS A 418 27.94 -6.52 -3.32
N CYS A 419 28.51 -5.33 -3.19
CA CYS A 419 29.95 -5.16 -3.34
C CYS A 419 30.72 -4.79 -2.08
N VAL A 420 30.29 -3.71 -1.45
CA VAL A 420 30.99 -3.20 -0.27
C VAL A 420 30.09 -2.68 0.84
N SER A 421 28.81 -3.00 0.77
CA SER A 421 27.85 -2.50 1.75
C SER A 421 27.62 -3.49 2.89
N PRO A 422 28.22 -3.21 4.05
CA PRO A 422 28.13 -4.03 5.26
C PRO A 422 26.85 -3.92 6.06
N MET A 423 26.44 -5.04 6.62
CA MET A 423 25.23 -5.08 7.44
C MET A 423 25.29 -6.26 8.40
N ILE A 424 24.84 -6.06 9.63
CA ILE A 424 24.83 -7.12 10.62
C ILE A 424 23.72 -8.09 10.24
N VAL A 425 24.10 -9.30 9.84
CA VAL A 425 23.15 -10.31 9.39
C VAL A 425 21.85 -10.49 10.20
N GLY A 426 20.73 -10.28 9.52
CA GLY A 426 19.42 -10.45 10.14
C GLY A 426 18.98 -9.31 11.03
N LYS A 427 19.82 -8.29 11.15
CA LYS A 427 19.48 -7.16 12.01
C LYS A 427 19.62 -5.81 11.31
N GLN A 428 20.05 -5.84 10.06
CA GLN A 428 20.27 -4.61 9.32
C GLN A 428 20.11 -4.77 7.81
N MET A 429 19.73 -3.70 7.14
CA MET A 429 19.57 -3.69 5.69
C MET A 429 19.85 -2.28 5.14
N GLN A 430 19.84 -2.16 3.82
CA GLN A 430 20.06 -0.88 3.18
C GLN A 430 18.94 -0.57 2.19
N PHE A 431 18.64 0.72 2.05
CA PHE A 431 17.67 1.20 1.08
C PHE A 431 18.61 1.59 -0.05
N PHE A 432 18.72 0.72 -1.05
CA PHE A 432 19.62 0.94 -2.18
C PHE A 432 19.31 2.25 -2.89
N GLY A 433 20.35 2.97 -3.28
CA GLY A 433 20.14 4.22 -3.96
C GLY A 433 20.95 4.43 -5.22
N ALA A 434 21.60 3.39 -5.72
CA ALA A 434 22.43 3.51 -6.93
C ALA A 434 23.46 4.61 -6.69
N ARG A 435 23.71 5.44 -7.70
CA ARG A 435 24.66 6.52 -7.53
C ARG A 435 24.34 7.75 -8.37
N ALA A 436 24.76 8.91 -7.88
CA ALA A 436 24.55 10.19 -8.55
C ALA A 436 25.81 10.61 -9.33
N ASN A 437 25.63 11.37 -10.39
CA ASN A 437 26.74 11.84 -11.21
C ASN A 437 27.35 13.09 -10.58
N LEU A 438 28.43 12.92 -9.81
CA LEU A 438 29.06 14.05 -9.14
C LEU A 438 29.78 14.97 -10.11
N ALA A 439 30.30 14.39 -11.18
CA ALA A 439 31.02 15.14 -12.18
C ALA A 439 30.12 16.18 -12.85
N LYS A 440 28.97 15.74 -13.34
CA LYS A 440 28.04 16.63 -14.01
C LYS A 440 27.59 17.74 -13.07
N THR A 441 27.58 17.46 -11.78
CA THR A 441 27.19 18.47 -10.81
C THR A 441 28.15 19.65 -10.92
N MET A 442 29.42 19.37 -11.13
CA MET A 442 30.40 20.43 -11.26
C MET A 442 30.13 21.22 -12.53
N LEU A 443 29.98 20.53 -13.64
CA LEU A 443 29.71 21.21 -14.91
C LEU A 443 28.52 22.15 -14.74
N TYR A 444 27.49 21.64 -14.08
CA TYR A 444 26.27 22.41 -13.83
C TYR A 444 26.59 23.69 -13.07
N ALA A 445 27.45 23.56 -12.06
CA ALA A 445 27.86 24.71 -11.26
C ALA A 445 28.50 25.75 -12.17
N ILE A 446 29.24 25.28 -13.15
CA ILE A 446 29.91 26.15 -14.10
C ILE A 446 28.97 26.71 -15.16
N ASN A 447 28.01 25.90 -15.60
CA ASN A 447 27.07 26.35 -16.62
C ASN A 447 25.71 26.75 -16.08
N GLY A 448 25.68 27.16 -14.82
CA GLY A 448 24.44 27.58 -14.21
C GLY A 448 23.27 26.62 -14.29
N GLY A 449 23.53 25.34 -14.10
CA GLY A 449 22.48 24.34 -14.12
C GLY A 449 21.97 23.89 -15.48
N VAL A 450 22.59 24.37 -16.55
CA VAL A 450 22.16 23.95 -17.86
C VAL A 450 22.97 22.74 -18.26
N ASP A 451 22.30 21.69 -18.73
CA ASP A 451 23.04 20.50 -19.12
C ASP A 451 23.87 20.77 -20.36
N GLU A 452 25.17 20.54 -20.23
CA GLU A 452 26.10 20.78 -21.31
C GLU A 452 25.87 19.98 -22.60
N LYS A 453 25.04 18.95 -22.56
CA LYS A 453 24.77 18.18 -23.78
C LYS A 453 23.39 18.46 -24.36
N LEU A 454 22.40 18.54 -23.49
CA LEU A 454 21.02 18.77 -23.91
C LEU A 454 20.67 20.25 -24.00
N LYS A 455 21.55 21.09 -23.48
CA LYS A 455 21.32 22.53 -23.49
C LYS A 455 19.93 22.89 -22.98
N MET A 456 19.57 22.32 -21.83
CA MET A 456 18.28 22.60 -21.23
C MET A 456 18.54 22.82 -19.74
N GLN A 457 17.62 23.49 -19.06
CA GLN A 457 17.80 23.76 -17.65
C GLN A 457 17.43 22.56 -16.80
N VAL A 458 18.42 22.01 -16.10
CA VAL A 458 18.20 20.86 -15.24
C VAL A 458 18.35 21.28 -13.79
N GLY A 459 19.52 21.82 -13.47
CA GLY A 459 19.77 22.27 -12.10
C GLY A 459 19.10 23.60 -11.85
N PRO A 460 19.28 24.19 -10.67
CA PRO A 460 18.64 25.48 -10.40
C PRO A 460 19.17 26.56 -11.33
N LYS A 461 18.26 27.35 -11.89
CA LYS A 461 18.63 28.41 -12.80
C LYS A 461 19.55 29.38 -12.08
N SER A 462 20.75 29.56 -12.60
CA SER A 462 21.71 30.47 -11.99
C SER A 462 22.65 31.02 -13.04
N GLU A 463 23.54 31.91 -12.63
CA GLU A 463 24.49 32.53 -13.53
C GLU A 463 25.73 31.69 -13.74
N PRO A 464 26.03 31.37 -15.00
CA PRO A 464 27.21 30.57 -15.34
C PRO A 464 28.48 31.33 -14.99
N ILE A 465 29.50 30.60 -14.53
CA ILE A 465 30.77 31.21 -14.19
C ILE A 465 31.42 31.83 -15.42
N LYS A 466 31.87 33.07 -15.28
CA LYS A 466 32.49 33.77 -16.39
C LYS A 466 33.97 34.09 -16.15
N GLY A 467 34.68 34.35 -17.24
CA GLY A 467 36.09 34.66 -17.17
C GLY A 467 36.84 33.79 -18.18
N ASP A 468 38.12 34.11 -18.43
CA ASP A 468 38.89 33.33 -19.37
C ASP A 468 39.46 32.11 -18.68
N VAL A 469 39.78 32.27 -17.40
CA VAL A 469 40.34 31.19 -16.60
C VAL A 469 39.51 30.93 -15.35
N LEU A 470 39.32 29.66 -15.04
CA LEU A 470 38.54 29.25 -13.90
C LEU A 470 39.26 29.45 -12.59
N ASN A 471 38.56 30.05 -11.64
CA ASN A 471 39.09 30.29 -10.32
C ASN A 471 38.59 29.15 -9.45
N TYR A 472 39.49 28.48 -8.72
CA TYR A 472 39.10 27.36 -7.86
C TYR A 472 38.06 27.70 -6.79
N ASP A 473 38.31 28.75 -6.02
CA ASP A 473 37.37 29.10 -4.97
C ASP A 473 35.96 29.37 -5.47
N GLU A 474 35.84 30.08 -6.59
CA GLU A 474 34.52 30.39 -7.12
C GLU A 474 33.85 29.08 -7.53
N VAL A 475 34.49 28.35 -8.44
CA VAL A 475 33.97 27.08 -8.92
C VAL A 475 33.58 26.14 -7.78
N MET A 476 34.39 26.12 -6.72
CA MET A 476 34.10 25.26 -5.59
C MET A 476 32.88 25.70 -4.81
N GLU A 477 32.61 27.00 -4.76
CA GLU A 477 31.45 27.48 -4.05
C GLU A 477 30.17 27.19 -4.83
N ARG A 478 30.24 27.40 -6.13
CA ARG A 478 29.09 27.16 -6.96
C ARG A 478 28.80 25.67 -6.88
N MET A 479 29.85 24.86 -6.97
CA MET A 479 29.69 23.42 -6.91
C MET A 479 29.09 22.98 -5.60
N ASP A 480 29.51 23.63 -4.53
CA ASP A 480 28.99 23.29 -3.22
C ASP A 480 27.48 23.51 -3.19
N HIS A 481 27.07 24.61 -3.78
CA HIS A 481 25.65 24.95 -3.86
C HIS A 481 24.91 23.88 -4.67
N PHE A 482 25.45 23.50 -5.82
CA PHE A 482 24.83 22.49 -6.64
C PHE A 482 24.78 21.12 -5.99
N MET A 483 25.70 20.88 -5.07
CA MET A 483 25.73 19.63 -4.35
C MET A 483 24.55 19.61 -3.40
N ASP A 484 24.24 20.78 -2.83
CA ASP A 484 23.10 20.93 -1.92
C ASP A 484 21.87 20.50 -2.68
N TRP A 485 21.76 21.01 -3.90
CA TRP A 485 20.65 20.70 -4.78
C TRP A 485 20.60 19.21 -5.13
N LEU A 486 21.76 18.66 -5.47
CA LEU A 486 21.84 17.25 -5.82
C LEU A 486 21.37 16.38 -4.64
N ALA A 487 21.86 16.69 -3.45
CA ALA A 487 21.46 15.94 -2.27
C ALA A 487 19.94 15.92 -2.12
N LYS A 488 19.32 17.09 -2.27
CA LYS A 488 17.87 17.25 -2.17
C LYS A 488 17.14 16.34 -3.16
N GLN A 489 17.44 16.49 -4.44
CA GLN A 489 16.82 15.67 -5.46
C GLN A 489 17.02 14.18 -5.21
N TYR A 490 18.27 13.81 -4.94
CA TYR A 490 18.63 12.42 -4.71
C TYR A 490 17.86 11.78 -3.57
N ILE A 491 17.84 12.43 -2.40
CA ILE A 491 17.12 11.88 -1.26
C ILE A 491 15.63 11.83 -1.51
N THR A 492 15.10 12.86 -2.15
CA THR A 492 13.68 12.91 -2.45
C THR A 492 13.32 11.72 -3.34
N ALA A 493 14.12 11.48 -4.37
CA ALA A 493 13.86 10.37 -5.27
C ALA A 493 13.88 9.05 -4.51
N LEU A 494 14.86 8.86 -3.64
CA LEU A 494 14.95 7.63 -2.88
C LEU A 494 13.77 7.49 -1.91
N ASN A 495 13.35 8.60 -1.29
CA ASN A 495 12.22 8.54 -0.38
C ASN A 495 11.00 7.99 -1.12
N ILE A 496 10.75 8.52 -2.31
CA ILE A 496 9.62 8.07 -3.13
C ILE A 496 9.78 6.58 -3.43
N ILE A 497 10.95 6.22 -3.93
CA ILE A 497 11.27 4.84 -4.30
C ILE A 497 11.08 3.81 -3.20
N HIS A 498 11.60 4.08 -2.02
CA HIS A 498 11.48 3.10 -0.94
C HIS A 498 10.12 3.03 -0.28
N TYR A 499 9.37 4.11 -0.38
CA TYR A 499 8.03 4.15 0.15
C TYR A 499 7.24 3.21 -0.77
N MET A 500 7.45 3.38 -2.08
CA MET A 500 6.76 2.54 -3.06
C MET A 500 7.19 1.09 -3.05
N HIS A 501 8.49 0.83 -2.85
CA HIS A 501 8.96 -0.55 -2.83
C HIS A 501 8.41 -1.29 -1.61
N ASP A 502 8.31 -0.60 -0.48
CA ASP A 502 7.76 -1.20 0.74
C ASP A 502 6.29 -1.52 0.50
N LYS A 503 5.63 -0.64 -0.24
CA LYS A 503 4.22 -0.83 -0.54
C LYS A 503 3.94 -1.88 -1.60
N TYR A 504 4.60 -1.79 -2.74
CA TYR A 504 4.33 -2.72 -3.84
C TYR A 504 5.25 -3.93 -4.04
N SER A 505 6.32 -4.04 -3.27
CA SER A 505 7.21 -5.18 -3.45
C SER A 505 8.01 -5.50 -2.20
N TYR A 506 7.32 -5.54 -1.06
CA TYR A 506 7.96 -5.85 0.20
C TYR A 506 8.56 -7.24 0.11
N GLU A 507 9.85 -7.35 0.43
CA GLU A 507 10.57 -8.60 0.35
C GLU A 507 10.29 -9.50 1.57
N ALA A 508 9.06 -10.02 1.64
CA ALA A 508 8.62 -10.85 2.74
C ALA A 508 9.52 -12.02 3.09
N SER A 509 9.85 -12.86 2.10
CA SER A 509 10.69 -14.03 2.39
C SER A 509 12.05 -13.66 2.99
N LEU A 510 12.59 -12.50 2.65
CA LEU A 510 13.87 -12.10 3.18
C LEU A 510 13.73 -11.44 4.56
N MET A 511 12.73 -10.60 4.71
CA MET A 511 12.51 -9.92 5.96
C MET A 511 12.07 -10.91 7.04
N ALA A 512 11.49 -12.02 6.60
CA ALA A 512 11.04 -13.08 7.52
C ALA A 512 12.26 -13.72 8.20
N LEU A 513 13.46 -13.48 7.65
CA LEU A 513 14.66 -14.04 8.23
C LEU A 513 15.51 -12.97 8.91
N HIS A 514 14.85 -11.93 9.39
CA HIS A 514 15.50 -10.84 10.12
C HIS A 514 14.78 -10.77 11.44
N ASP A 515 15.25 -9.91 12.33
CA ASP A 515 14.62 -9.69 13.63
C ASP A 515 13.35 -8.87 13.38
N ARG A 516 12.63 -8.54 14.44
CA ARG A 516 11.41 -7.75 14.27
C ARG A 516 11.74 -6.34 13.78
N ASP A 517 12.75 -5.72 14.38
CA ASP A 517 13.12 -4.36 14.01
C ASP A 517 14.45 -4.37 13.29
N VAL A 518 14.44 -3.94 12.04
CA VAL A 518 15.63 -3.94 11.22
C VAL A 518 16.18 -2.54 11.01
N ILE A 519 17.49 -2.40 11.15
CA ILE A 519 18.14 -1.12 10.94
C ILE A 519 18.20 -0.84 9.46
N ARG A 520 17.79 0.36 9.08
CA ARG A 520 17.80 0.75 7.68
C ARG A 520 18.66 1.97 7.43
N THR A 521 19.43 1.90 6.36
CA THR A 521 20.27 3.03 5.98
C THR A 521 19.81 3.46 4.58
N MET A 522 19.96 4.74 4.28
CA MET A 522 19.59 5.28 2.97
C MET A 522 20.92 5.46 2.24
N ALA A 523 21.35 4.40 1.55
CA ALA A 523 22.62 4.40 0.83
C ALA A 523 22.68 5.20 -0.48
N CYS A 524 23.39 6.31 -0.44
CA CYS A 524 23.54 7.15 -1.63
C CYS A 524 24.92 6.90 -2.23
N GLY A 525 24.97 6.76 -3.55
CA GLY A 525 26.23 6.51 -4.21
C GLY A 525 26.76 7.69 -4.97
N ILE A 526 28.08 7.79 -5.04
CA ILE A 526 28.76 8.87 -5.76
C ILE A 526 29.53 8.31 -6.94
N ALA A 527 29.22 8.81 -8.13
CA ALA A 527 29.90 8.35 -9.31
C ALA A 527 30.83 9.43 -9.82
N GLY A 528 31.93 9.01 -10.44
CA GLY A 528 32.90 9.96 -10.97
C GLY A 528 33.64 10.80 -9.94
N LEU A 529 33.92 10.24 -8.77
CA LEU A 529 34.63 11.00 -7.75
C LEU A 529 35.97 11.54 -8.24
N SER A 530 36.72 10.71 -8.95
CA SER A 530 38.02 11.11 -9.45
C SER A 530 37.97 12.16 -10.54
N VAL A 531 37.09 12.02 -11.52
CA VAL A 531 37.06 13.04 -12.55
C VAL A 531 36.72 14.36 -11.88
N ALA A 532 35.94 14.26 -10.81
CA ALA A 532 35.53 15.45 -10.07
C ALA A 532 36.72 16.08 -9.35
N ALA A 533 37.42 15.26 -8.56
CA ALA A 533 38.58 15.75 -7.82
C ALA A 533 39.70 16.24 -8.74
N ASP A 534 40.02 15.47 -9.77
CA ASP A 534 41.07 15.88 -10.70
C ASP A 534 40.69 17.20 -11.35
N SER A 535 39.43 17.35 -11.73
CA SER A 535 38.97 18.57 -12.37
C SER A 535 39.16 19.78 -11.46
N LEU A 536 38.99 19.58 -10.16
CA LEU A 536 39.18 20.67 -9.20
C LEU A 536 40.67 21.01 -9.16
N SER A 537 41.49 19.97 -9.14
CA SER A 537 42.94 20.12 -9.12
C SER A 537 43.42 20.89 -10.34
N ALA A 538 42.92 20.51 -11.51
CA ALA A 538 43.31 21.17 -12.74
C ALA A 538 43.04 22.67 -12.66
N ILE A 539 41.90 23.02 -12.08
CA ILE A 539 41.49 24.41 -11.94
C ILE A 539 42.32 25.12 -10.87
N LYS A 540 42.61 24.40 -9.79
CA LYS A 540 43.36 24.96 -8.68
C LYS A 540 44.86 25.08 -8.94
N TYR A 541 45.47 24.01 -9.41
CA TYR A 541 46.90 24.00 -9.67
C TYR A 541 47.31 24.15 -11.13
N ALA A 542 46.51 24.86 -11.92
CA ALA A 542 46.83 25.05 -13.32
C ALA A 542 45.91 26.08 -13.94
N LYS A 543 46.04 26.29 -15.24
CA LYS A 543 45.19 27.26 -15.90
C LYS A 543 44.20 26.56 -16.82
N VAL A 544 42.97 26.43 -16.33
CA VAL A 544 41.93 25.79 -17.11
C VAL A 544 41.12 26.90 -17.79
N LYS A 545 41.12 26.89 -19.11
CA LYS A 545 40.41 27.89 -19.89
C LYS A 545 39.19 27.30 -20.58
N PRO A 546 37.98 27.67 -20.10
CA PRO A 546 36.72 27.19 -20.66
C PRO A 546 36.45 27.70 -22.07
N ILE A 547 35.96 26.82 -22.93
CA ILE A 547 35.65 27.18 -24.30
C ILE A 547 34.13 27.19 -24.45
N ARG A 548 33.54 28.37 -24.32
CA ARG A 548 32.09 28.50 -24.39
C ARG A 548 31.52 28.54 -25.80
N ASP A 549 30.27 28.09 -25.94
CA ASP A 549 29.61 28.08 -27.24
C ASP A 549 28.84 29.38 -27.43
N GLU A 550 28.10 29.46 -28.52
CA GLU A 550 27.32 30.63 -28.86
C GLU A 550 26.52 31.20 -27.68
N ASP A 551 26.08 30.34 -26.78
CA ASP A 551 25.29 30.78 -25.64
C ASP A 551 26.06 30.95 -24.34
N GLY A 552 27.38 30.84 -24.42
CA GLY A 552 28.21 30.99 -23.23
C GLY A 552 28.28 29.74 -22.39
N LEU A 553 27.89 28.63 -23.00
CA LEU A 553 27.89 27.34 -22.34
C LEU A 553 29.27 26.72 -22.49
N ALA A 554 29.90 26.36 -21.37
CA ALA A 554 31.23 25.76 -21.40
C ALA A 554 31.18 24.34 -21.96
N ILE A 555 31.51 24.18 -23.25
CA ILE A 555 31.47 22.87 -23.87
C ILE A 555 32.83 22.18 -24.00
N ASP A 556 33.86 22.80 -23.46
CA ASP A 556 35.19 22.23 -23.53
C ASP A 556 36.14 23.04 -22.66
N PHE A 557 37.30 22.47 -22.38
CA PHE A 557 38.28 23.16 -21.56
C PHE A 557 39.69 23.03 -22.10
N GLU A 558 40.45 24.10 -21.98
CA GLU A 558 41.82 24.15 -22.43
C GLU A 558 42.64 24.21 -21.16
N ILE A 559 43.60 23.30 -21.01
CA ILE A 559 44.40 23.31 -19.81
C ILE A 559 45.86 23.64 -20.10
N GLU A 560 46.45 24.42 -19.20
CA GLU A 560 47.84 24.81 -19.33
C GLU A 560 48.57 24.54 -18.02
N GLY A 561 49.62 23.72 -18.11
CA GLY A 561 50.40 23.39 -16.94
C GLY A 561 49.83 22.19 -16.22
N GLU A 562 50.60 21.10 -16.20
CA GLU A 562 50.15 19.89 -15.54
C GLU A 562 49.73 20.12 -14.10
N TYR A 563 48.89 19.22 -13.60
CA TYR A 563 48.36 19.30 -12.24
C TYR A 563 48.33 17.92 -11.59
N PRO A 564 48.29 17.86 -10.25
CA PRO A 564 48.25 16.56 -9.57
C PRO A 564 46.94 15.81 -9.83
N GLN A 565 47.03 14.49 -9.93
CA GLN A 565 45.85 13.66 -10.18
C GLN A 565 45.68 12.62 -9.09
N PHE A 566 44.46 12.16 -8.91
CA PHE A 566 44.17 11.19 -7.89
C PHE A 566 44.80 9.83 -8.14
N GLY A 567 45.38 9.24 -7.11
CA GLY A 567 46.01 7.94 -7.25
C GLY A 567 47.52 7.92 -7.24
N ASN A 568 48.14 9.06 -6.94
CA ASN A 568 49.60 9.13 -6.90
C ASN A 568 50.05 9.58 -5.53
N ASN A 569 49.18 9.34 -4.54
CA ASN A 569 49.44 9.70 -3.16
C ASN A 569 49.91 11.15 -2.97
N ASP A 570 49.36 12.06 -3.75
CA ASP A 570 49.70 13.48 -3.67
C ASP A 570 48.57 14.21 -2.95
N PRO A 571 48.77 14.55 -1.67
CA PRO A 571 47.77 15.25 -0.87
C PRO A 571 47.08 16.43 -1.54
N ARG A 572 47.72 17.04 -2.54
CA ARG A 572 47.10 18.18 -3.21
C ARG A 572 45.79 17.82 -3.92
N VAL A 573 45.72 16.63 -4.53
CA VAL A 573 44.50 16.18 -5.18
C VAL A 573 43.73 15.34 -4.17
N ASP A 574 44.42 14.35 -3.63
CA ASP A 574 43.85 13.43 -2.66
C ASP A 574 43.03 14.14 -1.58
N ASP A 575 43.50 15.28 -1.10
CA ASP A 575 42.76 16.03 -0.08
C ASP A 575 41.41 16.50 -0.64
N LEU A 576 41.39 16.89 -1.91
CA LEU A 576 40.17 17.35 -2.55
C LEU A 576 39.10 16.24 -2.61
N ALA A 577 39.52 15.06 -3.05
CA ALA A 577 38.63 13.92 -3.13
C ALA A 577 38.03 13.65 -1.75
N VAL A 578 38.90 13.60 -0.75
CA VAL A 578 38.48 13.36 0.62
C VAL A 578 37.50 14.44 1.06
N ASP A 579 37.73 15.66 0.58
CA ASP A 579 36.85 16.79 0.92
C ASP A 579 35.46 16.59 0.33
N LEU A 580 35.41 16.29 -0.97
CA LEU A 580 34.15 16.05 -1.67
C LEU A 580 33.34 14.98 -0.91
N VAL A 581 33.97 13.85 -0.67
CA VAL A 581 33.32 12.76 0.05
C VAL A 581 32.68 13.31 1.32
N GLU A 582 33.45 14.08 2.07
CA GLU A 582 32.94 14.67 3.30
C GLU A 582 31.77 15.59 3.06
N ARG A 583 31.95 16.53 2.13
CA ARG A 583 30.90 17.48 1.83
C ARG A 583 29.56 16.86 1.56
N PHE A 584 29.49 16.02 0.54
CA PHE A 584 28.23 15.38 0.18
C PHE A 584 27.61 14.64 1.35
N MET A 585 28.40 13.84 2.05
CA MET A 585 27.88 13.09 3.18
C MET A 585 27.22 14.02 4.20
N LYS A 586 27.88 15.14 4.49
CA LYS A 586 27.36 16.10 5.46
C LYS A 586 26.07 16.74 4.98
N LYS A 587 25.90 16.85 3.67
CA LYS A 587 24.69 17.44 3.11
C LYS A 587 23.47 16.52 3.19
N ILE A 588 23.56 15.31 2.64
CA ILE A 588 22.45 14.38 2.68
C ILE A 588 22.10 14.05 4.12
N GLN A 589 23.05 14.27 5.01
CA GLN A 589 22.86 13.95 6.42
C GLN A 589 21.80 14.79 7.12
N LYS A 590 21.53 15.97 6.59
CA LYS A 590 20.57 16.88 7.19
C LYS A 590 19.12 16.57 6.78
N LEU A 591 18.97 15.99 5.60
CA LEU A 591 17.67 15.68 5.02
C LEU A 591 16.86 14.55 5.66
N HIS A 592 15.54 14.73 5.71
CA HIS A 592 14.65 13.73 6.28
C HIS A 592 14.50 12.59 5.29
N THR A 593 14.40 11.36 5.81
CA THR A 593 14.25 10.20 4.95
C THR A 593 13.09 9.30 5.35
N TYR A 594 12.61 8.51 4.39
CA TYR A 594 11.52 7.58 4.61
C TYR A 594 11.92 6.55 5.66
N ARG A 595 10.99 6.22 6.55
CA ARG A 595 11.26 5.26 7.62
C ARG A 595 12.52 5.64 8.39
N ASP A 596 12.89 6.90 8.31
CA ASP A 596 14.08 7.40 9.01
C ASP A 596 15.29 6.54 8.74
N ALA A 597 15.46 6.14 7.50
CA ALA A 597 16.62 5.34 7.15
C ALA A 597 17.80 6.29 7.30
N ILE A 598 18.83 5.84 7.99
CA ILE A 598 19.99 6.70 8.21
C ILE A 598 20.81 6.87 6.95
N PRO A 599 20.84 8.10 6.41
CA PRO A 599 21.60 8.33 5.20
C PRO A 599 23.06 7.94 5.32
N THR A 600 23.57 7.20 4.34
CA THR A 600 24.96 6.80 4.32
C THR A 600 25.46 7.03 2.90
N GLN A 601 26.77 6.95 2.71
CA GLN A 601 27.33 7.17 1.39
C GLN A 601 28.24 6.04 0.97
N SER A 602 28.49 5.97 -0.33
CA SER A 602 29.36 4.96 -0.89
C SER A 602 29.92 5.50 -2.19
N VAL A 603 31.19 5.22 -2.44
CA VAL A 603 31.80 5.62 -3.69
C VAL A 603 31.79 4.35 -4.51
N LEU A 604 30.65 4.07 -5.12
CA LEU A 604 30.44 2.86 -5.91
C LEU A 604 29.75 3.27 -7.20
N THR A 605 30.03 2.59 -8.30
CA THR A 605 29.41 2.98 -9.56
C THR A 605 28.87 1.84 -10.37
N ILE A 606 29.54 0.70 -10.28
CA ILE A 606 29.17 -0.46 -11.09
C ILE A 606 29.40 0.07 -12.50
N THR A 607 28.58 -0.32 -13.47
CA THR A 607 28.79 0.14 -14.83
C THR A 607 28.29 1.59 -15.04
N SER A 608 27.88 2.23 -13.96
CA SER A 608 27.41 3.61 -14.04
C SER A 608 28.54 4.53 -14.46
N ASN A 609 29.77 4.07 -14.29
CA ASN A 609 30.91 4.89 -14.68
C ASN A 609 30.86 5.06 -16.20
N VAL A 610 30.43 4.01 -16.90
CA VAL A 610 30.34 4.06 -18.34
C VAL A 610 29.12 4.85 -18.80
N VAL A 611 27.97 4.56 -18.21
CA VAL A 611 26.75 5.24 -18.58
C VAL A 611 26.82 6.74 -18.28
N TYR A 612 27.13 7.11 -17.04
CA TYR A 612 27.24 8.52 -16.68
C TYR A 612 28.31 9.22 -17.54
N GLY A 613 29.43 8.52 -17.76
CA GLY A 613 30.49 9.10 -18.56
C GLY A 613 30.02 9.36 -19.98
N LYS A 614 29.21 8.45 -20.50
CA LYS A 614 28.68 8.57 -21.85
C LYS A 614 27.80 9.81 -21.98
N LYS A 615 27.09 10.14 -20.91
CA LYS A 615 26.18 11.28 -20.87
C LYS A 615 26.81 12.56 -20.31
N THR A 616 28.13 12.58 -20.13
CA THR A 616 28.78 13.76 -19.60
C THR A 616 29.78 14.32 -20.60
N GLY A 617 29.73 15.63 -20.80
CA GLY A 617 30.62 16.28 -21.75
C GLY A 617 32.02 16.50 -21.22
N ASN A 618 32.83 17.20 -22.02
CA ASN A 618 34.21 17.49 -21.64
C ASN A 618 34.26 18.09 -20.25
N THR A 619 35.19 17.61 -19.43
CA THR A 619 35.33 18.13 -18.08
C THR A 619 36.69 18.79 -17.89
N PRO A 620 36.79 19.69 -16.89
CA PRO A 620 37.99 20.45 -16.53
C PRO A 620 39.27 19.63 -16.34
N ASP A 621 39.12 18.38 -15.91
CA ASP A 621 40.27 17.54 -15.71
C ASP A 621 40.89 17.11 -17.02
N GLY A 622 40.16 17.33 -18.11
CA GLY A 622 40.68 16.94 -19.41
C GLY A 622 39.94 15.77 -20.04
N ARG A 623 39.17 15.03 -19.24
CA ARG A 623 38.42 13.89 -19.76
C ARG A 623 37.53 14.37 -20.90
N ARG A 624 37.58 13.68 -22.02
CA ARG A 624 36.78 14.06 -23.17
C ARG A 624 35.33 13.60 -22.99
N ALA A 625 34.41 14.26 -23.69
CA ALA A 625 32.98 13.94 -23.60
C ALA A 625 32.70 12.47 -23.98
N GLY A 626 31.79 11.85 -23.24
CA GLY A 626 31.43 10.46 -23.51
C GLY A 626 32.36 9.40 -22.93
N ALA A 627 33.50 9.84 -22.42
CA ALA A 627 34.47 8.93 -21.83
C ALA A 627 34.01 8.46 -20.48
N PRO A 628 34.14 7.17 -20.20
CA PRO A 628 33.71 6.63 -18.91
C PRO A 628 34.56 7.10 -17.74
N PHE A 629 33.92 7.29 -16.59
CA PHE A 629 34.61 7.70 -15.39
C PHE A 629 35.31 6.46 -14.91
N GLY A 630 36.05 6.60 -13.82
CA GLY A 630 36.73 5.43 -13.28
C GLY A 630 35.73 4.64 -12.48
N PRO A 631 35.91 3.32 -12.38
CA PRO A 631 34.97 2.51 -11.61
C PRO A 631 35.07 2.89 -10.13
N GLY A 632 33.94 2.87 -9.45
CA GLY A 632 33.93 3.20 -8.03
C GLY A 632 34.76 4.41 -7.64
N ALA A 633 35.74 4.20 -6.77
CA ALA A 633 36.60 5.27 -6.31
C ALA A 633 37.96 5.25 -6.97
N ASN A 634 38.07 4.54 -8.09
CA ASN A 634 39.33 4.44 -8.80
C ASN A 634 39.79 5.74 -9.43
N PRO A 635 41.10 5.87 -9.65
CA PRO A 635 41.60 7.10 -10.26
C PRO A 635 41.17 6.97 -11.71
N MET A 636 41.17 8.06 -12.46
CA MET A 636 40.76 7.98 -13.85
C MET A 636 41.74 7.11 -14.63
N HIS A 637 41.22 6.41 -15.64
CA HIS A 637 42.02 5.51 -16.47
C HIS A 637 43.46 5.97 -16.75
N GLY A 638 44.41 5.24 -16.19
CA GLY A 638 45.82 5.50 -16.39
C GLY A 638 46.48 6.66 -15.65
N ARG A 639 45.72 7.42 -14.87
CA ARG A 639 46.31 8.55 -14.17
C ARG A 639 47.11 8.18 -12.94
N ASP A 640 46.94 6.95 -12.44
CA ASP A 640 47.71 6.50 -11.28
C ASP A 640 48.93 5.77 -11.81
N GLN A 641 49.99 6.52 -12.06
CA GLN A 641 51.21 5.92 -12.61
C GLN A 641 52.43 5.93 -11.71
N LYS A 642 52.21 5.86 -10.41
CA LYS A 642 53.33 5.83 -9.49
C LYS A 642 53.35 4.52 -8.71
N GLY A 643 52.89 3.47 -9.37
CA GLY A 643 52.88 2.15 -8.76
C GLY A 643 51.74 1.84 -7.81
N ALA A 644 51.56 0.56 -7.55
CA ALA A 644 50.51 0.06 -6.67
C ALA A 644 50.41 0.78 -5.33
N VAL A 645 51.50 0.75 -4.55
CA VAL A 645 51.49 1.38 -3.24
C VAL A 645 51.03 2.84 -3.27
N ALA A 646 51.37 3.54 -4.35
CA ALA A 646 50.97 4.94 -4.48
C ALA A 646 49.46 5.06 -4.58
N SER A 647 48.88 4.35 -5.54
CA SER A 647 47.43 4.37 -5.74
C SER A 647 46.67 3.76 -4.57
N LEU A 648 47.18 2.68 -4.00
CA LEU A 648 46.52 2.07 -2.85
C LEU A 648 46.43 3.07 -1.72
N THR A 649 47.54 3.79 -1.50
CA THR A 649 47.61 4.78 -0.45
C THR A 649 46.61 5.92 -0.66
N SER A 650 46.42 6.33 -1.91
CA SER A 650 45.48 7.40 -2.23
C SER A 650 44.04 6.99 -1.90
N VAL A 651 43.61 5.86 -2.44
CA VAL A 651 42.25 5.33 -2.22
C VAL A 651 41.96 5.06 -0.75
N ALA A 652 42.95 4.58 -0.02
CA ALA A 652 42.77 4.30 1.40
C ALA A 652 42.60 5.59 2.19
N LYS A 653 43.01 6.71 1.60
CA LYS A 653 42.88 7.99 2.27
C LYS A 653 41.40 8.37 2.37
N LEU A 654 40.59 7.87 1.44
CA LEU A 654 39.17 8.15 1.43
C LEU A 654 38.55 7.67 2.74
N PRO A 655 37.83 8.56 3.44
CA PRO A 655 37.17 8.28 4.72
C PRO A 655 35.94 7.37 4.75
N PHE A 656 36.10 6.17 5.30
CA PHE A 656 34.99 5.24 5.43
C PHE A 656 34.02 5.81 6.47
N ALA A 657 34.45 6.86 7.16
CA ALA A 657 33.65 7.51 8.18
C ALA A 657 32.55 8.37 7.56
N TYR A 658 32.67 8.61 6.25
CA TYR A 658 31.69 9.39 5.52
C TYR A 658 31.12 8.61 4.34
N ALA A 659 31.59 7.37 4.21
CA ALA A 659 31.16 6.48 3.14
C ALA A 659 30.94 5.12 3.77
N LYS A 660 30.04 5.07 4.75
CA LYS A 660 29.75 3.82 5.43
C LYS A 660 29.14 2.77 4.53
N ASP A 661 28.66 3.17 3.35
CA ASP A 661 28.05 2.22 2.43
C ASP A 661 29.11 1.55 1.58
N GLY A 662 30.36 1.96 1.78
CA GLY A 662 31.48 1.37 1.06
C GLY A 662 32.27 2.26 0.12
N ILE A 663 33.52 1.87 -0.12
CA ILE A 663 34.42 2.58 -1.03
C ILE A 663 35.06 1.48 -1.89
N SER A 664 34.62 1.39 -3.15
CA SER A 664 35.11 0.37 -4.07
C SER A 664 36.36 0.74 -4.83
N TYR A 665 37.36 -0.14 -4.77
CA TYR A 665 38.59 0.09 -5.51
C TYR A 665 38.98 -1.15 -6.29
N THR A 666 39.01 -1.03 -7.61
CA THR A 666 39.38 -2.14 -8.47
C THR A 666 40.87 -2.03 -8.75
N PHE A 667 41.64 -2.98 -8.22
CA PHE A 667 43.09 -3.03 -8.37
C PHE A 667 43.55 -4.14 -9.33
N SER A 668 44.08 -3.74 -10.48
CA SER A 668 44.57 -4.70 -11.46
C SER A 668 46.10 -4.60 -11.52
N ILE A 669 46.77 -5.74 -11.35
CA ILE A 669 48.22 -5.79 -11.37
C ILE A 669 48.75 -6.92 -12.25
N VAL A 670 49.83 -6.64 -12.97
CA VAL A 670 50.46 -7.62 -13.84
C VAL A 670 51.23 -8.62 -12.96
N PRO A 671 51.16 -9.92 -13.28
CA PRO A 671 51.82 -10.99 -12.53
C PRO A 671 53.22 -10.66 -12.03
N ASN A 672 54.10 -10.34 -12.96
CA ASN A 672 55.48 -10.02 -12.60
C ASN A 672 55.65 -8.94 -11.56
N ALA A 673 54.75 -7.96 -11.53
CA ALA A 673 54.87 -6.89 -10.54
C ALA A 673 54.82 -7.45 -9.13
N LEU A 674 54.33 -8.68 -9.00
CA LEU A 674 54.20 -9.34 -7.71
C LEU A 674 55.35 -10.29 -7.36
N GLY A 675 56.20 -10.59 -8.34
CA GLY A 675 57.33 -11.48 -8.08
C GLY A 675 57.64 -12.37 -9.26
N LYS A 676 58.76 -13.10 -9.17
CA LYS A 676 59.18 -14.01 -10.22
C LYS A 676 58.35 -15.28 -10.22
N ASP A 677 58.08 -15.81 -9.03
CA ASP A 677 57.29 -17.02 -8.86
C ASP A 677 56.06 -16.76 -8.00
N ASP A 678 55.17 -17.75 -7.94
CA ASP A 678 53.95 -17.63 -7.17
C ASP A 678 54.17 -17.54 -5.67
N GLU A 679 55.26 -18.11 -5.15
CA GLU A 679 55.51 -18.03 -3.73
C GLU A 679 55.81 -16.60 -3.32
N VAL A 680 56.56 -15.90 -4.15
CA VAL A 680 56.91 -14.51 -3.89
C VAL A 680 55.65 -13.68 -4.14
N ARG A 681 54.89 -14.06 -5.17
CA ARG A 681 53.66 -13.35 -5.49
C ARG A 681 52.64 -13.42 -4.37
N LYS A 682 52.42 -14.62 -3.82
CA LYS A 682 51.48 -14.80 -2.72
C LYS A 682 51.86 -13.83 -1.61
N THR A 683 53.04 -14.08 -1.05
CA THR A 683 53.56 -13.27 0.04
C THR A 683 53.48 -11.76 -0.22
N ASN A 684 53.82 -11.33 -1.43
CA ASN A 684 53.78 -9.92 -1.76
C ASN A 684 52.36 -9.36 -1.80
N LEU A 685 51.47 -10.07 -2.50
CA LEU A 685 50.08 -9.68 -2.61
C LEU A 685 49.48 -9.55 -1.21
N ALA A 686 49.66 -10.58 -0.39
CA ALA A 686 49.16 -10.57 0.98
C ALA A 686 49.77 -9.43 1.78
N GLY A 687 51.06 -9.19 1.56
CA GLY A 687 51.74 -8.11 2.26
C GLY A 687 51.19 -6.77 1.83
N LEU A 688 50.90 -6.64 0.54
CA LEU A 688 50.35 -5.41 -0.02
C LEU A 688 49.03 -5.08 0.66
N MET A 689 48.16 -6.09 0.73
CA MET A 689 46.85 -5.94 1.35
C MET A 689 46.99 -5.62 2.83
N ASP A 690 47.92 -6.29 3.51
CA ASP A 690 48.12 -6.02 4.93
C ASP A 690 48.42 -4.54 5.11
N GLY A 691 49.18 -3.99 4.17
CA GLY A 691 49.52 -2.58 4.23
C GLY A 691 48.35 -1.68 3.91
N TYR A 692 47.61 -2.03 2.86
CA TYR A 692 46.45 -1.27 2.43
C TYR A 692 45.35 -1.29 3.49
N PHE A 693 45.07 -2.48 4.02
CA PHE A 693 44.04 -2.63 5.04
C PHE A 693 44.54 -2.29 6.42
N HIS A 694 45.82 -1.93 6.55
CA HIS A 694 46.36 -1.61 7.86
C HIS A 694 45.48 -0.62 8.60
N HIS A 695 45.03 -1.01 9.78
CA HIS A 695 44.15 -0.17 10.59
C HIS A 695 44.69 0.21 11.96
N GLU A 696 44.50 1.47 12.31
CA GLU A 696 44.92 2.05 13.60
C GLU A 696 43.94 3.14 14.00
N ALA A 697 44.08 3.66 15.21
CA ALA A 697 43.20 4.73 15.66
C ALA A 697 43.53 6.00 14.88
N SER A 698 44.71 6.03 14.30
CA SER A 698 45.15 7.18 13.53
C SER A 698 44.97 6.97 12.03
N ILE A 699 45.20 5.75 11.57
CA ILE A 699 45.06 5.45 10.16
C ILE A 699 43.89 4.48 9.96
N GLU A 700 42.83 4.98 9.32
CA GLU A 700 41.63 4.20 9.07
C GLU A 700 41.91 2.99 8.19
N GLY A 701 42.59 3.21 7.07
CA GLY A 701 42.91 2.11 6.17
C GLY A 701 41.90 1.93 5.05
N GLY A 702 42.24 1.09 4.08
CA GLY A 702 41.35 0.82 2.96
C GLY A 702 40.15 0.00 3.38
N GLN A 703 39.03 0.18 2.69
CA GLN A 703 37.80 -0.54 3.02
C GLN A 703 37.60 -1.77 2.14
N HIS A 704 37.88 -1.64 0.84
CA HIS A 704 37.68 -2.74 -0.08
C HIS A 704 38.79 -2.83 -1.12
N LEU A 705 38.87 -3.97 -1.78
CA LEU A 705 39.86 -4.15 -2.81
C LEU A 705 39.57 -5.31 -3.75
N ASN A 706 39.35 -4.99 -5.03
CA ASN A 706 39.14 -6.02 -6.04
C ASN A 706 40.55 -6.38 -6.45
N VAL A 707 40.80 -7.64 -6.78
CA VAL A 707 42.16 -7.98 -7.18
C VAL A 707 42.23 -8.76 -8.47
N ASN A 708 42.73 -8.09 -9.50
CA ASN A 708 42.89 -8.70 -10.80
C ASN A 708 44.37 -8.92 -11.07
N VAL A 709 44.74 -10.17 -11.31
CA VAL A 709 46.12 -10.49 -11.58
C VAL A 709 46.21 -11.11 -12.97
N MET A 710 46.57 -10.30 -13.96
CA MET A 710 46.72 -10.78 -15.34
C MET A 710 47.34 -9.74 -16.26
N ASN A 711 47.59 -10.13 -17.50
CA ASN A 711 48.19 -9.23 -18.47
C ASN A 711 47.20 -8.71 -19.49
N ARG A 712 47.19 -7.39 -19.64
CA ARG A 712 46.32 -6.71 -20.58
C ARG A 712 46.28 -7.44 -21.93
N GLU A 713 47.36 -8.17 -22.22
CA GLU A 713 47.45 -8.92 -23.46
C GLU A 713 46.45 -10.05 -23.50
N MET A 714 46.42 -10.82 -22.42
CA MET A 714 45.52 -11.96 -22.31
C MET A 714 44.10 -11.55 -22.65
N LEU A 715 43.69 -10.38 -22.20
CA LEU A 715 42.35 -9.89 -22.46
C LEU A 715 42.17 -9.60 -23.95
N LEU A 716 43.14 -8.92 -24.55
CA LEU A 716 43.06 -8.60 -25.98
C LEU A 716 42.90 -9.89 -26.75
N ASP A 717 43.61 -10.92 -26.31
CA ASP A 717 43.52 -12.22 -26.95
C ASP A 717 42.09 -12.74 -26.75
N ALA A 718 41.61 -12.65 -25.51
CA ALA A 718 40.27 -13.11 -25.18
C ALA A 718 39.21 -12.42 -26.04
N MET A 719 39.40 -11.13 -26.30
CA MET A 719 38.45 -10.37 -27.12
C MET A 719 38.30 -10.96 -28.52
N GLU A 720 39.40 -11.50 -29.05
CA GLU A 720 39.36 -12.09 -30.38
C GLU A 720 39.10 -13.59 -30.34
N ASN A 721 39.62 -14.25 -29.30
CA ASN A 721 39.44 -15.69 -29.13
C ASN A 721 38.52 -15.98 -27.95
N PRO A 722 37.25 -15.57 -28.03
CA PRO A 722 36.29 -15.78 -26.96
C PRO A 722 36.17 -17.24 -26.54
N GLU A 723 35.86 -18.11 -27.49
CA GLU A 723 35.69 -19.52 -27.21
C GLU A 723 36.88 -20.16 -26.51
N LYS A 724 37.98 -19.41 -26.38
CA LYS A 724 39.19 -19.93 -25.72
C LYS A 724 39.18 -19.78 -24.19
N TYR A 725 38.53 -18.73 -23.69
CA TYR A 725 38.44 -18.49 -22.25
C TYR A 725 36.98 -18.44 -21.79
N PRO A 726 36.23 -19.54 -21.96
CA PRO A 726 34.82 -19.54 -21.55
C PRO A 726 34.54 -19.13 -20.11
N GLN A 727 35.44 -19.45 -19.19
CA GLN A 727 35.22 -19.10 -17.79
C GLN A 727 36.11 -17.99 -17.27
N LEU A 728 36.77 -17.26 -18.17
CA LEU A 728 37.63 -16.16 -17.76
C LEU A 728 36.85 -15.16 -16.91
N THR A 729 37.28 -14.99 -15.67
CA THR A 729 36.59 -14.07 -14.76
C THR A 729 37.48 -12.88 -14.40
N ILE A 730 36.88 -11.71 -14.28
CA ILE A 730 37.60 -10.48 -13.92
C ILE A 730 36.79 -9.61 -12.96
N ARG A 731 37.49 -8.90 -12.07
CA ARG A 731 36.84 -7.99 -11.14
C ARG A 731 36.70 -6.68 -11.93
N VAL A 732 35.52 -6.06 -11.89
CA VAL A 732 35.31 -4.85 -12.66
C VAL A 732 34.81 -3.60 -11.95
N SER A 733 34.31 -3.74 -10.72
CA SER A 733 33.82 -2.56 -10.01
C SER A 733 33.36 -2.82 -8.57
N GLY A 734 33.54 -4.05 -8.11
CA GLY A 734 33.13 -4.43 -6.76
C GLY A 734 32.46 -5.78 -6.85
N TYR A 735 32.51 -6.33 -8.06
CA TYR A 735 31.94 -7.63 -8.41
C TYR A 735 32.75 -8.20 -9.59
N ALA A 736 32.56 -9.47 -9.88
CA ALA A 736 33.27 -10.10 -10.98
C ALA A 736 32.30 -10.43 -12.10
N VAL A 737 32.84 -10.64 -13.30
CA VAL A 737 32.02 -11.00 -14.44
C VAL A 737 32.85 -11.87 -15.36
N ARG A 738 32.19 -12.68 -16.17
CA ARG A 738 32.93 -13.48 -17.15
C ARG A 738 33.24 -12.45 -18.22
N PHE A 739 34.49 -12.41 -18.68
CA PHE A 739 34.87 -11.43 -19.69
C PHE A 739 33.95 -11.53 -20.92
N ASN A 740 33.54 -12.74 -21.27
CA ASN A 740 32.68 -12.93 -22.44
C ASN A 740 31.24 -12.50 -22.25
N SER A 741 30.85 -12.16 -21.03
CA SER A 741 29.48 -11.72 -20.76
C SER A 741 29.31 -10.23 -21.02
N LEU A 742 30.44 -9.54 -21.18
CA LEU A 742 30.44 -8.10 -21.41
C LEU A 742 30.24 -7.79 -22.89
N THR A 743 29.86 -6.54 -23.17
CA THR A 743 29.66 -6.07 -24.54
C THR A 743 31.00 -5.54 -25.01
N LYS A 744 31.12 -5.31 -26.32
CA LYS A 744 32.37 -4.82 -26.86
C LYS A 744 32.76 -3.47 -26.26
N GLU A 745 31.77 -2.62 -26.03
CA GLU A 745 32.02 -1.30 -25.46
C GLU A 745 32.39 -1.39 -23.98
N GLN A 746 31.86 -2.40 -23.28
CA GLN A 746 32.15 -2.58 -21.87
C GLN A 746 33.53 -3.21 -21.72
N GLN A 747 33.92 -4.05 -22.67
CA GLN A 747 35.24 -4.67 -22.64
C GLN A 747 36.24 -3.54 -22.87
N GLN A 748 35.82 -2.62 -23.74
CA GLN A 748 36.62 -1.45 -24.09
C GLN A 748 37.03 -0.69 -22.84
N ASP A 749 36.08 -0.50 -21.93
CA ASP A 749 36.35 0.19 -20.68
C ASP A 749 37.43 -0.56 -19.90
N VAL A 750 37.31 -1.90 -19.88
CA VAL A 750 38.25 -2.76 -19.15
C VAL A 750 39.69 -2.65 -19.67
N ILE A 751 39.90 -3.07 -20.91
CA ILE A 751 41.24 -3.02 -21.51
C ILE A 751 41.90 -1.65 -21.46
N THR A 752 41.10 -0.59 -21.44
CA THR A 752 41.65 0.76 -21.40
C THR A 752 41.92 1.25 -19.98
N ARG A 753 41.66 0.40 -19.00
CA ARG A 753 41.88 0.77 -17.60
C ARG A 753 43.33 0.66 -17.18
N THR A 754 43.60 1.02 -15.93
CA THR A 754 44.94 0.98 -15.36
C THR A 754 45.41 -0.42 -14.98
N PHE A 755 46.55 -0.82 -15.52
CA PHE A 755 47.14 -2.11 -15.21
C PHE A 755 48.43 -1.83 -14.47
N THR A 756 48.38 -1.86 -13.14
CA THR A 756 49.56 -1.59 -12.33
C THR A 756 50.73 -2.48 -12.74
N GLN A 757 51.87 -1.83 -13.00
CA GLN A 757 53.09 -2.52 -13.42
C GLN A 757 54.13 -2.71 -12.32
N SER A 758 54.13 -1.83 -11.32
CA SER A 758 55.09 -1.94 -10.24
C SER A 758 54.44 -1.83 -8.88
N MET A 759 55.26 -1.71 -7.85
CA MET A 759 54.76 -1.58 -6.49
C MET A 759 54.90 -0.13 -6.04
N ASN B 4 -11.64 30.52 -21.49
CA ASN B 4 -11.74 29.60 -22.65
C ASN B 4 -13.07 29.85 -23.37
N GLU B 5 -13.15 29.44 -24.62
CA GLU B 5 -14.37 29.62 -25.42
C GLU B 5 -15.34 28.44 -25.35
N LYS B 6 -14.81 27.27 -24.98
CA LYS B 6 -15.64 26.07 -24.84
C LYS B 6 -16.54 26.30 -23.63
N LEU B 7 -15.91 26.74 -22.55
CA LEU B 7 -16.61 27.03 -21.31
C LEU B 7 -17.61 28.17 -21.50
N ALA B 8 -17.26 29.11 -22.36
CA ALA B 8 -18.12 30.27 -22.64
C ALA B 8 -19.42 29.86 -23.35
N THR B 9 -19.30 28.95 -24.31
CA THR B 9 -20.44 28.46 -25.08
C THR B 9 -21.39 27.69 -24.18
N ALA B 10 -20.82 26.78 -23.40
CA ALA B 10 -21.60 25.96 -22.49
C ALA B 10 -22.25 26.80 -21.39
N TRP B 11 -21.50 27.72 -20.81
CA TRP B 11 -22.02 28.54 -19.72
C TRP B 11 -22.73 29.81 -20.15
N GLU B 12 -23.02 29.91 -21.44
CA GLU B 12 -23.68 31.09 -21.96
C GLU B 12 -25.02 31.31 -21.24
N GLY B 13 -25.15 32.47 -20.62
CA GLY B 13 -26.38 32.78 -19.92
C GLY B 13 -26.25 32.73 -18.42
N PHE B 14 -25.27 31.97 -17.94
CA PHE B 14 -25.05 31.83 -16.52
C PHE B 14 -24.43 33.09 -15.92
N THR B 15 -24.83 33.39 -14.68
CA THR B 15 -24.31 34.55 -13.97
C THR B 15 -22.88 34.25 -13.56
N LYS B 16 -22.00 35.24 -13.65
CA LYS B 16 -20.59 35.05 -13.31
C LYS B 16 -20.29 35.09 -11.82
N GLY B 17 -19.18 34.46 -11.45
CA GLY B 17 -18.74 34.40 -10.06
C GLY B 17 -17.44 33.62 -9.97
N ASP B 18 -16.93 33.44 -8.76
CA ASP B 18 -15.68 32.71 -8.57
C ASP B 18 -15.70 31.34 -9.21
N TRP B 19 -16.87 30.69 -9.20
CA TRP B 19 -17.00 29.37 -9.77
C TRP B 19 -16.46 29.24 -11.19
N GLN B 20 -16.25 30.37 -11.86
CA GLN B 20 -15.75 30.31 -13.23
C GLN B 20 -14.22 30.34 -13.29
N ASN B 21 -13.58 30.49 -12.13
CA ASN B 21 -12.13 30.55 -12.10
C ASN B 21 -11.54 29.41 -11.31
N GLU B 22 -12.32 28.88 -10.39
CA GLU B 22 -11.88 27.78 -9.55
C GLU B 22 -13.01 26.78 -9.51
N VAL B 23 -12.76 25.60 -8.96
CA VAL B 23 -13.82 24.60 -8.84
C VAL B 23 -14.60 25.04 -7.59
N ASN B 24 -15.82 25.50 -7.79
CA ASN B 24 -16.67 25.96 -6.70
C ASN B 24 -18.10 25.72 -7.15
N VAL B 25 -18.60 24.49 -6.95
CA VAL B 25 -19.95 24.15 -7.37
C VAL B 25 -20.96 24.92 -6.52
N ARG B 26 -20.67 25.06 -5.24
CA ARG B 26 -21.56 25.79 -4.34
C ARG B 26 -21.83 27.22 -4.85
N ASP B 27 -20.77 27.92 -5.26
CA ASP B 27 -20.91 29.27 -5.78
C ASP B 27 -21.80 29.30 -7.03
N PHE B 28 -21.51 28.42 -7.98
CA PHE B 28 -22.27 28.32 -9.22
C PHE B 28 -23.75 28.27 -8.91
N ILE B 29 -24.12 27.30 -8.06
CA ILE B 29 -25.50 27.13 -7.66
C ILE B 29 -26.01 28.44 -7.06
N GLN B 30 -25.24 29.00 -6.14
CA GLN B 30 -25.63 30.23 -5.47
C GLN B 30 -26.05 31.38 -6.38
N LYS B 31 -25.30 31.65 -7.44
CA LYS B 31 -25.72 32.75 -8.29
C LYS B 31 -26.26 32.32 -9.64
N ASN B 32 -27.12 31.30 -9.64
CA ASN B 32 -27.70 30.81 -10.88
C ASN B 32 -29.00 30.06 -10.66
N TYR B 33 -29.14 29.45 -9.50
CA TYR B 33 -30.34 28.68 -9.22
C TYR B 33 -31.55 29.58 -9.05
N THR B 34 -32.71 29.05 -9.41
CA THR B 34 -33.97 29.79 -9.32
C THR B 34 -34.84 29.23 -8.20
N PRO B 35 -34.95 29.95 -7.08
CA PRO B 35 -35.79 29.44 -5.98
C PRO B 35 -37.23 29.25 -6.47
N TYR B 36 -37.93 28.26 -5.92
CA TYR B 36 -39.32 28.01 -6.32
C TYR B 36 -40.21 27.91 -5.09
N GLU B 37 -41.27 28.71 -5.06
CA GLU B 37 -42.19 28.69 -3.92
C GLU B 37 -43.58 28.27 -4.36
N GLY B 38 -43.73 27.97 -5.66
CA GLY B 38 -45.00 27.54 -6.20
C GLY B 38 -45.38 26.15 -5.70
N ASP B 39 -46.32 25.51 -6.37
CA ASP B 39 -46.75 24.18 -5.95
C ASP B 39 -46.47 23.11 -7.00
N GLU B 40 -47.19 22.00 -6.90
CA GLU B 40 -47.00 20.86 -7.79
C GLU B 40 -47.83 20.86 -9.07
N SER B 41 -48.66 21.86 -9.24
CA SER B 41 -49.54 21.94 -10.40
C SER B 41 -48.85 21.89 -11.75
N PHE B 42 -47.56 22.22 -11.79
CA PHE B 42 -46.82 22.24 -13.05
C PHE B 42 -46.24 20.88 -13.48
N LEU B 43 -46.15 19.95 -12.53
CA LEU B 43 -45.61 18.63 -12.79
C LEU B 43 -46.23 17.87 -13.95
N ALA B 44 -45.39 17.24 -14.76
CA ALA B 44 -45.82 16.45 -15.91
C ALA B 44 -45.87 14.98 -15.50
N GLY B 45 -46.43 14.16 -16.38
CA GLY B 45 -46.53 12.74 -16.12
C GLY B 45 -45.52 11.96 -16.93
N ALA B 46 -45.38 10.67 -16.59
CA ALA B 46 -44.45 9.79 -17.28
C ALA B 46 -44.69 9.74 -18.77
N THR B 47 -43.61 9.67 -19.55
CA THR B 47 -43.78 9.56 -20.99
C THR B 47 -43.99 8.07 -21.26
N GLU B 48 -44.29 7.74 -22.50
CA GLU B 48 -44.52 6.35 -22.83
C GLU B 48 -43.23 5.54 -22.72
N ALA B 49 -42.13 6.13 -23.19
CA ALA B 49 -40.83 5.46 -23.13
C ALA B 49 -40.47 5.20 -21.67
N THR B 50 -40.71 6.19 -20.80
CA THR B 50 -40.42 6.04 -19.38
C THR B 50 -41.11 4.82 -18.82
N THR B 51 -42.41 4.72 -19.08
CA THR B 51 -43.18 3.59 -18.60
C THR B 51 -42.73 2.29 -19.24
N THR B 52 -42.54 2.32 -20.55
CA THR B 52 -42.08 1.14 -21.25
C THR B 52 -40.80 0.62 -20.59
N LEU B 53 -39.82 1.51 -20.43
CA LEU B 53 -38.53 1.18 -19.83
C LEU B 53 -38.68 0.67 -18.39
N TRP B 54 -39.33 1.46 -17.55
CA TRP B 54 -39.51 1.06 -16.17
C TRP B 54 -40.19 -0.28 -15.99
N ASP B 55 -41.24 -0.54 -16.77
CA ASP B 55 -41.95 -1.80 -16.66
C ASP B 55 -40.99 -2.96 -16.93
N LYS B 56 -40.20 -2.82 -17.98
CA LYS B 56 -39.24 -3.84 -18.37
C LYS B 56 -38.33 -4.12 -17.18
N VAL B 57 -37.84 -3.05 -16.56
CA VAL B 57 -36.94 -3.16 -15.43
C VAL B 57 -37.64 -3.84 -14.26
N MET B 58 -38.89 -3.45 -14.01
CA MET B 58 -39.65 -4.04 -12.92
C MET B 58 -39.74 -5.56 -13.03
N GLU B 59 -39.63 -6.07 -14.25
CA GLU B 59 -39.67 -7.52 -14.44
C GLU B 59 -38.48 -8.16 -13.74
N GLY B 60 -37.32 -7.52 -13.83
CA GLY B 60 -36.13 -8.02 -13.18
C GLY B 60 -36.22 -7.84 -11.67
N VAL B 61 -36.84 -6.73 -11.23
CA VAL B 61 -36.98 -6.46 -9.80
C VAL B 61 -37.87 -7.51 -9.15
N LYS B 62 -38.88 -7.95 -9.88
CA LYS B 62 -39.79 -8.97 -9.38
C LYS B 62 -38.97 -10.23 -9.17
N LEU B 63 -38.22 -10.60 -10.20
CA LEU B 63 -37.38 -11.79 -10.15
C LEU B 63 -36.44 -11.75 -8.95
N GLU B 64 -35.90 -10.57 -8.65
CA GLU B 64 -34.99 -10.40 -7.52
C GLU B 64 -35.71 -10.66 -6.21
N ASN B 65 -36.78 -9.91 -5.95
CA ASN B 65 -37.53 -10.08 -4.73
C ASN B 65 -37.98 -11.52 -4.58
N ARG B 66 -38.49 -12.08 -5.66
CA ARG B 66 -38.97 -13.46 -5.69
C ARG B 66 -37.90 -14.45 -5.28
N THR B 67 -36.73 -14.40 -5.93
CA THR B 67 -35.66 -15.33 -5.61
C THR B 67 -34.75 -14.84 -4.48
N HIS B 68 -34.94 -13.59 -4.05
CA HIS B 68 -34.10 -12.99 -3.01
C HIS B 68 -32.64 -13.27 -3.37
N ALA B 69 -32.33 -13.09 -4.65
CA ALA B 69 -30.98 -13.31 -5.16
C ALA B 69 -30.83 -12.42 -6.38
N PRO B 70 -29.59 -12.12 -6.77
CA PRO B 70 -29.38 -11.28 -7.95
C PRO B 70 -29.95 -11.90 -9.21
N VAL B 71 -30.28 -11.04 -10.17
CA VAL B 71 -30.83 -11.46 -11.44
C VAL B 71 -29.75 -12.22 -12.20
N ASP B 72 -28.52 -11.75 -12.00
CA ASP B 72 -27.35 -12.31 -12.66
C ASP B 72 -26.16 -11.47 -12.23
N PHE B 73 -24.96 -12.03 -12.36
CA PHE B 73 -23.75 -11.30 -12.00
C PHE B 73 -22.53 -11.83 -12.74
N ASP B 74 -21.47 -11.03 -12.78
CA ASP B 74 -20.25 -11.44 -13.45
C ASP B 74 -19.62 -12.59 -12.69
N THR B 75 -18.84 -13.39 -13.38
CA THR B 75 -18.23 -14.54 -12.75
C THR B 75 -16.76 -14.64 -13.15
N ALA B 76 -16.40 -13.91 -14.21
CA ALA B 76 -15.05 -13.95 -14.71
C ALA B 76 -14.50 -12.59 -15.13
N VAL B 77 -15.13 -11.50 -14.68
CA VAL B 77 -14.64 -10.18 -15.04
C VAL B 77 -14.45 -9.28 -13.82
N ALA B 78 -13.27 -8.70 -13.71
CA ALA B 78 -12.99 -7.80 -12.59
C ALA B 78 -13.46 -6.42 -13.03
N SER B 79 -14.41 -5.86 -12.30
CA SER B 79 -14.97 -4.59 -12.66
C SER B 79 -14.08 -3.39 -12.38
N THR B 80 -14.05 -2.47 -13.34
CA THR B 80 -13.29 -1.24 -13.24
C THR B 80 -14.15 -0.18 -13.93
N ILE B 81 -13.67 1.07 -13.97
CA ILE B 81 -14.43 2.12 -14.62
C ILE B 81 -14.66 1.83 -16.09
N THR B 82 -13.67 1.21 -16.72
CA THR B 82 -13.75 0.93 -18.15
C THR B 82 -13.86 -0.54 -18.54
N SER B 83 -14.08 -1.41 -17.59
CA SER B 83 -14.15 -2.84 -17.90
C SER B 83 -15.34 -3.29 -18.75
N HIS B 84 -16.53 -2.74 -18.49
CA HIS B 84 -17.69 -3.15 -19.27
C HIS B 84 -18.04 -2.31 -20.47
N ASP B 85 -18.70 -2.92 -21.44
CA ASP B 85 -19.15 -2.23 -22.63
C ASP B 85 -20.46 -1.57 -22.26
N ALA B 86 -20.93 -0.67 -23.11
CA ALA B 86 -22.17 0.02 -22.84
C ALA B 86 -23.29 -1.01 -22.69
N GLY B 87 -24.21 -0.72 -21.78
CA GLY B 87 -25.33 -1.60 -21.53
C GLY B 87 -26.60 -0.77 -21.53
N TYR B 88 -27.68 -1.31 -22.10
CA TYR B 88 -28.93 -0.57 -22.15
C TYR B 88 -30.14 -1.41 -21.80
N ILE B 89 -31.24 -0.73 -21.55
CA ILE B 89 -32.52 -1.37 -21.26
C ILE B 89 -33.17 -1.42 -22.64
N ASN B 90 -32.94 -0.35 -23.38
CA ASN B 90 -33.46 -0.16 -24.73
C ASN B 90 -32.84 1.15 -25.21
N LYS B 91 -31.68 1.08 -25.87
CA LYS B 91 -31.04 2.32 -26.29
C LYS B 91 -31.90 3.30 -27.08
N GLN B 92 -32.93 2.82 -27.77
CA GLN B 92 -33.81 3.71 -28.54
C GLN B 92 -34.66 4.60 -27.63
N LEU B 93 -34.98 4.12 -26.43
CA LEU B 93 -35.83 4.86 -25.52
C LEU B 93 -35.15 5.72 -24.47
N GLU B 94 -34.02 5.25 -23.97
CA GLU B 94 -33.30 5.94 -22.91
C GLU B 94 -32.78 7.33 -23.23
N LYS B 95 -33.12 8.29 -22.38
CA LYS B 95 -32.69 9.67 -22.55
C LYS B 95 -31.41 9.94 -21.76
N ILE B 96 -31.16 9.09 -20.76
CA ILE B 96 -29.98 9.15 -19.91
C ILE B 96 -29.48 7.70 -19.88
N VAL B 97 -28.26 7.47 -20.35
CA VAL B 97 -27.72 6.11 -20.39
C VAL B 97 -26.63 5.79 -19.38
N GLY B 98 -26.34 4.49 -19.25
CA GLY B 98 -25.32 4.04 -18.33
C GLY B 98 -25.73 3.00 -17.32
N LEU B 99 -25.09 1.84 -17.41
CA LEU B 99 -25.36 0.74 -16.48
C LEU B 99 -24.01 0.25 -15.93
N GLN B 100 -24.02 -0.34 -14.74
CA GLN B 100 -22.79 -0.85 -14.13
C GLN B 100 -22.12 -1.90 -15.02
N THR B 101 -22.90 -2.85 -15.50
CA THR B 101 -22.35 -3.86 -16.40
C THR B 101 -22.99 -3.71 -17.77
N GLU B 102 -22.90 -4.74 -18.59
CA GLU B 102 -23.45 -4.66 -19.93
C GLU B 102 -24.95 -4.94 -19.97
N ALA B 103 -25.52 -5.32 -18.83
CA ALA B 103 -26.95 -5.62 -18.78
C ALA B 103 -27.63 -5.05 -17.55
N PRO B 104 -28.95 -4.86 -17.62
CA PRO B 104 -29.75 -4.32 -16.52
C PRO B 104 -29.76 -5.22 -15.29
N LEU B 105 -29.37 -4.65 -14.16
CA LEU B 105 -29.36 -5.36 -12.88
C LEU B 105 -28.33 -6.47 -12.76
N LYS B 106 -27.49 -6.66 -13.78
CA LYS B 106 -26.47 -7.71 -13.68
C LYS B 106 -25.37 -7.14 -12.79
N ARG B 107 -25.11 -7.82 -11.67
CA ARG B 107 -24.12 -7.32 -10.74
C ARG B 107 -22.69 -7.68 -11.13
N ALA B 108 -21.77 -6.79 -10.78
CA ALA B 108 -20.35 -6.96 -11.11
C ALA B 108 -19.53 -7.56 -9.97
N LEU B 109 -18.25 -7.78 -10.25
CA LEU B 109 -17.31 -8.29 -9.27
C LEU B 109 -16.35 -7.16 -8.97
N ILE B 110 -16.34 -6.75 -7.70
CA ILE B 110 -15.45 -5.68 -7.24
C ILE B 110 -14.50 -6.41 -6.28
N PRO B 111 -13.51 -7.13 -6.84
CA PRO B 111 -12.51 -7.91 -6.09
C PRO B 111 -11.54 -7.20 -5.15
N PHE B 112 -11.21 -5.95 -5.42
CA PHE B 112 -10.25 -5.24 -4.57
C PHE B 112 -10.66 -5.22 -3.09
N GLY B 113 -11.93 -5.46 -2.82
CA GLY B 113 -12.39 -5.46 -1.44
C GLY B 113 -12.10 -6.78 -0.75
N GLY B 114 -11.99 -7.85 -1.54
CA GLY B 114 -11.72 -9.17 -1.00
C GLY B 114 -12.33 -10.22 -1.89
N ILE B 115 -11.60 -11.31 -2.13
CA ILE B 115 -12.08 -12.39 -2.98
C ILE B 115 -12.99 -13.39 -2.23
N LYS B 116 -12.89 -13.44 -0.91
CA LYS B 116 -13.72 -14.37 -0.15
C LYS B 116 -15.20 -14.05 -0.26
N MET B 117 -15.56 -12.77 -0.08
CA MET B 117 -16.96 -12.38 -0.17
C MET B 117 -17.52 -12.78 -1.52
N ILE B 118 -16.70 -12.67 -2.56
CA ILE B 118 -17.14 -13.04 -3.89
C ILE B 118 -17.41 -14.53 -4.00
N GLU B 119 -16.52 -15.35 -3.43
CA GLU B 119 -16.70 -16.81 -3.45
C GLU B 119 -17.97 -17.13 -2.67
N GLY B 120 -18.12 -16.47 -1.52
CA GLY B 120 -19.31 -16.69 -0.71
C GLY B 120 -20.56 -16.44 -1.52
N SER B 121 -20.59 -15.31 -2.23
CA SER B 121 -21.74 -14.95 -3.05
C SER B 121 -21.95 -15.99 -4.13
N CYS B 122 -20.87 -16.42 -4.76
CA CYS B 122 -20.98 -17.43 -5.81
C CYS B 122 -21.59 -18.71 -5.27
N LYS B 123 -21.06 -19.21 -4.16
CA LYS B 123 -21.59 -20.43 -3.57
C LYS B 123 -23.07 -20.24 -3.22
N ALA B 124 -23.39 -19.08 -2.65
CA ALA B 124 -24.76 -18.77 -2.25
C ALA B 124 -25.75 -18.80 -3.41
N TYR B 125 -25.36 -18.25 -4.55
CA TYR B 125 -26.26 -18.21 -5.70
C TYR B 125 -25.95 -19.26 -6.75
N ASN B 126 -25.31 -20.34 -6.31
CA ASN B 126 -24.94 -21.46 -7.17
C ASN B 126 -24.28 -21.04 -8.48
N ARG B 127 -23.10 -20.43 -8.37
CA ARG B 127 -22.36 -19.98 -9.53
C ARG B 127 -20.87 -20.26 -9.32
N GLU B 128 -20.15 -20.45 -10.41
CA GLU B 128 -18.72 -20.76 -10.34
C GLU B 128 -17.79 -19.60 -10.59
N LEU B 129 -17.09 -19.17 -9.55
CA LEU B 129 -16.12 -18.08 -9.68
C LEU B 129 -14.98 -18.51 -10.60
N ASP B 130 -14.64 -17.67 -11.57
CA ASP B 130 -13.55 -18.00 -12.49
C ASP B 130 -12.25 -18.18 -11.71
N PRO B 131 -11.61 -19.34 -11.88
CA PRO B 131 -10.35 -19.64 -11.19
C PRO B 131 -9.27 -18.59 -11.33
N MET B 132 -9.18 -17.98 -12.51
CA MET B 132 -8.17 -16.94 -12.74
C MET B 132 -8.43 -15.75 -11.82
N ILE B 133 -9.68 -15.28 -11.82
CA ILE B 133 -10.03 -14.16 -10.97
C ILE B 133 -9.62 -14.49 -9.54
N LYS B 134 -9.93 -15.71 -9.10
CA LYS B 134 -9.60 -16.11 -7.74
C LYS B 134 -8.10 -16.13 -7.44
N LYS B 135 -7.31 -16.64 -8.37
CA LYS B 135 -5.87 -16.71 -8.19
C LYS B 135 -5.30 -15.30 -8.09
N ILE B 136 -5.72 -14.43 -9.02
CA ILE B 136 -5.25 -13.05 -9.05
C ILE B 136 -5.48 -12.32 -7.74
N PHE B 137 -6.68 -12.47 -7.16
CA PHE B 137 -6.99 -11.77 -5.95
C PHE B 137 -6.77 -12.45 -4.62
N THR B 138 -5.83 -13.38 -4.64
CA THR B 138 -5.44 -14.08 -3.43
C THR B 138 -3.91 -14.09 -3.44
N GLU B 139 -3.34 -14.30 -4.62
CA GLU B 139 -1.89 -14.37 -4.78
C GLU B 139 -1.20 -13.12 -5.30
N TYR B 140 -1.81 -12.42 -6.26
CA TYR B 140 -1.18 -11.24 -6.86
C TYR B 140 -1.61 -9.90 -6.26
N ARG B 141 -2.91 -9.59 -6.35
CA ARG B 141 -3.44 -8.35 -5.80
C ARG B 141 -4.04 -8.62 -4.44
N LYS B 142 -3.39 -8.14 -3.38
CA LYS B 142 -3.89 -8.35 -2.04
C LYS B 142 -5.13 -7.48 -1.88
N THR B 143 -6.16 -8.01 -1.23
CA THR B 143 -7.39 -7.28 -1.08
C THR B 143 -7.56 -6.60 0.28
N HIS B 144 -8.54 -5.69 0.36
CA HIS B 144 -8.81 -5.00 1.61
C HIS B 144 -9.05 -6.03 2.72
N ASN B 145 -9.91 -7.01 2.43
CA ASN B 145 -10.25 -8.05 3.40
C ASN B 145 -9.00 -8.74 3.95
N GLN B 146 -8.09 -9.15 3.08
CA GLN B 146 -6.86 -9.84 3.50
C GLN B 146 -6.03 -8.95 4.42
N GLY B 147 -5.84 -7.70 4.03
CA GLY B 147 -5.06 -6.80 4.84
C GLY B 147 -5.64 -6.58 6.23
N VAL B 148 -6.96 -6.43 6.33
CA VAL B 148 -7.58 -6.20 7.63
C VAL B 148 -7.36 -7.40 8.54
N PHE B 149 -7.71 -8.60 8.06
CA PHE B 149 -7.53 -9.80 8.87
C PHE B 149 -6.09 -10.22 9.14
N ASP B 150 -5.12 -9.57 8.50
CA ASP B 150 -3.73 -9.89 8.76
C ASP B 150 -3.27 -9.08 9.95
N VAL B 151 -3.94 -7.96 10.21
CA VAL B 151 -3.58 -7.07 11.31
C VAL B 151 -4.49 -7.12 12.53
N TYR B 152 -5.68 -7.70 12.38
CA TYR B 152 -6.63 -7.81 13.49
C TYR B 152 -6.03 -8.48 14.74
N THR B 153 -6.63 -8.24 15.89
CA THR B 153 -6.18 -8.86 17.13
C THR B 153 -7.17 -9.97 17.48
N PRO B 154 -6.74 -10.95 18.28
CA PRO B 154 -7.69 -12.02 18.63
C PRO B 154 -8.87 -11.49 19.45
N ASP B 155 -8.63 -10.38 20.15
CA ASP B 155 -9.67 -9.74 20.94
C ASP B 155 -10.76 -9.30 19.97
N ILE B 156 -10.34 -8.49 18.99
CA ILE B 156 -11.26 -8.00 17.98
C ILE B 156 -12.05 -9.13 17.35
N LEU B 157 -11.39 -10.26 17.08
CA LEU B 157 -12.09 -11.39 16.46
C LEU B 157 -13.12 -11.94 17.43
N ARG B 158 -12.76 -12.00 18.71
CA ARG B 158 -13.67 -12.50 19.72
C ARG B 158 -14.93 -11.64 19.72
N CYS B 159 -14.74 -10.33 19.67
CA CYS B 159 -15.87 -9.41 19.65
C CYS B 159 -16.74 -9.63 18.42
N ARG B 160 -16.08 -9.82 17.30
CA ARG B 160 -16.78 -10.04 16.04
C ARG B 160 -17.63 -11.29 16.20
N LYS B 161 -17.06 -12.33 16.79
CA LYS B 161 -17.76 -13.60 16.97
C LYS B 161 -18.91 -13.59 17.99
N SER B 162 -18.72 -12.87 19.10
CA SER B 162 -19.71 -12.80 20.17
C SER B 162 -20.89 -11.87 19.89
N GLY B 163 -20.73 -10.96 18.94
CA GLY B 163 -21.81 -10.06 18.63
C GLY B 163 -21.74 -8.78 19.43
N VAL B 164 -20.54 -8.35 19.80
CA VAL B 164 -20.38 -7.10 20.54
C VAL B 164 -19.83 -6.05 19.57
N LEU B 165 -19.07 -6.52 18.59
CA LEU B 165 -18.52 -5.64 17.55
C LEU B 165 -18.54 -6.47 16.28
N THR B 166 -19.66 -6.42 15.58
CA THR B 166 -19.85 -7.21 14.38
C THR B 166 -20.40 -6.44 13.20
N GLY B 167 -20.06 -6.87 12.00
CA GLY B 167 -20.55 -6.22 10.80
C GLY B 167 -19.75 -5.01 10.35
N LEU B 168 -18.59 -4.77 10.95
CA LEU B 168 -17.77 -3.63 10.54
C LEU B 168 -17.33 -3.82 9.10
N PRO B 169 -17.01 -2.71 8.41
CA PRO B 169 -16.57 -2.73 7.03
C PRO B 169 -15.22 -3.40 6.75
N ASP B 170 -15.13 -4.70 7.07
CA ASP B 170 -13.91 -5.46 6.82
C ASP B 170 -14.14 -6.51 5.72
N ALA B 171 -15.37 -6.57 5.21
CA ALA B 171 -15.74 -7.51 4.16
C ALA B 171 -16.67 -6.89 3.12
N TYR B 172 -16.50 -5.60 2.89
CA TYR B 172 -17.29 -4.87 1.91
C TYR B 172 -16.82 -3.43 1.84
N GLY B 173 -17.09 -2.75 0.74
CA GLY B 173 -16.68 -1.37 0.58
C GLY B 173 -17.16 -0.50 1.72
N ARG B 174 -16.28 0.32 2.28
CA ARG B 174 -16.65 1.19 3.40
C ARG B 174 -17.69 2.24 3.05
N GLY B 175 -17.72 2.65 1.79
CA GLY B 175 -18.68 3.64 1.36
C GLY B 175 -18.53 4.95 2.12
N ARG B 176 -19.66 5.59 2.40
CA ARG B 176 -19.67 6.88 3.12
C ARG B 176 -18.84 7.94 2.41
N ILE B 177 -18.80 7.87 1.09
CA ILE B 177 -18.06 8.86 0.32
C ILE B 177 -18.93 9.35 -0.82
N ILE B 178 -19.06 10.67 -0.94
CA ILE B 178 -19.84 11.26 -2.02
C ILE B 178 -18.97 12.20 -2.84
N GLY B 179 -18.62 11.76 -4.04
CA GLY B 179 -17.83 12.62 -4.90
C GLY B 179 -18.81 13.65 -5.43
N ASP B 180 -18.34 14.86 -5.73
CA ASP B 180 -19.23 15.86 -6.27
C ASP B 180 -19.38 15.55 -7.75
N TYR B 181 -20.37 14.74 -8.08
CA TYR B 181 -20.59 14.36 -9.47
C TYR B 181 -21.07 15.56 -10.29
N ARG B 182 -21.55 16.59 -9.61
CA ARG B 182 -22.01 17.79 -10.29
C ARG B 182 -20.82 18.49 -10.98
N ARG B 183 -19.63 18.33 -10.41
CA ARG B 183 -18.41 18.93 -10.98
C ARG B 183 -18.21 18.55 -12.44
N VAL B 184 -18.61 17.33 -12.80
CA VAL B 184 -18.44 16.86 -14.17
C VAL B 184 -19.31 17.68 -15.12
N ALA B 185 -20.59 17.80 -14.77
CA ALA B 185 -21.51 18.57 -15.60
C ALA B 185 -21.01 20.01 -15.73
N LEU B 186 -20.63 20.61 -14.61
CA LEU B 186 -20.19 21.99 -14.58
C LEU B 186 -18.90 22.31 -15.34
N TYR B 187 -17.83 21.57 -15.07
CA TYR B 187 -16.56 21.87 -15.73
C TYR B 187 -16.07 20.93 -16.82
N GLY B 188 -16.55 19.69 -16.81
CA GLY B 188 -16.08 18.74 -17.81
C GLY B 188 -14.83 18.09 -17.26
N ILE B 189 -14.53 16.88 -17.72
CA ILE B 189 -13.37 16.16 -17.23
C ILE B 189 -12.04 16.90 -17.34
N ASP B 190 -11.71 17.36 -18.55
CA ASP B 190 -10.47 18.05 -18.79
C ASP B 190 -10.14 19.12 -17.76
N TYR B 191 -11.08 20.02 -17.54
CA TYR B 191 -10.87 21.09 -16.59
C TYR B 191 -10.49 20.53 -15.22
N LEU B 192 -11.19 19.47 -14.82
CA LEU B 192 -10.95 18.86 -13.53
C LEU B 192 -9.59 18.16 -13.46
N MET B 193 -9.15 17.62 -14.57
CA MET B 193 -7.86 16.96 -14.60
C MET B 193 -6.76 17.98 -14.45
N LYS B 194 -6.93 19.13 -15.10
CA LYS B 194 -5.95 20.20 -15.03
C LYS B 194 -5.88 20.71 -13.60
N ASP B 195 -7.03 20.76 -12.94
CA ASP B 195 -7.12 21.20 -11.56
C ASP B 195 -6.36 20.21 -10.66
N LYS B 196 -6.57 18.92 -10.92
CA LYS B 196 -5.91 17.89 -10.13
C LYS B 196 -4.42 17.93 -10.34
N LEU B 197 -4.00 18.16 -11.59
CA LEU B 197 -2.58 18.23 -11.88
C LEU B 197 -1.93 19.32 -11.06
N ALA B 198 -2.66 20.42 -10.86
CA ALA B 198 -2.15 21.52 -10.09
C ALA B 198 -2.03 21.09 -8.63
N GLN B 199 -3.06 20.38 -8.16
CA GLN B 199 -3.07 19.90 -6.78
C GLN B 199 -1.88 19.00 -6.55
N PHE B 200 -1.62 18.16 -7.55
CA PHE B 200 -0.49 17.23 -7.50
C PHE B 200 0.80 18.02 -7.34
N THR B 201 0.98 19.02 -8.19
CA THR B 201 2.19 19.82 -8.15
C THR B 201 2.33 20.66 -6.89
N SER B 202 1.21 21.03 -6.29
CA SER B 202 1.25 21.86 -5.09
C SER B 202 1.92 21.15 -3.95
N LEU B 203 2.03 19.83 -4.06
CA LEU B 203 2.62 19.04 -2.99
C LEU B 203 4.12 18.83 -3.15
N GLN B 204 4.65 19.18 -4.31
CA GLN B 204 6.06 18.99 -4.58
C GLN B 204 7.00 19.63 -3.56
N ALA B 205 6.76 20.89 -3.24
CA ALA B 205 7.60 21.58 -2.27
C ALA B 205 7.75 20.76 -0.99
N ASP B 206 6.64 20.53 -0.29
CA ASP B 206 6.64 19.74 0.94
C ASP B 206 7.41 18.45 0.80
N LEU B 207 7.21 17.79 -0.34
CA LEU B 207 7.88 16.54 -0.63
C LEU B 207 9.40 16.73 -0.55
N GLU B 208 9.93 17.57 -1.43
CA GLU B 208 11.36 17.83 -1.47
C GLU B 208 11.90 18.31 -0.13
N ASN B 209 11.07 18.99 0.65
CA ASN B 209 11.53 19.53 1.94
C ASN B 209 11.35 18.62 3.13
N GLY B 210 10.91 17.40 2.89
CA GLY B 210 10.73 16.47 4.00
C GLY B 210 9.60 16.81 4.96
N VAL B 211 8.67 17.65 4.53
CA VAL B 211 7.54 18.06 5.35
C VAL B 211 6.46 16.98 5.36
N ASN B 212 6.32 16.27 6.48
CA ASN B 212 5.33 15.21 6.59
C ASN B 212 5.55 14.23 5.47
N LEU B 213 6.82 13.96 5.19
CA LEU B 213 7.23 13.06 4.13
C LEU B 213 6.25 11.97 3.74
N GLU B 214 5.96 11.06 4.66
CA GLU B 214 5.05 9.96 4.35
C GLU B 214 3.60 10.34 4.04
N GLN B 215 3.07 11.35 4.72
CA GLN B 215 1.70 11.77 4.47
C GLN B 215 1.61 12.42 3.09
N THR B 216 2.60 13.23 2.75
CA THR B 216 2.58 13.91 1.47
C THR B 216 2.86 12.99 0.28
N ILE B 217 3.62 11.92 0.51
CA ILE B 217 3.86 10.97 -0.58
C ILE B 217 2.54 10.25 -0.87
N ARG B 218 1.86 9.83 0.19
CA ARG B 218 0.61 9.14 0.05
C ARG B 218 -0.38 9.96 -0.75
N LEU B 219 -0.56 11.22 -0.33
CA LEU B 219 -1.48 12.11 -1.00
C LEU B 219 -1.10 12.32 -2.45
N ARG B 220 0.18 12.49 -2.75
CA ARG B 220 0.57 12.68 -4.14
C ARG B 220 0.12 11.47 -4.95
N GLU B 221 0.37 10.27 -4.44
CA GLU B 221 -0.02 9.08 -5.19
C GLU B 221 -1.53 9.01 -5.33
N GLU B 222 -2.25 9.32 -4.25
CA GLU B 222 -3.70 9.30 -4.32
C GLU B 222 -4.18 10.26 -5.40
N ILE B 223 -3.64 11.47 -5.41
CA ILE B 223 -4.02 12.44 -6.42
C ILE B 223 -3.68 11.97 -7.83
N ALA B 224 -2.57 11.25 -7.99
CA ALA B 224 -2.24 10.75 -9.31
C ALA B 224 -3.31 9.75 -9.71
N GLU B 225 -3.75 8.92 -8.77
CA GLU B 225 -4.77 7.91 -9.03
C GLU B 225 -6.11 8.56 -9.39
N GLN B 226 -6.37 9.71 -8.79
CA GLN B 226 -7.60 10.45 -9.06
C GLN B 226 -7.56 10.97 -10.48
N HIS B 227 -6.43 11.59 -10.82
CA HIS B 227 -6.24 12.14 -12.15
C HIS B 227 -6.43 11.02 -13.17
N ARG B 228 -5.85 9.87 -12.91
CA ARG B 228 -5.99 8.73 -13.81
C ARG B 228 -7.44 8.26 -13.91
N ALA B 229 -8.18 8.33 -12.80
CA ALA B 229 -9.58 7.90 -12.79
C ALA B 229 -10.40 8.81 -13.69
N LEU B 230 -10.17 10.11 -13.58
CA LEU B 230 -10.87 11.09 -14.39
C LEU B 230 -10.76 10.75 -15.87
N GLY B 231 -9.56 10.42 -16.32
CA GLY B 231 -9.37 10.05 -17.71
C GLY B 231 -10.15 8.82 -18.11
N GLN B 232 -10.26 7.86 -17.19
CA GLN B 232 -11.01 6.64 -17.48
C GLN B 232 -12.50 6.97 -17.55
N MET B 233 -12.91 7.99 -16.82
CA MET B 233 -14.31 8.42 -16.87
C MET B 233 -14.66 8.76 -18.31
N LYS B 234 -13.79 9.54 -18.95
CA LYS B 234 -14.01 9.91 -20.34
C LYS B 234 -14.15 8.64 -21.18
N GLU B 235 -13.19 7.74 -21.06
CA GLU B 235 -13.24 6.49 -21.82
C GLU B 235 -14.54 5.76 -21.57
N MET B 236 -15.00 5.77 -20.31
CA MET B 236 -16.25 5.10 -19.99
C MET B 236 -17.39 5.75 -20.77
N ALA B 237 -17.53 7.06 -20.64
CA ALA B 237 -18.58 7.80 -21.33
C ALA B 237 -18.50 7.52 -22.83
N ALA B 238 -17.28 7.53 -23.36
CA ALA B 238 -17.04 7.29 -24.78
C ALA B 238 -17.67 5.98 -25.29
N LYS B 239 -17.70 4.97 -24.43
CA LYS B 239 -18.28 3.70 -24.82
C LYS B 239 -19.77 3.89 -25.10
N TYR B 240 -20.34 4.95 -24.54
CA TYR B 240 -21.76 5.24 -24.75
C TYR B 240 -21.96 6.29 -25.84
N GLY B 241 -20.87 6.64 -26.53
CA GLY B 241 -20.93 7.62 -27.59
C GLY B 241 -20.88 9.05 -27.08
N TYR B 242 -20.36 9.26 -25.87
CA TYR B 242 -20.28 10.60 -25.31
C TYR B 242 -18.88 11.13 -25.06
N ASP B 243 -18.71 12.43 -25.31
CA ASP B 243 -17.46 13.10 -25.08
C ASP B 243 -17.73 14.05 -23.90
N ILE B 244 -17.19 13.72 -22.73
CA ILE B 244 -17.42 14.54 -21.56
C ILE B 244 -16.15 15.30 -21.12
N SER B 245 -15.22 15.48 -22.04
CA SER B 245 -14.00 16.22 -21.73
C SER B 245 -14.33 17.69 -21.44
N GLY B 246 -15.35 18.21 -22.12
CA GLY B 246 -15.76 19.58 -21.92
C GLY B 246 -17.01 19.61 -21.07
N PRO B 247 -17.43 20.79 -20.58
CA PRO B 247 -18.63 20.88 -19.72
C PRO B 247 -19.96 20.64 -20.46
N ALA B 248 -20.97 20.25 -19.70
CA ALA B 248 -22.31 20.01 -20.25
C ALA B 248 -22.84 21.33 -20.81
N THR B 249 -23.38 21.30 -22.04
CA THR B 249 -23.89 22.51 -22.66
C THR B 249 -25.39 22.73 -22.49
N ASN B 250 -26.11 21.69 -22.05
CA ASN B 250 -27.55 21.77 -21.82
C ASN B 250 -27.99 20.84 -20.68
N ALA B 251 -29.29 20.82 -20.40
CA ALA B 251 -29.85 20.00 -19.31
C ALA B 251 -29.56 18.52 -19.45
N GLN B 252 -29.93 17.96 -20.59
CA GLN B 252 -29.73 16.55 -20.84
C GLN B 252 -28.27 16.13 -20.58
N GLU B 253 -27.33 17.03 -20.85
CA GLU B 253 -25.94 16.73 -20.64
C GLU B 253 -25.56 16.92 -19.19
N ALA B 254 -26.05 17.98 -18.57
CA ALA B 254 -25.74 18.22 -17.16
C ALA B 254 -26.13 16.94 -16.40
N ILE B 255 -27.34 16.44 -16.66
CA ILE B 255 -27.83 15.23 -16.03
C ILE B 255 -26.96 14.04 -16.39
N GLN B 256 -26.76 13.83 -17.68
CA GLN B 256 -25.94 12.74 -18.16
C GLN B 256 -24.51 12.81 -17.61
N TRP B 257 -23.93 14.02 -17.63
CA TRP B 257 -22.56 14.24 -17.14
C TRP B 257 -22.48 13.93 -15.66
N THR B 258 -23.46 14.37 -14.89
CA THR B 258 -23.47 14.12 -13.46
C THR B 258 -23.59 12.62 -13.18
N TYR B 259 -24.56 11.98 -13.83
CA TYR B 259 -24.76 10.55 -13.65
C TYR B 259 -23.50 9.78 -14.05
N PHE B 260 -22.88 10.19 -15.15
CA PHE B 260 -21.67 9.54 -15.61
C PHE B 260 -20.60 9.56 -14.51
N GLY B 261 -20.53 10.66 -13.75
CA GLY B 261 -19.56 10.75 -12.67
C GLY B 261 -19.84 9.67 -11.62
N TYR B 262 -21.11 9.60 -11.25
CA TYR B 262 -21.56 8.62 -10.27
C TYR B 262 -21.40 7.19 -10.82
N LEU B 263 -21.70 7.00 -12.10
CA LEU B 263 -21.59 5.69 -12.71
C LEU B 263 -20.19 5.10 -12.57
N ALA B 264 -19.17 5.93 -12.78
CA ALA B 264 -17.78 5.47 -12.66
C ALA B 264 -17.56 4.98 -11.24
N ALA B 265 -18.12 5.70 -10.26
CA ALA B 265 -18.00 5.32 -8.86
C ALA B 265 -18.63 3.96 -8.60
N VAL B 266 -19.86 3.74 -9.05
CA VAL B 266 -20.52 2.46 -8.79
C VAL B 266 -20.09 1.34 -9.73
N LYS B 267 -19.07 1.59 -10.54
CA LYS B 267 -18.52 0.58 -11.44
C LYS B 267 -17.19 0.15 -10.84
N SER B 268 -16.64 1.00 -9.97
CA SER B 268 -15.33 0.75 -9.37
C SER B 268 -15.29 0.48 -7.86
N GLN B 269 -16.31 0.92 -7.14
CA GLN B 269 -16.36 0.72 -5.70
C GLN B 269 -17.70 0.12 -5.31
N ASN B 270 -17.69 -0.79 -4.35
CA ASN B 270 -18.94 -1.42 -3.91
C ASN B 270 -19.27 -1.03 -2.47
N GLY B 271 -19.08 0.24 -2.14
CA GLY B 271 -19.36 0.72 -0.80
C GLY B 271 -20.76 0.38 -0.34
N ALA B 272 -20.95 0.21 0.96
CA ALA B 272 -22.28 -0.12 1.49
C ALA B 272 -23.25 0.96 1.02
N ALA B 273 -22.87 2.21 1.22
CA ALA B 273 -23.71 3.32 0.79
C ALA B 273 -22.95 4.09 -0.30
N MET B 274 -23.57 4.19 -1.46
CA MET B 274 -23.00 4.93 -2.57
C MET B 274 -23.97 6.06 -2.87
N SER B 275 -24.00 7.06 -1.99
CA SER B 275 -24.92 8.19 -2.12
C SER B 275 -24.66 9.14 -3.31
N PHE B 276 -25.75 9.72 -3.84
CA PHE B 276 -25.69 10.61 -4.99
C PHE B 276 -25.26 12.04 -4.65
N GLY B 277 -25.70 12.55 -3.51
CA GLY B 277 -25.33 13.90 -3.09
C GLY B 277 -26.50 14.87 -3.05
N ARG B 278 -26.21 16.14 -3.29
CA ARG B 278 -27.21 17.20 -3.31
C ARG B 278 -27.21 17.73 -4.74
N THR B 279 -27.96 17.09 -5.62
CA THR B 279 -27.96 17.47 -7.02
C THR B 279 -29.23 18.04 -7.68
N SER B 280 -30.39 17.71 -7.14
CA SER B 280 -31.65 18.17 -7.74
C SER B 280 -31.66 19.67 -8.07
N THR B 281 -31.34 20.51 -7.09
CA THR B 281 -31.34 21.96 -7.32
C THR B 281 -30.27 22.40 -8.32
N PHE B 282 -29.09 21.81 -8.21
CA PHE B 282 -27.98 22.09 -9.12
C PHE B 282 -28.47 21.87 -10.55
N LEU B 283 -28.96 20.68 -10.81
CA LEU B 283 -29.45 20.35 -12.14
C LEU B 283 -30.59 21.24 -12.60
N ASP B 284 -31.34 21.83 -11.66
CA ASP B 284 -32.45 22.69 -12.03
C ASP B 284 -31.97 23.92 -12.80
N VAL B 285 -30.75 24.35 -12.52
CA VAL B 285 -30.18 25.50 -13.20
C VAL B 285 -30.11 25.23 -14.70
N TYR B 286 -29.74 24.02 -15.09
CA TYR B 286 -29.65 23.69 -16.51
C TYR B 286 -31.02 23.44 -17.12
N ILE B 287 -31.95 22.92 -16.32
CA ILE B 287 -33.30 22.66 -16.82
C ILE B 287 -33.99 24.00 -17.06
N GLU B 288 -33.92 24.89 -16.08
CA GLU B 288 -34.53 26.21 -16.20
C GLU B 288 -34.09 26.87 -17.50
N ARG B 289 -32.77 26.96 -17.67
CA ARG B 289 -32.21 27.57 -18.86
C ARG B 289 -32.79 27.00 -20.15
N ASP B 290 -32.86 25.66 -20.24
CA ASP B 290 -33.39 25.03 -21.44
C ASP B 290 -34.90 25.28 -21.61
N LEU B 291 -35.63 25.37 -20.51
CA LEU B 291 -37.07 25.63 -20.58
C LEU B 291 -37.25 27.03 -21.13
N LYS B 292 -36.69 28.02 -20.44
CA LYS B 292 -36.80 29.42 -20.87
C LYS B 292 -36.40 29.64 -22.33
N ALA B 293 -35.44 28.87 -22.83
CA ALA B 293 -35.04 29.06 -24.22
C ALA B 293 -35.90 28.18 -25.14
N GLY B 294 -36.88 27.51 -24.54
CA GLY B 294 -37.77 26.65 -25.31
C GLY B 294 -37.08 25.52 -26.03
N LYS B 295 -36.02 24.98 -25.42
CA LYS B 295 -35.28 23.88 -26.03
C LYS B 295 -35.89 22.54 -25.58
N ILE B 296 -36.50 22.55 -24.40
CA ILE B 296 -37.14 21.37 -23.85
C ILE B 296 -38.48 21.76 -23.22
N THR B 297 -39.44 20.84 -23.27
CA THR B 297 -40.76 21.06 -22.68
C THR B 297 -40.64 20.67 -21.21
N GLU B 298 -41.73 20.74 -20.47
CA GLU B 298 -41.66 20.37 -19.07
C GLU B 298 -41.71 18.86 -18.95
N GLN B 299 -42.46 18.23 -19.85
CA GLN B 299 -42.58 16.79 -19.82
C GLN B 299 -41.23 16.17 -20.15
N GLU B 300 -40.50 16.82 -21.05
CA GLU B 300 -39.18 16.35 -21.46
C GLU B 300 -38.22 16.48 -20.28
N ALA B 301 -38.43 17.51 -19.47
CA ALA B 301 -37.60 17.74 -18.30
C ALA B 301 -37.84 16.60 -17.32
N GLN B 302 -39.11 16.32 -17.05
CA GLN B 302 -39.47 15.24 -16.14
C GLN B 302 -38.93 13.92 -16.66
N GLU B 303 -39.04 13.69 -17.97
CA GLU B 303 -38.57 12.45 -18.57
C GLU B 303 -37.09 12.20 -18.30
N MET B 304 -36.30 13.26 -18.36
CA MET B 304 -34.86 13.17 -18.12
C MET B 304 -34.59 12.81 -16.66
N VAL B 305 -35.34 13.45 -15.75
CA VAL B 305 -35.20 13.18 -14.32
C VAL B 305 -35.64 11.75 -14.05
N ASP B 306 -36.65 11.30 -14.78
CA ASP B 306 -37.16 9.95 -14.63
C ASP B 306 -36.11 8.94 -15.05
N HIS B 307 -35.51 9.16 -16.21
CA HIS B 307 -34.49 8.24 -16.70
C HIS B 307 -33.26 8.23 -15.80
N LEU B 308 -32.93 9.39 -15.21
CA LEU B 308 -31.80 9.47 -14.30
C LEU B 308 -32.16 8.71 -13.03
N VAL B 309 -33.27 9.11 -12.40
CA VAL B 309 -33.72 8.44 -11.19
C VAL B 309 -33.97 6.96 -11.43
N MET B 310 -34.34 6.62 -12.66
CA MET B 310 -34.58 5.22 -13.00
C MET B 310 -33.26 4.46 -12.86
N LYS B 311 -32.17 5.06 -13.36
CA LYS B 311 -30.87 4.42 -13.27
C LYS B 311 -30.45 4.25 -11.80
N LEU B 312 -30.81 5.21 -10.95
CA LEU B 312 -30.45 5.10 -9.53
C LEU B 312 -31.25 3.97 -8.91
N ARG B 313 -32.31 3.58 -9.59
CA ARG B 313 -33.16 2.49 -9.11
C ARG B 313 -32.57 1.16 -9.58
N MET B 314 -31.55 1.24 -10.42
CA MET B 314 -30.93 0.04 -10.98
C MET B 314 -29.53 -0.27 -10.48
N VAL B 315 -29.05 0.52 -9.53
CA VAL B 315 -27.73 0.28 -8.98
C VAL B 315 -27.79 -1.01 -8.19
N ARG B 316 -26.83 -1.90 -8.45
CA ARG B 316 -26.80 -3.19 -7.76
C ARG B 316 -25.38 -3.58 -7.39
N PHE B 317 -25.26 -4.37 -6.33
CA PHE B 317 -23.96 -4.85 -5.86
C PHE B 317 -24.10 -6.28 -5.37
N LEU B 318 -23.14 -7.12 -5.75
CA LEU B 318 -23.15 -8.52 -5.32
C LEU B 318 -22.78 -8.56 -3.85
N ARG B 319 -23.64 -9.14 -3.03
CA ARG B 319 -23.39 -9.23 -1.59
C ARG B 319 -23.54 -10.66 -1.08
N THR B 320 -22.98 -10.90 0.10
CA THR B 320 -23.06 -12.22 0.71
C THR B 320 -24.26 -12.30 1.63
N PRO B 321 -24.64 -13.51 2.02
CA PRO B 321 -25.79 -13.67 2.91
C PRO B 321 -25.55 -12.93 4.24
N GLU B 322 -24.32 -12.98 4.73
CA GLU B 322 -23.98 -12.32 5.97
C GLU B 322 -24.30 -10.84 5.84
N TYR B 323 -23.94 -10.29 4.70
CA TYR B 323 -24.17 -8.88 4.41
C TYR B 323 -25.66 -8.62 4.38
N ASP B 324 -26.40 -9.50 3.71
CA ASP B 324 -27.85 -9.35 3.59
C ASP B 324 -28.59 -9.20 4.92
N GLU B 325 -28.08 -9.81 5.98
CA GLU B 325 -28.78 -9.69 7.25
C GLU B 325 -28.32 -8.49 8.05
N LEU B 326 -27.17 -7.94 7.66
CA LEU B 326 -26.61 -6.77 8.31
C LEU B 326 -27.20 -5.52 7.66
N PHE B 327 -27.52 -5.64 6.37
CA PHE B 327 -28.09 -4.56 5.59
C PHE B 327 -29.16 -5.19 4.70
N SER B 328 -30.34 -5.38 5.28
CA SER B 328 -31.45 -6.02 4.58
C SER B 328 -32.14 -5.18 3.53
N GLY B 329 -32.77 -5.87 2.58
CA GLY B 329 -33.52 -5.21 1.52
C GLY B 329 -32.80 -4.83 0.24
N ASP B 330 -31.60 -5.34 0.04
CA ASP B 330 -30.84 -5.01 -1.16
C ASP B 330 -30.68 -3.49 -1.25
N PRO B 331 -30.26 -2.84 -0.15
CA PRO B 331 -30.07 -1.38 -0.10
C PRO B 331 -28.88 -0.85 -0.89
N ILE B 332 -28.98 0.40 -1.32
CA ILE B 332 -27.90 1.04 -2.08
C ILE B 332 -27.55 2.40 -1.48
N TRP B 333 -28.55 3.08 -0.94
CA TRP B 333 -28.37 4.40 -0.35
C TRP B 333 -27.90 5.43 -1.35
N ALA B 334 -28.52 5.43 -2.51
CA ALA B 334 -28.21 6.41 -3.55
C ALA B 334 -28.99 7.61 -3.03
N THR B 335 -28.49 8.19 -1.93
CA THR B 335 -29.14 9.31 -1.28
C THR B 335 -29.02 10.65 -2.00
N GLU B 336 -30.17 11.33 -2.11
CA GLU B 336 -30.27 12.65 -2.75
C GLU B 336 -30.84 13.64 -1.75
N SER B 337 -30.11 14.72 -1.50
CA SER B 337 -30.57 15.73 -0.56
C SER B 337 -31.33 16.82 -1.32
N ILE B 338 -32.62 16.91 -1.05
CA ILE B 338 -33.51 17.83 -1.72
C ILE B 338 -33.98 19.00 -0.85
N GLY B 339 -34.07 20.17 -1.47
CA GLY B 339 -34.53 21.35 -0.75
C GLY B 339 -33.52 22.05 0.14
N GLY B 340 -33.93 22.32 1.38
CA GLY B 340 -33.07 23.02 2.32
C GLY B 340 -33.11 24.52 2.09
N MET B 341 -32.52 25.28 3.01
CA MET B 341 -32.48 26.73 2.89
C MET B 341 -31.03 27.17 2.73
N GLY B 342 -30.81 28.22 1.94
CA GLY B 342 -29.47 28.74 1.75
C GLY B 342 -29.07 29.53 2.98
N LEU B 343 -27.80 29.87 3.11
CA LEU B 343 -27.36 30.64 4.26
C LEU B 343 -27.91 32.05 4.14
N ASP B 344 -28.22 32.45 2.91
CA ASP B 344 -28.75 33.78 2.63
C ASP B 344 -30.28 33.88 2.78
N GLY B 345 -30.87 32.95 3.53
CA GLY B 345 -32.31 32.99 3.74
C GLY B 345 -33.20 32.41 2.65
N ARG B 346 -32.77 32.48 1.39
CA ARG B 346 -33.57 31.94 0.30
C ARG B 346 -33.75 30.43 0.44
N THR B 347 -34.73 29.87 -0.24
CA THR B 347 -34.92 28.44 -0.17
C THR B 347 -34.17 27.81 -1.34
N LEU B 348 -33.59 26.65 -1.10
CA LEU B 348 -32.89 25.98 -2.18
C LEU B 348 -33.87 25.13 -2.94
N VAL B 349 -35.16 25.20 -2.57
CA VAL B 349 -36.20 24.42 -3.25
C VAL B 349 -36.31 24.92 -4.69
N THR B 350 -36.51 24.01 -5.63
CA THR B 350 -36.62 24.41 -7.03
C THR B 350 -37.69 23.57 -7.66
N LYS B 351 -37.98 23.84 -8.92
CA LYS B 351 -38.98 23.03 -9.62
C LYS B 351 -38.47 21.61 -9.66
N ASN B 352 -37.15 21.46 -9.72
CA ASN B 352 -36.54 20.14 -9.77
C ASN B 352 -36.73 19.39 -8.44
N SER B 353 -36.87 20.11 -7.34
CA SER B 353 -37.11 19.46 -6.05
C SER B 353 -38.39 18.65 -6.24
N PHE B 354 -39.38 19.30 -6.88
CA PHE B 354 -40.66 18.67 -7.15
C PHE B 354 -40.54 17.53 -8.16
N ARG B 355 -39.83 17.78 -9.25
CA ARG B 355 -39.65 16.75 -10.27
C ARG B 355 -39.11 15.44 -9.68
N PHE B 356 -38.18 15.55 -8.74
CA PHE B 356 -37.61 14.36 -8.11
C PHE B 356 -38.64 13.60 -7.30
N LEU B 357 -39.32 14.29 -6.40
CA LEU B 357 -40.35 13.62 -5.59
C LEU B 357 -41.39 13.01 -6.54
N ASN B 358 -41.65 13.69 -7.65
CA ASN B 358 -42.61 13.26 -8.65
C ASN B 358 -42.25 11.94 -9.35
N THR B 359 -41.00 11.49 -9.23
CA THR B 359 -40.62 10.22 -9.87
C THR B 359 -41.35 9.11 -9.11
N LEU B 360 -41.72 9.41 -7.87
CA LEU B 360 -42.43 8.48 -7.01
C LEU B 360 -43.84 8.24 -7.56
N TYR B 361 -44.27 9.13 -8.45
CA TYR B 361 -45.58 9.03 -9.08
C TYR B 361 -45.41 8.52 -10.50
N THR B 362 -44.55 9.16 -11.28
CA THR B 362 -44.34 8.75 -12.67
C THR B 362 -43.92 7.28 -12.80
N MET B 363 -43.12 6.81 -11.84
CA MET B 363 -42.64 5.43 -11.86
C MET B 363 -43.02 4.67 -10.59
N GLY B 364 -43.94 5.24 -9.81
CA GLY B 364 -44.40 4.60 -8.59
C GLY B 364 -43.41 4.70 -7.46
N PRO B 365 -43.73 4.15 -6.28
CA PRO B 365 -42.81 4.21 -5.15
C PRO B 365 -41.60 3.31 -5.36
N SER B 366 -40.47 3.74 -4.80
CA SER B 366 -39.21 3.01 -4.89
C SER B 366 -38.34 3.39 -3.70
N PRO B 367 -37.62 2.42 -3.13
CA PRO B 367 -36.74 2.68 -1.99
C PRO B 367 -35.48 3.45 -2.40
N GLU B 368 -35.15 3.37 -3.70
CA GLU B 368 -33.99 4.06 -4.25
C GLU B 368 -34.46 4.93 -5.42
N PRO B 369 -33.89 6.13 -5.56
CA PRO B 369 -32.88 6.69 -4.66
C PRO B 369 -33.48 7.03 -3.30
N ASN B 370 -32.63 7.11 -2.30
CA ASN B 370 -33.07 7.43 -0.96
C ASN B 370 -33.22 8.93 -0.87
N MET B 371 -34.34 9.44 -1.37
CA MET B 371 -34.60 10.88 -1.36
C MET B 371 -34.84 11.44 0.03
N THR B 372 -34.03 12.44 0.35
CA THR B 372 -34.06 13.06 1.65
C THR B 372 -34.38 14.54 1.58
N ILE B 373 -35.40 14.94 2.33
CA ILE B 373 -35.81 16.32 2.38
C ILE B 373 -35.03 17.05 3.48
N LEU B 374 -34.29 18.08 3.09
CA LEU B 374 -33.55 18.89 4.05
C LEU B 374 -34.62 19.88 4.51
N TRP B 375 -35.27 19.53 5.61
CA TRP B 375 -36.37 20.32 6.17
C TRP B 375 -35.99 21.53 6.99
N SER B 376 -36.80 22.57 6.83
CA SER B 376 -36.64 23.84 7.55
C SER B 376 -38.00 24.48 7.80
N GLU B 377 -38.19 25.07 8.97
CA GLU B 377 -39.45 25.72 9.30
C GLU B 377 -39.71 26.87 8.35
N LYS B 378 -38.71 27.24 7.57
CA LYS B 378 -38.86 28.34 6.64
C LYS B 378 -39.03 27.90 5.20
N LEU B 379 -39.30 26.62 4.98
CA LEU B 379 -39.51 26.13 3.62
C LEU B 379 -40.86 26.62 3.11
N PRO B 380 -41.00 26.73 1.77
CA PRO B 380 -42.28 27.19 1.23
C PRO B 380 -43.34 26.17 1.63
N LEU B 381 -44.44 26.64 2.22
CA LEU B 381 -45.51 25.75 2.66
C LEU B 381 -45.97 24.83 1.52
N ASN B 382 -45.92 25.35 0.30
CA ASN B 382 -46.32 24.58 -0.87
C ASN B 382 -45.54 23.28 -0.97
N PHE B 383 -44.25 23.37 -0.65
CA PHE B 383 -43.35 22.24 -0.68
C PHE B 383 -43.60 21.34 0.53
N LYS B 384 -43.70 21.95 1.72
CA LYS B 384 -43.95 21.17 2.95
C LYS B 384 -45.12 20.22 2.76
N LYS B 385 -46.23 20.75 2.27
CA LYS B 385 -47.43 19.95 2.03
C LYS B 385 -47.19 18.83 1.05
N PHE B 386 -46.61 19.17 -0.11
CA PHE B 386 -46.35 18.16 -1.13
C PHE B 386 -45.45 17.03 -0.63
N ALA B 387 -44.40 17.37 0.11
CA ALA B 387 -43.50 16.36 0.65
C ALA B 387 -44.33 15.42 1.51
N ALA B 388 -45.09 16.02 2.41
CA ALA B 388 -45.95 15.25 3.30
C ALA B 388 -46.91 14.37 2.51
N LYS B 389 -47.53 14.93 1.47
CA LYS B 389 -48.46 14.16 0.68
C LYS B 389 -47.74 12.93 0.11
N VAL B 390 -46.57 13.18 -0.47
CA VAL B 390 -45.77 12.10 -1.06
C VAL B 390 -45.44 11.05 0.01
N SER B 391 -45.20 11.49 1.24
CA SER B 391 -44.91 10.57 2.32
C SER B 391 -46.17 9.74 2.59
N ILE B 392 -47.28 10.44 2.73
CA ILE B 392 -48.55 9.80 2.99
C ILE B 392 -48.88 8.85 1.86
N ASP B 393 -48.51 9.23 0.65
CA ASP B 393 -48.79 8.43 -0.54
C ASP B 393 -47.87 7.23 -0.75
N THR B 394 -46.57 7.39 -0.46
CA THR B 394 -45.60 6.34 -0.71
C THR B 394 -44.70 5.85 0.44
N SER B 395 -44.63 6.61 1.52
CA SER B 395 -43.77 6.23 2.62
C SER B 395 -42.35 6.05 2.11
N SER B 396 -41.99 6.79 1.06
CA SER B 396 -40.67 6.66 0.47
C SER B 396 -39.69 7.81 0.75
N LEU B 397 -40.05 8.74 1.63
CA LEU B 397 -39.16 9.86 1.90
C LEU B 397 -38.70 9.96 3.35
N GLN B 398 -37.55 10.60 3.55
CA GLN B 398 -37.04 10.82 4.89
C GLN B 398 -36.74 12.30 5.06
N TYR B 399 -36.69 12.74 6.30
CA TYR B 399 -36.45 14.15 6.59
C TYR B 399 -35.30 14.38 7.54
N GLU B 400 -34.49 15.39 7.23
CA GLU B 400 -33.35 15.75 8.07
C GLU B 400 -33.48 17.24 8.40
N ASN B 401 -33.14 17.57 9.64
CA ASN B 401 -33.21 18.93 10.16
C ASN B 401 -32.20 19.91 9.54
N ASP B 402 -32.61 20.60 8.49
CA ASP B 402 -31.74 21.56 7.82
C ASP B 402 -31.51 22.81 8.67
N ASP B 403 -32.42 23.09 9.60
CA ASP B 403 -32.27 24.26 10.47
C ASP B 403 -31.21 23.98 11.53
N LEU B 404 -30.81 22.72 11.63
CA LEU B 404 -29.82 22.28 12.59
C LEU B 404 -28.44 22.09 11.95
N MET B 405 -28.40 21.43 10.80
CA MET B 405 -27.15 21.14 10.12
C MET B 405 -26.56 22.29 9.32
N ARG B 406 -27.40 22.98 8.55
CA ARG B 406 -26.89 24.09 7.74
C ARG B 406 -26.10 25.06 8.62
N PRO B 407 -26.65 25.44 9.78
CA PRO B 407 -25.93 26.36 10.67
C PRO B 407 -24.75 25.71 11.40
N ASP B 408 -24.81 24.41 11.60
CA ASP B 408 -23.71 23.71 12.27
C ASP B 408 -22.48 23.73 11.39
N PHE B 409 -22.67 23.39 10.11
CA PHE B 409 -21.57 23.41 9.16
C PHE B 409 -21.38 24.86 8.70
N ASN B 410 -22.42 25.67 8.88
CA ASN B 410 -22.40 27.04 8.41
C ASN B 410 -22.08 26.90 6.93
N ASN B 411 -22.83 26.01 6.28
CA ASN B 411 -22.65 25.74 4.87
C ASN B 411 -23.98 25.25 4.34
N ASP B 412 -24.35 25.69 3.14
CA ASP B 412 -25.62 25.27 2.57
C ASP B 412 -25.46 24.37 1.35
N ASP B 413 -24.36 23.61 1.33
CA ASP B 413 -24.10 22.69 0.23
C ASP B 413 -23.55 21.36 0.77
N TYR B 414 -24.10 20.92 1.90
CA TYR B 414 -23.71 19.66 2.51
C TYR B 414 -24.76 18.65 2.05
N ALA B 415 -24.43 17.37 2.01
CA ALA B 415 -25.40 16.37 1.59
C ALA B 415 -25.42 15.26 2.62
N ILE B 416 -26.32 14.30 2.43
CA ILE B 416 -26.45 13.18 3.36
C ILE B 416 -25.92 11.87 2.77
N ALA B 417 -24.92 11.31 3.43
CA ALA B 417 -24.33 10.04 2.99
C ALA B 417 -25.10 8.95 3.71
N CYS B 418 -25.58 7.98 2.92
CA CYS B 418 -26.34 6.85 3.44
C CYS B 418 -27.68 7.21 4.07
N CYS B 419 -27.73 7.32 5.39
CA CYS B 419 -28.98 7.63 6.08
C CYS B 419 -29.05 8.99 6.73
N VAL B 420 -28.10 9.27 7.62
CA VAL B 420 -28.12 10.50 8.39
C VAL B 420 -26.75 11.15 8.59
N SER B 421 -25.76 10.71 7.82
CA SER B 421 -24.41 11.24 7.96
C SER B 421 -24.11 12.37 6.99
N PRO B 422 -24.12 13.61 7.50
CA PRO B 422 -23.87 14.84 6.75
C PRO B 422 -22.41 15.14 6.44
N MET B 423 -22.20 15.71 5.25
CA MET B 423 -20.87 16.07 4.82
C MET B 423 -20.96 17.18 3.78
N ILE B 424 -20.05 18.15 3.84
CA ILE B 424 -20.03 19.24 2.88
C ILE B 424 -19.52 18.67 1.55
N VAL B 425 -20.39 18.63 0.56
CA VAL B 425 -20.06 18.06 -0.76
C VAL B 425 -18.69 18.40 -1.37
N GLY B 426 -17.89 17.36 -1.62
CA GLY B 426 -16.58 17.52 -2.22
C GLY B 426 -15.49 18.02 -1.28
N LYS B 427 -15.83 18.24 -0.03
CA LYS B 427 -14.86 18.75 0.94
C LYS B 427 -14.80 17.93 2.20
N GLN B 428 -15.65 16.91 2.29
CA GLN B 428 -15.70 16.10 3.50
C GLN B 428 -16.18 14.68 3.23
N MET B 429 -15.75 13.75 4.08
CA MET B 429 -16.14 12.34 3.99
C MET B 429 -16.13 11.70 5.37
N GLN B 430 -16.56 10.44 5.44
CA GLN B 430 -16.56 9.70 6.68
C GLN B 430 -15.86 8.37 6.53
N PHE B 431 -15.22 7.94 7.62
CA PHE B 431 -14.57 6.62 7.67
C PHE B 431 -15.70 5.82 8.33
N PHE B 432 -16.43 5.08 7.52
CA PHE B 432 -17.56 4.30 8.03
C PHE B 432 -17.14 3.31 9.11
N GLY B 433 -17.96 3.17 10.14
CA GLY B 433 -17.62 2.25 11.21
C GLY B 433 -18.71 1.32 11.67
N ALA B 434 -19.79 1.22 10.91
CA ALA B 434 -20.92 0.37 11.27
C ALA B 434 -21.35 0.76 12.69
N ARG B 435 -21.68 -0.23 13.51
CA ARG B 435 -22.09 0.08 14.88
C ARG B 435 -21.74 -1.01 15.87
N ALA B 436 -21.53 -0.60 17.12
CA ALA B 436 -21.19 -1.51 18.21
C ALA B 436 -22.43 -1.89 19.03
N ASN B 437 -22.41 -3.08 19.63
CA ASN B 437 -23.52 -3.55 20.45
C ASN B 437 -23.40 -2.97 21.87
N LEU B 438 -24.10 -1.86 22.11
CA LEU B 438 -24.04 -1.21 23.42
C LEU B 438 -24.72 -2.03 24.51
N ALA B 439 -25.76 -2.76 24.12
CA ALA B 439 -26.53 -3.58 25.06
C ALA B 439 -25.65 -4.66 25.67
N LYS B 440 -24.98 -5.43 24.82
CA LYS B 440 -24.12 -6.51 25.27
C LYS B 440 -23.03 -5.96 26.20
N THR B 441 -22.64 -4.72 25.97
CA THR B 441 -21.61 -4.11 26.80
C THR B 441 -22.07 -4.08 28.25
N MET B 442 -23.35 -3.81 28.44
CA MET B 442 -23.92 -3.78 29.78
C MET B 442 -23.90 -5.19 30.38
N LEU B 443 -24.40 -6.17 29.64
CA LEU B 443 -24.41 -7.54 30.14
C LEU B 443 -23.00 -7.94 30.58
N TYR B 444 -22.01 -7.58 29.75
CA TYR B 444 -20.62 -7.89 30.04
C TYR B 444 -20.20 -7.26 31.37
N ALA B 445 -20.61 -6.02 31.59
CA ALA B 445 -20.30 -5.32 32.83
C ALA B 445 -20.84 -6.13 34.02
N ILE B 446 -22.01 -6.71 33.81
CA ILE B 446 -22.66 -7.52 34.84
C ILE B 446 -22.06 -8.92 34.96
N ASN B 447 -21.65 -9.52 33.84
CA ASN B 447 -21.07 -10.85 33.88
C ASN B 447 -19.53 -10.86 33.78
N GLY B 448 -18.91 -9.76 34.19
CA GLY B 448 -17.47 -9.69 34.17
C GLY B 448 -16.79 -10.00 32.83
N GLY B 449 -17.37 -9.50 31.74
CA GLY B 449 -16.77 -9.71 30.43
C GLY B 449 -16.99 -11.06 29.78
N VAL B 450 -17.77 -11.93 30.41
CA VAL B 450 -18.02 -13.23 29.82
C VAL B 450 -19.27 -13.14 28.97
N ASP B 451 -19.21 -13.63 27.74
CA ASP B 451 -20.37 -13.55 26.89
C ASP B 451 -21.47 -14.46 27.39
N GLU B 452 -22.62 -13.88 27.68
CA GLU B 452 -23.76 -14.60 28.20
C GLU B 452 -24.29 -15.75 27.33
N LYS B 453 -23.88 -15.83 26.06
CA LYS B 453 -24.37 -16.92 25.21
C LYS B 453 -23.29 -17.95 24.96
N LEU B 454 -22.08 -17.48 24.68
CA LEU B 454 -20.95 -18.37 24.38
C LEU B 454 -20.18 -18.82 25.62
N LYS B 455 -20.49 -18.18 26.74
CA LYS B 455 -19.83 -18.51 28.01
C LYS B 455 -18.32 -18.55 27.85
N MET B 456 -17.76 -17.52 27.22
CA MET B 456 -16.32 -17.43 27.03
C MET B 456 -15.94 -15.99 27.39
N GLN B 457 -14.66 -15.78 27.70
CA GLN B 457 -14.20 -14.45 28.07
C GLN B 457 -13.96 -13.56 26.85
N VAL B 458 -14.76 -12.52 26.72
CA VAL B 458 -14.62 -11.60 25.59
C VAL B 458 -14.09 -10.27 26.10
N GLY B 459 -14.81 -9.67 27.04
CA GLY B 459 -14.38 -8.40 27.59
C GLY B 459 -13.26 -8.60 28.59
N PRO B 460 -12.78 -7.54 29.25
CA PRO B 460 -11.70 -7.73 30.21
C PRO B 460 -12.16 -8.59 31.37
N LYS B 461 -11.32 -9.54 31.76
CA LYS B 461 -11.64 -10.45 32.86
C LYS B 461 -11.84 -9.64 34.12
N SER B 462 -13.03 -9.74 34.72
CA SER B 462 -13.33 -9.01 35.94
C SER B 462 -14.37 -9.77 36.75
N GLU B 463 -14.69 -9.23 37.93
CA GLU B 463 -15.65 -9.85 38.82
C GLU B 463 -17.09 -9.50 38.48
N PRO B 464 -17.92 -10.52 38.23
CA PRO B 464 -19.33 -10.30 37.91
C PRO B 464 -20.05 -9.68 39.09
N ILE B 465 -21.00 -8.78 38.80
CA ILE B 465 -21.78 -8.14 39.85
C ILE B 465 -22.59 -9.18 40.61
N LYS B 466 -22.55 -9.11 41.94
CA LYS B 466 -23.27 -10.06 42.77
C LYS B 466 -24.35 -9.40 43.62
N GLY B 467 -25.28 -10.23 44.10
CA GLY B 467 -26.39 -9.75 44.89
C GLY B 467 -27.70 -10.27 44.33
N ASP B 468 -28.79 -10.13 45.07
CA ASP B 468 -30.08 -10.62 44.59
C ASP B 468 -30.72 -9.60 43.69
N VAL B 469 -30.47 -8.32 44.00
CA VAL B 469 -31.02 -7.22 43.23
C VAL B 469 -29.92 -6.30 42.74
N LEU B 470 -30.05 -5.88 41.48
CA LEU B 470 -29.08 -5.00 40.86
C LEU B 470 -29.16 -3.56 41.35
N ASN B 471 -28.00 -3.02 41.70
CA ASN B 471 -27.88 -1.66 42.16
C ASN B 471 -27.51 -0.82 40.93
N TYR B 472 -28.25 0.25 40.67
CA TYR B 472 -27.97 1.11 39.52
C TYR B 472 -26.56 1.71 39.49
N ASP B 473 -26.15 2.33 40.59
CA ASP B 473 -24.83 2.93 40.62
C ASP B 473 -23.70 1.96 40.34
N GLU B 474 -23.77 0.77 40.92
CA GLU B 474 -22.72 -0.22 40.69
C GLU B 474 -22.69 -0.62 39.21
N VAL B 475 -23.83 -1.14 38.74
CA VAL B 475 -23.97 -1.55 37.34
C VAL B 475 -23.51 -0.45 36.38
N MET B 476 -23.84 0.80 36.69
CA MET B 476 -23.47 1.92 35.82
C MET B 476 -21.96 2.15 35.80
N GLU B 477 -21.29 1.90 36.92
CA GLU B 477 -19.86 2.11 36.97
C GLU B 477 -19.13 1.00 36.22
N ARG B 478 -19.60 -0.23 36.39
CA ARG B 478 -18.98 -1.34 35.72
C ARG B 478 -19.19 -1.12 34.22
N MET B 479 -20.41 -0.72 33.85
CA MET B 479 -20.72 -0.49 32.45
C MET B 479 -19.85 0.61 31.88
N ASP B 480 -19.60 1.64 32.66
CA ASP B 480 -18.78 2.75 32.20
C ASP B 480 -17.40 2.23 31.86
N HIS B 481 -16.90 1.36 32.71
CA HIS B 481 -15.59 0.77 32.51
C HIS B 481 -15.58 -0.04 31.21
N PHE B 482 -16.60 -0.87 31.02
CA PHE B 482 -16.69 -1.68 29.82
C PHE B 482 -16.85 -0.86 28.56
N MET B 483 -17.39 0.34 28.71
CA MET B 483 -17.57 1.21 27.56
C MET B 483 -16.18 1.72 27.17
N ASP B 484 -15.33 1.94 28.16
CA ASP B 484 -13.97 2.39 27.91
C ASP B 484 -13.31 1.34 27.04
N TRP B 485 -13.50 0.08 27.42
CA TRP B 485 -12.94 -1.05 26.71
C TRP B 485 -13.52 -1.15 25.29
N LEU B 486 -14.83 -0.97 25.18
CA LEU B 486 -15.51 -1.05 23.89
C LEU B 486 -14.94 0.02 22.96
N ALA B 487 -14.84 1.26 23.46
CA ALA B 487 -14.29 2.35 22.65
C ALA B 487 -12.91 1.97 22.09
N LYS B 488 -12.06 1.43 22.96
CA LYS B 488 -10.70 1.03 22.57
C LYS B 488 -10.73 0.01 21.41
N GLN B 489 -11.42 -1.11 21.62
CA GLN B 489 -11.51 -2.13 20.59
C GLN B 489 -12.08 -1.58 19.29
N TYR B 490 -13.18 -0.84 19.42
CA TYR B 490 -13.89 -0.28 18.26
C TYR B 490 -13.01 0.63 17.42
N ILE B 491 -12.34 1.58 18.07
CA ILE B 491 -11.47 2.51 17.34
C ILE B 491 -10.27 1.78 16.73
N THR B 492 -9.72 0.84 17.47
CA THR B 492 -8.58 0.08 16.98
C THR B 492 -8.98 -0.66 15.72
N ALA B 493 -10.13 -1.32 15.77
CA ALA B 493 -10.60 -2.05 14.60
C ALA B 493 -10.77 -1.12 13.40
N LEU B 494 -11.35 0.05 13.64
CA LEU B 494 -11.56 0.98 12.53
C LEU B 494 -10.21 1.49 12.01
N ASN B 495 -9.26 1.75 12.90
CA ASN B 495 -7.96 2.24 12.47
C ASN B 495 -7.35 1.25 11.49
N ILE B 496 -7.42 -0.03 11.83
CA ILE B 496 -6.88 -1.09 10.98
C ILE B 496 -7.62 -1.06 9.64
N ILE B 497 -8.95 -1.09 9.72
CA ILE B 497 -9.80 -1.10 8.55
C ILE B 497 -9.57 0.02 7.56
N HIS B 498 -9.50 1.26 8.03
CA HIS B 498 -9.33 2.36 7.11
C HIS B 498 -7.92 2.54 6.58
N TYR B 499 -6.95 2.03 7.32
CA TYR B 499 -5.57 2.07 6.87
C TYR B 499 -5.54 1.11 5.68
N MET B 500 -6.14 -0.06 5.86
CA MET B 500 -6.18 -1.07 4.81
C MET B 500 -7.02 -0.68 3.61
N HIS B 501 -8.15 0.00 3.85
CA HIS B 501 -9.03 0.40 2.74
C HIS B 501 -8.34 1.46 1.90
N ASP B 502 -7.61 2.36 2.54
CA ASP B 502 -6.88 3.41 1.82
C ASP B 502 -5.80 2.75 0.98
N LYS B 503 -5.20 1.69 1.52
CA LYS B 503 -4.15 0.98 0.83
C LYS B 503 -4.64 0.07 -0.29
N TYR B 504 -5.61 -0.78 0.01
CA TYR B 504 -6.08 -1.72 -1.00
C TYR B 504 -7.35 -1.41 -1.80
N SER B 505 -8.03 -0.33 -1.48
CA SER B 505 -9.24 -0.01 -2.24
C SER B 505 -9.58 1.46 -2.21
N TYR B 506 -8.57 2.30 -2.45
CA TYR B 506 -8.76 3.75 -2.46
C TYR B 506 -9.79 4.09 -3.54
N GLU B 507 -10.81 4.83 -3.16
CA GLU B 507 -11.87 5.21 -4.07
C GLU B 507 -11.48 6.41 -4.96
N ALA B 508 -10.56 6.14 -5.89
CA ALA B 508 -10.04 7.14 -6.80
C ALA B 508 -11.06 7.96 -7.56
N SER B 509 -12.00 7.30 -8.23
CA SER B 509 -13.00 8.03 -9.00
C SER B 509 -13.84 8.98 -8.14
N LEU B 510 -14.04 8.64 -6.87
CA LEU B 510 -14.84 9.50 -6.01
C LEU B 510 -14.02 10.63 -5.44
N MET B 511 -12.81 10.29 -5.00
CA MET B 511 -11.93 11.28 -4.39
C MET B 511 -11.48 12.29 -5.44
N ALA B 512 -11.49 11.88 -6.69
CA ALA B 512 -11.12 12.75 -7.80
C ALA B 512 -12.14 13.89 -7.93
N LEU B 513 -13.29 13.74 -7.28
CA LEU B 513 -14.31 14.77 -7.35
C LEU B 513 -14.45 15.51 -6.03
N HIS B 514 -13.36 15.57 -5.28
CA HIS B 514 -13.30 16.29 -4.01
C HIS B 514 -12.16 17.26 -4.16
N ASP B 515 -11.96 18.10 -3.15
CA ASP B 515 -10.86 19.07 -3.14
C ASP B 515 -9.60 18.28 -2.83
N ARG B 516 -8.47 18.97 -2.75
CA ARG B 516 -7.21 18.28 -2.47
C ARG B 516 -7.20 17.69 -1.06
N ASP B 517 -7.66 18.47 -0.09
CA ASP B 517 -7.67 18.03 1.29
C ASP B 517 -9.10 17.80 1.74
N VAL B 518 -9.40 16.57 2.10
CA VAL B 518 -10.74 16.20 2.51
C VAL B 518 -10.84 15.96 3.99
N ILE B 519 -11.89 16.52 4.61
CA ILE B 519 -12.11 16.32 6.02
C ILE B 519 -12.62 14.92 6.26
N ARG B 520 -12.00 14.22 7.22
CA ARG B 520 -12.41 12.87 7.52
C ARG B 520 -12.85 12.72 8.97
N THR B 521 -13.94 12.00 9.16
CA THR B 521 -14.43 11.74 10.50
C THR B 521 -14.40 10.22 10.68
N MET B 522 -14.23 9.78 11.91
CA MET B 522 -14.22 8.35 12.24
C MET B 522 -15.59 8.07 12.86
N ALA B 523 -16.56 7.75 12.01
CA ALA B 523 -17.94 7.50 12.44
C ALA B 523 -18.20 6.17 13.17
N CYS B 524 -18.44 6.26 14.47
CA CYS B 524 -18.75 5.07 15.26
C CYS B 524 -20.24 5.01 15.51
N GLY B 525 -20.81 3.83 15.34
CA GLY B 525 -22.24 3.68 15.55
C GLY B 525 -22.59 2.95 16.82
N ILE B 526 -23.74 3.30 17.40
CA ILE B 526 -24.24 2.68 18.62
C ILE B 526 -25.52 1.94 18.33
N ALA B 527 -25.54 0.65 18.64
CA ALA B 527 -26.72 -0.15 18.41
C ALA B 527 -27.34 -0.49 19.75
N GLY B 528 -28.67 -0.63 19.74
CA GLY B 528 -29.42 -0.97 20.95
C GLY B 528 -29.41 0.09 22.04
N LEU B 529 -29.39 1.36 21.67
CA LEU B 529 -29.38 2.43 22.66
C LEU B 529 -30.55 2.33 23.65
N SER B 530 -31.74 2.06 23.12
CA SER B 530 -32.94 1.96 23.95
C SER B 530 -32.94 0.75 24.87
N VAL B 531 -32.60 -0.44 24.38
CA VAL B 531 -32.62 -1.58 25.28
C VAL B 531 -31.62 -1.28 26.40
N ALA B 532 -30.59 -0.52 26.08
CA ALA B 532 -29.56 -0.17 27.06
C ALA B 532 -30.13 0.78 28.10
N ALA B 533 -30.71 1.89 27.63
CA ALA B 533 -31.29 2.88 28.52
C ALA B 533 -32.43 2.33 29.37
N ASP B 534 -33.35 1.60 28.74
CA ASP B 534 -34.49 1.01 29.46
C ASP B 534 -33.97 0.06 30.52
N SER B 535 -32.95 -0.74 30.19
CA SER B 535 -32.40 -1.68 31.14
C SER B 535 -31.82 -0.96 32.35
N LEU B 536 -31.26 0.22 32.16
CA LEU B 536 -30.72 0.99 33.27
C LEU B 536 -31.89 1.46 34.13
N SER B 537 -32.93 1.93 33.46
CA SER B 537 -34.13 2.41 34.14
C SER B 537 -34.76 1.30 34.99
N ALA B 538 -34.89 0.11 34.41
CA ALA B 538 -35.48 -1.01 35.13
C ALA B 538 -34.71 -1.27 36.42
N ILE B 539 -33.39 -1.17 36.35
CA ILE B 539 -32.53 -1.40 37.51
C ILE B 539 -32.61 -0.25 38.51
N LYS B 540 -32.70 0.97 37.98
CA LYS B 540 -32.76 2.15 38.81
C LYS B 540 -34.11 2.40 39.46
N TYR B 541 -35.17 2.34 38.67
CA TYR B 541 -36.53 2.57 39.18
C TYR B 541 -37.38 1.33 39.41
N ALA B 542 -36.73 0.22 39.76
CA ALA B 542 -37.47 -1.02 40.00
C ALA B 542 -36.55 -2.06 40.60
N LYS B 543 -37.07 -3.26 40.80
CA LYS B 543 -36.26 -4.33 41.36
C LYS B 543 -35.98 -5.40 40.32
N VAL B 544 -34.77 -5.33 39.77
CA VAL B 544 -34.35 -6.29 38.77
C VAL B 544 -33.55 -7.36 39.49
N LYS B 545 -34.04 -8.59 39.44
CA LYS B 545 -33.38 -9.72 40.08
C LYS B 545 -32.75 -10.66 39.05
N PRO B 546 -31.40 -10.68 38.98
CA PRO B 546 -30.67 -11.53 38.05
C PRO B 546 -30.77 -13.01 38.38
N ILE B 547 -30.96 -13.83 37.34
CA ILE B 547 -31.08 -15.27 37.52
C ILE B 547 -29.81 -15.92 36.97
N ARG B 548 -28.85 -16.17 37.86
CA ARG B 548 -27.58 -16.75 37.44
C ARG B 548 -27.61 -18.26 37.22
N ASP B 549 -26.72 -18.73 36.35
CA ASP B 549 -26.61 -20.15 36.05
C ASP B 549 -25.58 -20.80 36.97
N GLU B 550 -25.32 -22.07 36.73
CA GLU B 550 -24.38 -22.84 37.53
C GLU B 550 -23.06 -22.11 37.80
N ASP B 551 -22.63 -21.26 36.88
CA ASP B 551 -21.38 -20.55 37.05
C ASP B 551 -21.52 -19.11 37.53
N GLY B 552 -22.74 -18.73 37.91
CA GLY B 552 -22.95 -17.37 38.40
C GLY B 552 -23.11 -16.37 37.29
N LEU B 553 -23.38 -16.88 36.09
CA LEU B 553 -23.56 -16.06 34.91
C LEU B 553 -25.02 -15.63 34.84
N ALA B 554 -25.27 -14.32 34.79
CA ALA B 554 -26.63 -13.81 34.71
C ALA B 554 -27.25 -14.12 33.33
N ILE B 555 -28.06 -15.17 33.25
CA ILE B 555 -28.68 -15.54 31.99
C ILE B 555 -30.15 -15.11 31.84
N ASP B 556 -30.64 -14.36 32.82
CA ASP B 556 -32.01 -13.87 32.76
C ASP B 556 -32.25 -12.91 33.90
N PHE B 557 -33.34 -12.17 33.80
CA PHE B 557 -33.67 -11.20 34.84
C PHE B 557 -35.14 -11.21 35.22
N GLU B 558 -35.39 -11.02 36.50
CA GLU B 558 -36.74 -10.99 37.03
C GLU B 558 -36.98 -9.54 37.42
N ILE B 559 -38.06 -8.95 36.93
CA ILE B 559 -38.30 -7.57 37.27
C ILE B 559 -39.57 -7.41 38.09
N GLU B 560 -39.50 -6.50 39.07
CA GLU B 560 -40.63 -6.21 39.94
C GLU B 560 -40.87 -4.72 39.99
N GLY B 561 -42.08 -4.31 39.61
CA GLY B 561 -42.44 -2.91 39.63
C GLY B 561 -42.07 -2.24 38.33
N GLU B 562 -43.09 -1.79 37.59
CA GLU B 562 -42.86 -1.14 36.32
C GLU B 562 -41.88 0.01 36.43
N TYR B 563 -41.26 0.36 35.30
CA TYR B 563 -40.26 1.43 35.25
C TYR B 563 -40.45 2.25 33.97
N PRO B 564 -39.94 3.50 33.95
CA PRO B 564 -40.08 4.32 32.75
C PRO B 564 -39.28 3.78 31.56
N GLN B 565 -39.84 3.93 30.36
CA GLN B 565 -39.17 3.45 29.16
C GLN B 565 -38.96 4.59 28.17
N PHE B 566 -37.97 4.42 27.29
CA PHE B 566 -37.66 5.44 26.32
C PHE B 566 -38.76 5.61 25.27
N GLY B 567 -39.09 6.87 24.98
CA GLY B 567 -40.11 7.16 23.97
C GLY B 567 -41.43 7.69 24.52
N ASN B 568 -41.48 7.98 25.81
CA ASN B 568 -42.71 8.48 26.41
C ASN B 568 -42.46 9.84 27.03
N ASN B 569 -41.41 10.50 26.55
CA ASN B 569 -41.01 11.81 27.01
C ASN B 569 -40.87 11.91 28.54
N ASP B 570 -40.39 10.83 29.15
CA ASP B 570 -40.19 10.80 30.60
C ASP B 570 -38.71 10.98 30.90
N PRO B 571 -38.30 12.18 31.33
CA PRO B 571 -36.90 12.48 31.66
C PRO B 571 -36.15 11.42 32.48
N ARG B 572 -36.88 10.60 33.24
CA ARG B 572 -36.21 9.59 34.05
C ARG B 572 -35.45 8.55 33.22
N VAL B 573 -36.01 8.16 32.07
CA VAL B 573 -35.34 7.22 31.17
C VAL B 573 -34.57 8.05 30.14
N ASP B 574 -35.30 8.94 29.49
CA ASP B 574 -34.75 9.82 28.47
C ASP B 574 -33.40 10.42 28.87
N ASP B 575 -33.25 10.84 30.12
CA ASP B 575 -31.99 11.42 30.58
C ASP B 575 -30.87 10.37 30.51
N LEU B 576 -31.19 9.12 30.81
CA LEU B 576 -30.21 8.05 30.78
C LEU B 576 -29.67 7.83 29.36
N ALA B 577 -30.58 7.75 28.40
CA ALA B 577 -30.21 7.56 27.00
C ALA B 577 -29.27 8.69 26.58
N VAL B 578 -29.67 9.92 26.87
CA VAL B 578 -28.87 11.09 26.56
C VAL B 578 -27.51 11.00 27.23
N ASP B 579 -27.48 10.43 28.44
CA ASP B 579 -26.23 10.29 29.17
C ASP B 579 -25.31 9.30 28.45
N LEU B 580 -25.84 8.12 28.10
CA LEU B 580 -25.07 7.10 27.39
C LEU B 580 -24.44 7.71 26.15
N VAL B 581 -25.27 8.33 25.32
CA VAL B 581 -24.80 8.96 24.09
C VAL B 581 -23.60 9.83 24.41
N GLU B 582 -23.74 10.66 25.44
CA GLU B 582 -22.65 11.53 25.84
C GLU B 582 -21.42 10.76 26.28
N ARG B 583 -21.61 9.81 27.18
CA ARG B 583 -20.48 9.02 27.68
C ARG B 583 -19.61 8.43 26.60
N PHE B 584 -20.21 7.61 25.75
CA PHE B 584 -19.46 6.95 24.69
C PHE B 584 -18.73 7.94 23.80
N MET B 585 -19.43 8.99 23.38
CA MET B 585 -18.81 10.00 22.53
C MET B 585 -17.55 10.58 23.19
N LYS B 586 -17.66 10.90 24.48
CA LYS B 586 -16.53 11.45 25.23
C LYS B 586 -15.37 10.47 25.32
N LYS B 587 -15.68 9.18 25.31
CA LYS B 587 -14.64 8.16 25.40
C LYS B 587 -13.84 7.99 24.11
N ILE B 588 -14.53 7.70 23.00
CA ILE B 588 -13.83 7.51 21.74
C ILE B 588 -13.10 8.80 21.35
N GLN B 589 -13.54 9.91 21.92
CA GLN B 589 -12.96 11.21 21.61
C GLN B 589 -11.51 11.37 22.04
N LYS B 590 -11.08 10.59 23.03
CA LYS B 590 -9.71 10.68 23.53
C LYS B 590 -8.71 9.88 22.71
N LEU B 591 -9.20 8.81 22.07
CA LEU B 591 -8.38 7.89 21.28
C LEU B 591 -7.80 8.40 19.96
N HIS B 592 -6.59 7.97 19.65
CA HIS B 592 -5.92 8.37 18.41
C HIS B 592 -6.53 7.59 17.25
N THR B 593 -6.66 8.25 16.10
CA THR B 593 -7.24 7.61 14.94
C THR B 593 -6.37 7.72 13.69
N TYR B 594 -6.59 6.82 12.75
CA TYR B 594 -5.85 6.80 11.48
C TYR B 594 -6.14 8.08 10.71
N ARG B 595 -5.11 8.66 10.09
CA ARG B 595 -5.26 9.91 9.34
C ARG B 595 -5.93 10.99 10.18
N ASP B 596 -5.89 10.81 11.49
CA ASP B 596 -6.50 11.77 12.41
C ASP B 596 -7.94 12.07 12.03
N ALA B 597 -8.69 11.04 11.68
CA ALA B 597 -10.08 11.21 11.35
C ALA B 597 -10.74 11.60 12.67
N ILE B 598 -11.52 12.67 12.67
CA ILE B 598 -12.17 13.13 13.90
C ILE B 598 -13.29 12.18 14.31
N PRO B 599 -13.13 11.50 15.44
CA PRO B 599 -14.16 10.57 15.88
C PRO B 599 -15.51 11.24 16.07
N THR B 600 -16.55 10.62 15.54
CA THR B 600 -17.90 11.14 15.66
C THR B 600 -18.78 9.95 16.01
N GLN B 601 -20.02 10.22 16.39
CA GLN B 601 -20.91 9.13 16.75
C GLN B 601 -22.23 9.21 16.02
N SER B 602 -22.94 8.10 16.00
CA SER B 602 -24.24 8.04 15.37
C SER B 602 -25.04 6.92 16.02
N VAL B 603 -26.33 7.15 16.22
CA VAL B 603 -27.19 6.13 16.79
C VAL B 603 -27.90 5.59 15.55
N LEU B 604 -27.21 4.69 14.86
CA LEU B 604 -27.73 4.09 13.63
C LEU B 604 -27.45 2.59 13.71
N THR B 605 -28.33 1.77 13.14
CA THR B 605 -28.12 0.34 13.23
C THR B 605 -28.32 -0.42 11.93
N ILE B 606 -29.25 0.08 11.12
CA ILE B 606 -29.60 -0.60 9.90
C ILE B 606 -30.15 -1.93 10.42
N THR B 607 -29.92 -3.03 9.72
CA THR B 607 -30.45 -4.31 10.18
C THR B 607 -29.63 -4.90 11.32
N SER B 608 -28.66 -4.14 11.81
CA SER B 608 -27.84 -4.60 12.93
C SER B 608 -28.68 -4.75 14.19
N ASN B 609 -29.85 -4.12 14.21
CA ASN B 609 -30.71 -4.24 15.38
C ASN B 609 -31.18 -5.69 15.46
N VAL B 610 -31.41 -6.30 14.30
CA VAL B 610 -31.84 -7.69 14.27
C VAL B 610 -30.68 -8.65 14.55
N VAL B 611 -29.56 -8.43 13.88
CA VAL B 611 -28.40 -9.29 14.06
C VAL B 611 -27.86 -9.23 15.50
N TYR B 612 -27.56 -8.04 15.99
CA TYR B 612 -27.06 -7.91 17.35
C TYR B 612 -28.08 -8.47 18.36
N GLY B 613 -29.36 -8.19 18.13
CA GLY B 613 -30.39 -8.68 19.02
C GLY B 613 -30.42 -10.20 19.04
N LYS B 614 -30.21 -10.80 17.88
CA LYS B 614 -30.21 -12.24 17.74
C LYS B 614 -29.08 -12.86 18.58
N LYS B 615 -27.96 -12.13 18.67
CA LYS B 615 -26.78 -12.60 19.41
C LYS B 615 -26.68 -12.09 20.83
N THR B 616 -27.75 -11.49 21.33
CA THR B 616 -27.75 -10.98 22.70
C THR B 616 -28.81 -11.67 23.54
N GLY B 617 -28.41 -12.09 24.74
CA GLY B 617 -29.33 -12.78 25.63
C GLY B 617 -30.28 -11.87 26.39
N ASN B 618 -31.06 -12.45 27.28
CA ASN B 618 -32.02 -11.69 28.08
C ASN B 618 -31.34 -10.48 28.70
N THR B 619 -32.01 -9.34 28.62
CA THR B 619 -31.47 -8.12 29.20
C THR B 619 -32.37 -7.60 30.33
N PRO B 620 -31.80 -6.79 31.23
CA PRO B 620 -32.46 -6.18 32.39
C PRO B 620 -33.77 -5.46 32.10
N ASP B 621 -33.89 -4.89 30.91
CA ASP B 621 -35.09 -4.16 30.53
C ASP B 621 -36.26 -5.13 30.31
N GLY B 622 -35.95 -6.41 30.23
CA GLY B 622 -37.00 -7.38 30.01
C GLY B 622 -36.98 -8.02 28.63
N ARG B 623 -36.26 -7.41 27.68
CA ARG B 623 -36.16 -7.96 26.32
C ARG B 623 -35.65 -9.39 26.42
N ARG B 624 -36.34 -10.30 25.74
CA ARG B 624 -35.93 -11.69 25.77
C ARG B 624 -34.75 -11.93 24.83
N ALA B 625 -33.99 -12.99 25.08
CA ALA B 625 -32.84 -13.32 24.26
C ALA B 625 -33.20 -13.53 22.79
N GLY B 626 -32.35 -13.03 21.89
CA GLY B 626 -32.57 -13.18 20.45
C GLY B 626 -33.52 -12.17 19.84
N ALA B 627 -34.19 -11.38 20.68
CA ALA B 627 -35.13 -10.37 20.20
C ALA B 627 -34.36 -9.18 19.64
N PRO B 628 -34.81 -8.67 18.49
CA PRO B 628 -34.13 -7.54 17.88
C PRO B 628 -34.28 -6.23 18.67
N PHE B 629 -33.22 -5.41 18.64
CA PHE B 629 -33.25 -4.13 19.33
C PHE B 629 -34.09 -3.24 18.44
N GLY B 630 -34.29 -2.00 18.88
CA GLY B 630 -35.07 -1.09 18.07
C GLY B 630 -34.16 -0.53 16.99
N PRO B 631 -34.71 -0.19 15.83
CA PRO B 631 -33.88 0.36 14.76
C PRO B 631 -33.30 1.69 15.20
N GLY B 632 -32.07 1.97 14.79
CA GLY B 632 -31.43 3.21 15.15
C GLY B 632 -31.61 3.64 16.60
N ALA B 633 -32.23 4.81 16.78
CA ALA B 633 -32.44 5.36 18.11
C ALA B 633 -33.89 5.20 18.57
N ASN B 634 -34.63 4.32 17.90
CA ASN B 634 -36.02 4.09 18.24
C ASN B 634 -36.22 3.44 19.60
N PRO B 635 -37.40 3.66 20.19
CA PRO B 635 -37.66 3.05 21.50
C PRO B 635 -37.86 1.58 21.17
N MET B 636 -37.77 0.71 22.16
CA MET B 636 -37.95 -0.70 21.89
C MET B 636 -39.38 -0.97 21.40
N HIS B 637 -39.53 -1.96 20.52
CA HIS B 637 -40.83 -2.31 19.94
C HIS B 637 -42.04 -2.18 20.88
N GLY B 638 -42.91 -1.23 20.55
CA GLY B 638 -44.12 -0.98 21.32
C GLY B 638 -44.03 -0.27 22.67
N ARG B 639 -42.83 0.08 23.12
CA ARG B 639 -42.71 0.73 24.42
C ARG B 639 -43.09 2.21 24.42
N ASP B 640 -43.15 2.81 23.23
CA ASP B 640 -43.53 4.23 23.13
C ASP B 640 -45.04 4.26 22.87
N GLN B 641 -45.81 4.26 23.95
CA GLN B 641 -47.26 4.25 23.80
C GLN B 641 -47.99 5.49 24.30
N LYS B 642 -47.35 6.63 24.20
CA LYS B 642 -47.99 7.86 24.62
C LYS B 642 -48.17 8.81 23.44
N GLY B 643 -48.34 8.22 22.26
CA GLY B 643 -48.54 9.00 21.05
C GLY B 643 -47.28 9.54 20.38
N ALA B 644 -47.46 9.94 19.12
CA ALA B 644 -46.38 10.50 18.30
C ALA B 644 -45.57 11.59 19.00
N VAL B 645 -46.23 12.68 19.37
CA VAL B 645 -45.54 13.79 20.02
C VAL B 645 -44.67 13.35 21.20
N ALA B 646 -45.13 12.37 21.95
CA ALA B 646 -44.40 11.88 23.10
C ALA B 646 -43.08 11.25 22.66
N SER B 647 -43.16 10.29 21.74
CA SER B 647 -41.96 9.63 21.24
C SER B 647 -41.06 10.56 20.44
N LEU B 648 -41.65 11.44 19.63
CA LEU B 648 -40.85 12.39 18.85
C LEU B 648 -40.04 13.25 19.80
N THR B 649 -40.68 13.69 20.88
CA THR B 649 -40.03 14.54 21.87
C THR B 649 -38.86 13.82 22.56
N SER B 650 -39.03 12.53 22.83
CA SER B 650 -37.98 11.74 23.47
C SER B 650 -36.73 11.64 22.59
N VAL B 651 -36.92 11.18 21.35
CA VAL B 651 -35.84 11.02 20.37
C VAL B 651 -35.13 12.34 20.06
N ALA B 652 -35.89 13.42 19.98
CA ALA B 652 -35.30 14.73 19.71
C ALA B 652 -34.44 15.20 20.88
N LYS B 653 -34.64 14.60 22.05
CA LYS B 653 -33.85 14.97 23.24
C LYS B 653 -32.42 14.51 23.06
N LEU B 654 -32.23 13.46 22.25
CA LEU B 654 -30.89 12.93 21.98
C LEU B 654 -30.02 14.02 21.36
N PRO B 655 -28.85 14.28 21.96
CA PRO B 655 -27.90 15.30 21.51
C PRO B 655 -27.11 15.07 20.21
N PHE B 656 -27.44 15.83 19.17
CA PHE B 656 -26.73 15.73 17.89
C PHE B 656 -25.32 16.28 18.11
N ALA B 657 -25.11 16.90 19.27
CA ALA B 657 -23.82 17.47 19.62
C ALA B 657 -22.81 16.39 19.99
N TYR B 658 -23.32 15.18 20.21
CA TYR B 658 -22.46 14.04 20.56
C TYR B 658 -22.68 12.89 19.60
N ALA B 659 -23.53 13.13 18.60
CA ALA B 659 -23.84 12.15 17.58
C ALA B 659 -23.86 12.87 16.24
N LYS B 660 -22.74 13.49 15.91
CA LYS B 660 -22.64 14.24 14.67
C LYS B 660 -22.78 13.36 13.42
N ASP B 661 -22.66 12.05 13.59
CA ASP B 661 -22.79 11.16 12.44
C ASP B 661 -24.24 10.82 12.19
N GLY B 662 -25.12 11.37 13.02
CA GLY B 662 -26.55 11.16 12.86
C GLY B 662 -27.29 10.39 13.93
N ILE B 663 -28.60 10.64 14.02
CA ILE B 663 -29.49 9.97 14.97
C ILE B 663 -30.72 9.57 14.17
N SER B 664 -30.82 8.28 13.87
CA SER B 664 -31.91 7.76 13.07
C SER B 664 -33.17 7.41 13.84
N TYR B 665 -34.30 7.93 13.40
CA TYR B 665 -35.58 7.63 14.03
C TYR B 665 -36.62 7.23 12.99
N THR B 666 -37.08 5.99 13.07
CA THR B 666 -38.09 5.50 12.14
C THR B 666 -39.46 5.71 12.78
N PHE B 667 -40.24 6.60 12.18
CA PHE B 667 -41.57 6.96 12.68
C PHE B 667 -42.68 6.41 11.78
N SER B 668 -43.44 5.45 12.30
CA SER B 668 -44.54 4.86 11.56
C SER B 668 -45.85 5.30 12.20
N ILE B 669 -46.76 5.84 11.38
CA ILE B 669 -48.05 6.31 11.88
C ILE B 669 -49.20 5.87 10.98
N VAL B 670 -50.31 5.52 11.61
CA VAL B 670 -51.50 5.08 10.90
C VAL B 670 -52.16 6.33 10.28
N PRO B 671 -52.65 6.21 9.02
CA PRO B 671 -53.30 7.31 8.31
C PRO B 671 -54.22 8.19 9.14
N ASN B 672 -55.24 7.56 9.73
CA ASN B 672 -56.20 8.30 10.54
C ASN B 672 -55.60 9.14 11.65
N ALA B 673 -54.49 8.71 12.23
CA ALA B 673 -53.88 9.48 13.30
C ALA B 673 -53.50 10.87 12.80
N LEU B 674 -53.42 11.03 11.48
CA LEU B 674 -53.06 12.31 10.87
C LEU B 674 -54.24 13.17 10.42
N GLY B 675 -55.44 12.59 10.42
CA GLY B 675 -56.62 13.34 10.01
C GLY B 675 -57.61 12.51 9.25
N LYS B 676 -58.79 13.08 9.00
CA LYS B 676 -59.85 12.39 8.27
C LYS B 676 -59.53 12.31 6.77
N ASP B 677 -59.03 13.42 6.23
CA ASP B 677 -58.69 13.52 4.80
C ASP B 677 -57.21 13.87 4.63
N ASP B 678 -56.75 13.79 3.39
CA ASP B 678 -55.35 14.09 3.09
C ASP B 678 -54.95 15.53 3.31
N GLU B 679 -55.90 16.46 3.19
CA GLU B 679 -55.57 17.86 3.41
C GLU B 679 -55.21 18.11 4.86
N VAL B 680 -55.95 17.46 5.76
CA VAL B 680 -55.70 17.61 7.18
C VAL B 680 -54.43 16.83 7.47
N ARG B 681 -54.27 15.69 6.80
CA ARG B 681 -53.09 14.84 7.01
C ARG B 681 -51.81 15.57 6.61
N LYS B 682 -51.80 16.19 5.44
CA LYS B 682 -50.63 16.93 4.97
C LYS B 682 -50.24 17.94 6.05
N THR B 683 -51.14 18.88 6.28
CA THR B 683 -50.93 19.93 7.25
C THR B 683 -50.46 19.42 8.61
N ASN B 684 -51.06 18.33 9.10
CA ASN B 684 -50.68 17.78 10.39
C ASN B 684 -49.28 17.19 10.39
N LEU B 685 -49.01 16.37 9.38
CA LEU B 685 -47.70 15.74 9.22
C LEU B 685 -46.62 16.81 9.19
N ALA B 686 -46.82 17.80 8.32
CA ALA B 686 -45.87 18.89 8.19
C ALA B 686 -45.74 19.65 9.51
N GLY B 687 -46.86 19.85 10.20
CA GLY B 687 -46.83 20.54 11.47
C GLY B 687 -46.08 19.74 12.50
N LEU B 688 -46.26 18.43 12.46
CA LEU B 688 -45.59 17.52 13.39
C LEU B 688 -44.08 17.67 13.24
N MET B 689 -43.63 17.60 11.99
CA MET B 689 -42.22 17.72 11.67
C MET B 689 -41.69 19.08 12.08
N ASP B 690 -42.45 20.13 11.81
CA ASP B 690 -42.02 21.48 12.18
C ASP B 690 -41.74 21.51 13.68
N GLY B 691 -42.56 20.78 14.44
CA GLY B 691 -42.39 20.72 15.88
C GLY B 691 -41.19 19.90 16.29
N TYR B 692 -41.05 18.73 15.65
CA TYR B 692 -39.93 17.82 15.91
C TYR B 692 -38.60 18.45 15.53
N PHE B 693 -38.55 19.03 14.34
CA PHE B 693 -37.34 19.67 13.85
C PHE B 693 -37.14 21.07 14.41
N HIS B 694 -38.10 21.55 15.20
CA HIS B 694 -37.98 22.89 15.76
C HIS B 694 -36.61 23.12 16.38
N HIS B 695 -35.90 24.14 15.89
CA HIS B 695 -34.57 24.46 16.37
C HIS B 695 -34.41 25.86 16.98
N GLU B 696 -33.70 25.91 18.10
CA GLU B 696 -33.41 27.14 18.84
C GLU B 696 -32.05 27.00 19.50
N ALA B 697 -31.55 28.09 20.09
CA ALA B 697 -30.27 28.05 20.77
C ALA B 697 -30.42 27.22 22.04
N SER B 698 -31.66 27.07 22.48
CA SER B 698 -31.96 26.32 23.69
C SER B 698 -32.41 24.89 23.38
N ILE B 699 -33.19 24.74 22.31
CA ILE B 699 -33.68 23.43 21.91
C ILE B 699 -33.05 23.02 20.58
N GLU B 700 -32.20 22.00 20.65
CA GLU B 700 -31.50 21.49 19.48
C GLU B 700 -32.47 20.97 18.42
N GLY B 701 -33.40 20.10 18.83
CA GLY B 701 -34.37 19.56 17.90
C GLY B 701 -33.96 18.22 17.32
N GLY B 702 -34.90 17.58 16.63
CA GLY B 702 -34.62 16.28 16.02
C GLY B 702 -33.68 16.40 14.84
N GLN B 703 -32.90 15.36 14.57
CA GLN B 703 -31.96 15.39 13.47
C GLN B 703 -32.51 14.71 12.22
N HIS B 704 -33.17 13.56 12.40
CA HIS B 704 -33.71 12.81 11.27
C HIS B 704 -35.08 12.22 11.56
N LEU B 705 -35.78 11.83 10.50
CA LEU B 705 -37.08 11.24 10.65
C LEU B 705 -37.55 10.47 9.43
N ASN B 706 -37.72 9.15 9.61
CA ASN B 706 -38.26 8.30 8.54
C ASN B 706 -39.75 8.46 8.70
N VAL B 707 -40.50 8.44 7.61
CA VAL B 707 -41.94 8.58 7.77
C VAL B 707 -42.74 7.54 7.02
N ASN B 708 -43.33 6.63 7.78
CA ASN B 708 -44.16 5.58 7.24
C ASN B 708 -45.61 5.85 7.57
N VAL B 709 -46.42 5.95 6.53
CA VAL B 709 -47.83 6.21 6.71
C VAL B 709 -48.63 5.06 6.12
N MET B 710 -49.04 4.12 6.98
CA MET B 710 -49.83 2.98 6.54
C MET B 710 -50.38 2.15 7.71
N ASN B 711 -51.18 1.14 7.39
CA ASN B 711 -51.76 0.30 8.41
C ASN B 711 -51.11 -1.06 8.50
N ARG B 712 -50.71 -1.42 9.72
CA ARG B 712 -50.07 -2.70 10.01
C ARG B 712 -50.78 -3.84 9.26
N GLU B 713 -52.06 -3.64 8.97
CA GLU B 713 -52.85 -4.64 8.26
C GLU B 713 -52.36 -4.82 6.83
N MET B 714 -52.20 -3.69 6.14
CA MET B 714 -51.75 -3.72 4.75
C MET B 714 -50.50 -4.57 4.59
N LEU B 715 -49.59 -4.48 5.56
CA LEU B 715 -48.37 -5.26 5.52
C LEU B 715 -48.65 -6.74 5.68
N LEU B 716 -49.50 -7.08 6.65
CA LEU B 716 -49.86 -8.48 6.87
C LEU B 716 -50.41 -9.04 5.58
N ASP B 717 -51.22 -8.22 4.90
CA ASP B 717 -51.79 -8.63 3.62
C ASP B 717 -50.66 -8.84 2.63
N ALA B 718 -49.75 -7.87 2.59
CA ALA B 718 -48.61 -7.93 1.68
C ALA B 718 -47.77 -9.19 1.90
N MET B 719 -47.61 -9.58 3.16
CA MET B 719 -46.84 -10.78 3.51
C MET B 719 -47.43 -12.02 2.85
N GLU B 720 -48.75 -12.08 2.73
CA GLU B 720 -49.39 -13.22 2.12
C GLU B 720 -49.65 -13.02 0.63
N ASN B 721 -49.92 -11.79 0.25
CA ASN B 721 -50.19 -11.45 -1.15
C ASN B 721 -49.05 -10.60 -1.72
N PRO B 722 -47.84 -11.18 -1.80
CA PRO B 722 -46.67 -10.47 -2.32
C PRO B 722 -46.90 -9.88 -3.69
N GLU B 723 -47.26 -10.72 -4.65
CA GLU B 723 -47.47 -10.29 -6.02
C GLU B 723 -48.47 -9.13 -6.16
N LYS B 724 -49.12 -8.75 -5.06
CA LYS B 724 -50.10 -7.67 -5.08
C LYS B 724 -49.48 -6.28 -4.90
N TYR B 725 -48.40 -6.20 -4.14
CA TYR B 725 -47.70 -4.92 -3.89
C TYR B 725 -46.24 -5.00 -4.37
N PRO B 726 -46.01 -5.22 -5.66
CA PRO B 726 -44.63 -5.30 -6.16
C PRO B 726 -43.72 -4.13 -5.84
N GLN B 727 -44.27 -2.91 -5.78
CA GLN B 727 -43.45 -1.75 -5.47
C GLN B 727 -43.67 -1.16 -4.09
N LEU B 728 -44.34 -1.89 -3.21
CA LEU B 728 -44.59 -1.40 -1.86
C LEU B 728 -43.27 -1.04 -1.19
N THR B 729 -43.12 0.23 -0.82
CA THR B 729 -41.89 0.69 -0.18
C THR B 729 -42.14 1.14 1.26
N ILE B 730 -41.18 0.85 2.14
CA ILE B 730 -41.28 1.22 3.56
C ILE B 730 -39.94 1.70 4.09
N ARG B 731 -39.99 2.63 5.05
CA ARG B 731 -38.78 3.13 5.70
C ARG B 731 -38.52 2.13 6.82
N VAL B 732 -37.28 1.69 6.98
CA VAL B 732 -36.98 0.69 8.00
C VAL B 732 -35.88 0.99 9.00
N SER B 733 -35.03 1.98 8.74
CA SER B 733 -33.95 2.29 9.68
C SER B 733 -33.11 3.52 9.31
N GLY B 734 -33.50 4.21 8.26
CA GLY B 734 -32.78 5.39 7.80
C GLY B 734 -32.67 5.30 6.30
N TYR B 735 -33.34 4.30 5.75
CA TYR B 735 -33.39 3.99 4.32
C TYR B 735 -34.72 3.27 4.05
N ALA B 736 -35.06 3.14 2.78
CA ALA B 736 -36.29 2.46 2.42
C ALA B 736 -35.98 1.15 1.73
N VAL B 737 -36.96 0.26 1.68
CA VAL B 737 -36.78 -1.04 1.01
C VAL B 737 -38.14 -1.47 0.47
N ARG B 738 -38.14 -2.31 -0.55
CA ARG B 738 -39.38 -2.83 -1.06
C ARG B 738 -39.71 -3.90 -0.02
N PHE B 739 -40.95 -3.93 0.45
CA PHE B 739 -41.33 -4.91 1.46
C PHE B 739 -41.01 -6.33 1.00
N ASN B 740 -41.19 -6.60 -0.29
CA ASN B 740 -40.93 -7.93 -0.82
C ASN B 740 -39.46 -8.31 -0.94
N SER B 741 -38.56 -7.36 -0.71
CA SER B 741 -37.14 -7.64 -0.81
C SER B 741 -36.60 -8.17 0.50
N LEU B 742 -37.41 -8.05 1.57
CA LEU B 742 -37.02 -8.52 2.89
C LEU B 742 -37.30 -10.00 3.07
N THR B 743 -36.65 -10.60 4.08
CA THR B 743 -36.83 -12.00 4.39
C THR B 743 -38.01 -12.10 5.35
N LYS B 744 -38.52 -13.31 5.56
CA LYS B 744 -39.64 -13.47 6.46
C LYS B 744 -39.31 -13.01 7.88
N GLU B 745 -38.08 -13.27 8.32
CA GLU B 745 -37.65 -12.87 9.66
C GLU B 745 -37.47 -11.34 9.76
N GLN B 746 -37.08 -10.72 8.65
CA GLN B 746 -36.88 -9.27 8.62
C GLN B 746 -38.23 -8.57 8.56
N GLN B 747 -39.20 -9.19 7.89
CA GLN B 747 -40.54 -8.62 7.80
C GLN B 747 -41.12 -8.70 9.20
N GLN B 748 -40.77 -9.79 9.88
CA GLN B 748 -41.22 -10.05 11.23
C GLN B 748 -40.87 -8.86 12.13
N ASP B 749 -39.66 -8.36 12.00
CA ASP B 749 -39.20 -7.23 12.79
C ASP B 749 -40.09 -6.01 12.50
N VAL B 750 -40.41 -5.83 11.22
CA VAL B 750 -41.24 -4.70 10.79
C VAL B 750 -42.64 -4.72 11.41
N ILE B 751 -43.43 -5.74 11.05
CA ILE B 751 -44.80 -5.86 11.55
C ILE B 751 -44.91 -5.81 13.07
N THR B 752 -43.86 -6.23 13.76
CA THR B 752 -43.88 -6.24 15.22
C THR B 752 -43.42 -4.91 15.82
N ARG B 753 -43.12 -3.95 14.97
CA ARG B 753 -42.67 -2.64 15.44
C ARG B 753 -43.82 -1.75 15.88
N THR B 754 -43.48 -0.56 16.37
CA THR B 754 -44.45 0.41 16.84
C THR B 754 -45.17 1.16 15.71
N PHE B 755 -46.49 1.11 15.74
CA PHE B 755 -47.31 1.81 14.77
C PHE B 755 -48.08 2.88 15.52
N THR B 756 -47.55 4.09 15.53
CA THR B 756 -48.19 5.20 16.23
C THR B 756 -49.65 5.35 15.81
N GLN B 757 -50.53 5.39 16.81
CA GLN B 757 -51.97 5.50 16.60
C GLN B 757 -52.53 6.91 16.85
N SER B 758 -51.88 7.69 17.70
CA SER B 758 -52.35 9.03 18.00
C SER B 758 -51.24 10.04 17.91
N MET B 759 -51.53 11.26 18.36
CA MET B 759 -50.55 12.35 18.35
C MET B 759 -50.05 12.57 19.77
C1 PGE C . 9.29 -36.96 -4.90
O1 PGE C . 8.73 -35.81 -4.21
C2 PGE C . 10.59 -37.45 -4.35
O2 PGE C . 11.52 -36.39 -3.97
C3 PGE C . 12.86 -36.88 -3.80
C4 PGE C . 13.54 -36.05 -2.69
O4 PGE C . 15.46 -37.16 1.69
C6 PGE C . 14.60 -37.61 0.61
C5 PGE C . 14.42 -36.45 -0.39
O3 PGE C . 13.76 -36.96 -1.59
C PYR D . 24.99 -1.89 -5.82
O PYR D . 25.39 -1.15 -6.76
OXT PYR D . 25.46 -1.75 -4.68
CA PYR D . 23.98 -2.90 -6.04
O3 PYR D . 23.27 -3.31 -5.09
CB PYR D . 23.83 -3.44 -7.38
C PYR E . -24.38 3.18 7.19
O PYR E . -25.13 2.41 7.83
OXT PYR E . -24.07 4.27 7.69
CA PYR E . -23.89 2.81 5.86
O3 PYR E . -22.92 3.40 5.33
CB PYR E . -24.55 1.71 5.16
#